data_7ANZ
#
_entry.id   7ANZ
#
_cell.length_a   1.00
_cell.length_b   1.00
_cell.length_c   1.00
_cell.angle_alpha   90.00
_cell.angle_beta   90.00
_cell.angle_gamma   90.00
#
_symmetry.space_group_name_H-M   'P 1'
#
loop_
_entity.id
_entity.type
_entity.pdbx_description
1 polymer 'Tubulin gamma chain'
2 polymer 'Spindle pole body component'
3 polymer 'Spindle pole body component'
#
loop_
_entity_poly.entity_id
_entity_poly.type
_entity_poly.pdbx_seq_one_letter_code
_entity_poly.pdbx_strand_id
1 'polypeptide(L)'
;MPGETITLQVGQCGNQVGLQYWQQLATEHGIQSDGSSTPYPKDINDLQLQELNNSGSSPQSYPQQTKPNGKYRNDHPELF
FTLSDSNTYTPRSILIDMEPSVIAKSTSALPMFNPRNVHLSNQGNGAANNWINGYKYGTEEEETLLNLIDREVDKCDNLS
NFQLFHSVAGGTGSGVGSKMLEVISDRYGHKKLLNTFSIFPSNEDTSDVVVQPYNTILTLKRLIDYSDATFVFHNDSLNR
IENILFNNNSNIQHDDNDLFLGANKLIALVSASVSNPLRFPGYMYSSMESIVSNLIPTPDLKFLTSSIAPFSTQKHNYLN
EYDMLLELSNDRYKTNRVGGDTSYISMLNYLIGYNLDQREIRKGILKSQQRISFVPWVARSVLVVHGKKSPYLKNTNLEG
IQVTNNTSMIDVFTKILKQFDLLIKRKAYLNRYYSSVEEENEVMEMFNESRESVKSIIDEYKACKEITYLDDDDEDDLED
GDGGGGGNGNGYNNIDDADMGI
;
B,A
2 'polypeptide(L)'
;MNTFSSPPNVIREYNDSTYQSPLNSQFHQSPFLQTQSPDYVSLREEEDDNNDKNLDIMSSCIVDSVIYKSQKIAGPLLSQ
ISNLNIQQALIIRELLFTLLGHEGHYIQYSKRYDPTSQISRIEGPDYKIAKNLDISLKVITKKLVKFGKFYSGLKSFIQV
FDNNKFGKIVQKFCSEVRKFLSSYQQVLINVEHEFKFNKNFNLNMLDSLLHQEISNEMTHLYQIGIEISRITEERQKMSQ
AEIMGNFEPTTLANTSMNGINSEPNLYYGKFDCCKGGLLLQVIQERMVYYKGDPTSLDFLTQLFDIVSSDYIGMLNQWLL
EGVINDPFDEFMIREKRVPDSFMEIFQSKSEYYWNELFLIKIDGLLNQFQNSTIQSKILNTGKYLNIFKRCTGLHNFESL
KEKLTTITSLAAPDLELKIDEFYHRANKMLMKLLFDGYNFPSVVNIFQRLFLFADSFQIDNFIDSTFSELKRGKLKISVS
RLQKQYDDIFKEKIENKVGVRPSVYDVLKKNQKLSVTSESLYKVVEELMEKNSDYLISDNNLRGIFHRVASLRDDSRLTI
SSTADSATENVKDEPTITSVDLTIPLPFPLNLVLNQQLSYQYEIMFKLLINIKFISKYNSSNWQEMNYSKIWTNSHFNSS
VKKWILRCRVLHSRICSFIHELENYIVHDVIEHNFEEIKNLIHTTATNLATSELGSDINDEGDNIFNGSLIRGTFNNNSI
FDSKVHKHRTTTYVEGISTVEQLIQKFLDYSSTLLNDSLLTREESLRQLRKMLDFIFHFNNYIVQVKKVLVLLNHELFNE
YSKEFPTKFEKPMDQESIDKRFANLSDTFLMQYEKFGENLVTFLATIKQVGERENQGLLELSNRLELCFPE
;
C
3 'polypeptide(L)'
;MALNKVQLIKLYSNRLVKSLVPVEFGEAFIQSIINDLQTTLLNTSSEEQNLSIIINKLKMQFLSNNLKNEWVEFQNIVNS
LSKFKSLDQICNYLAFLDALRDEKPEDILSTSTASLSPGKQNLMINTVNTALTLSQLIEPYYDTLSEQTILTYLPYTMLG
SDSKIFTFSNNYTRLEIPKDINNSFSSLLREVFEFAILYKQLAIVVDRYKGTLVSAIKTAYIAILEAQLNKYVNDINNIF
NNKPNSILVVYNSIFPWISILRFLYRVSNRLNRLDGYEFLTFIYSFTNHGDPKIRGIAVTAFTEVVKPYYNIVEHWIVKG
ELIDNNNEFFIIFDQEQNEFNSIIKLLPKKIPAFIKSSDKIFQIGKTLIFLNKYCRELKWVNQYNVKYSAILFNNHQGLA
SMTTNEMIKLIDSQYNEILTFLTQIIQGNNKLFTHVYNFKRFYFMETNDFIDAIMVKGKDVFNESSVNISSTYLRKVLQD
AIQISSVKNFEYVDRLDSRVLNPQHGNLGWESFTIEYKIDDLPMSYLFEGHQHLQYLKMFHFLWKLRQLNNLLNWHFEMF
NELNHNVVTKLSSRNRRPLAKSLSIITSIRFHFTQFLNELIAYLSYDVIEENFQQHIVRKLFYNKNDQDLLLNKSFMNLS
EIDPNNDLPKFNVNLLTIDELVELHGTYIDSIINSSLLNEKLKGNETNISYIDQIFNILQTIFNFINTSQEFYSLVVTFG
LLVRSDSNANKIELEQDQEDLEFQLHKIKRKIYKDIYQHDYKRQLNDLKNDLNRDYNLKDLSKLL
;
D
#
# COMPACT_ATOMS: atom_id res chain seq x y z
N PRO A 2 -2.43 -10.92 -40.30
CA PRO A 2 -2.45 -12.06 -39.38
C PRO A 2 -2.31 -13.40 -40.09
N GLY A 3 -1.36 -13.47 -41.03
CA GLY A 3 -1.10 -14.71 -41.72
C GLY A 3 -0.26 -15.66 -40.90
N GLU A 4 -0.41 -16.95 -41.19
CA GLU A 4 0.20 -17.99 -40.39
C GLU A 4 1.69 -18.14 -40.76
N THR A 5 2.39 -18.96 -39.97
CA THR A 5 3.84 -19.07 -40.07
C THR A 5 4.23 -20.52 -40.28
N ILE A 6 5.00 -20.77 -41.34
CA ILE A 6 5.50 -22.11 -41.66
C ILE A 6 6.94 -22.23 -41.14
N THR A 7 7.20 -23.29 -40.38
CA THR A 7 8.52 -23.56 -39.83
C THR A 7 9.19 -24.67 -40.61
N LEU A 8 10.48 -24.49 -40.89
CA LEU A 8 11.28 -25.48 -41.61
C LEU A 8 12.43 -25.93 -40.73
N GLN A 9 12.40 -27.18 -40.31
CA GLN A 9 13.47 -27.77 -39.51
C GLN A 9 14.33 -28.63 -40.42
N VAL A 10 15.58 -28.19 -40.63
CA VAL A 10 16.52 -28.89 -41.49
C VAL A 10 17.85 -29.02 -40.75
N GLY A 11 18.45 -30.21 -40.83
CA GLY A 11 19.70 -30.49 -40.17
C GLY A 11 19.53 -31.24 -38.86
N GLN A 12 20.66 -31.72 -38.34
CA GLN A 12 20.64 -32.47 -37.09
C GLN A 12 20.33 -31.58 -35.90
N CYS A 13 20.70 -30.29 -35.97
CA CYS A 13 20.40 -29.38 -34.88
C CYS A 13 18.92 -29.02 -34.85
N GLY A 14 18.36 -28.65 -36.00
CA GLY A 14 16.99 -28.17 -36.07
C GLY A 14 15.94 -29.23 -35.76
N ASN A 15 16.31 -30.51 -35.80
CA ASN A 15 15.36 -31.55 -35.45
C ASN A 15 15.18 -31.65 -33.94
N GLN A 16 16.28 -31.64 -33.20
CA GLN A 16 16.20 -31.69 -31.74
C GLN A 16 15.90 -30.34 -31.12
N VAL A 17 16.31 -29.24 -31.78
CA VAL A 17 15.88 -27.92 -31.34
C VAL A 17 14.40 -27.72 -31.66
N GLY A 18 13.98 -28.12 -32.86
CA GLY A 18 12.58 -28.02 -33.24
C GLY A 18 11.65 -28.91 -32.44
N LEU A 19 12.18 -30.00 -31.86
CA LEU A 19 11.38 -30.79 -30.93
C LEU A 19 11.11 -30.01 -29.65
N GLN A 20 12.12 -29.28 -29.16
CA GLN A 20 11.90 -28.43 -28.00
C GLN A 20 11.07 -27.20 -28.32
N TYR A 21 11.05 -26.78 -29.59
CA TYR A 21 10.24 -25.63 -29.98
C TYR A 21 8.76 -25.99 -30.00
N TRP A 22 8.43 -27.22 -30.42
CA TRP A 22 7.04 -27.64 -30.50
C TRP A 22 6.53 -28.23 -29.19
N GLN A 23 7.42 -28.72 -28.32
CA GLN A 23 6.97 -29.11 -26.99
C GLN A 23 6.72 -27.90 -26.11
N GLN A 24 7.38 -26.77 -26.41
CA GLN A 24 7.13 -25.55 -25.66
C GLN A 24 5.78 -24.93 -26.05
N LEU A 25 5.44 -25.00 -27.34
CA LEU A 25 4.16 -24.46 -27.80
C LEU A 25 2.98 -25.34 -27.42
N ALA A 26 3.22 -26.59 -27.04
CA ALA A 26 2.13 -27.48 -26.67
C ALA A 26 1.62 -27.17 -25.25
N THR A 27 2.52 -27.11 -24.28
CA THR A 27 2.12 -26.83 -22.91
C THR A 27 1.70 -25.38 -22.73
N GLU A 28 2.17 -24.48 -23.61
CA GLU A 28 1.78 -23.08 -23.53
C GLU A 28 0.35 -22.87 -24.02
N HIS A 29 -0.14 -23.74 -24.90
CA HIS A 29 -1.46 -23.58 -25.49
C HIS A 29 -2.46 -24.65 -25.06
N GLY A 30 -2.08 -25.53 -24.13
CA GLY A 30 -2.98 -26.50 -23.57
C GLY A 30 -3.04 -27.82 -24.32
N ILE A 31 -2.57 -27.88 -25.56
CA ILE A 31 -2.65 -29.12 -26.32
C ILE A 31 -1.57 -30.09 -25.83
N GLN A 32 -1.89 -31.38 -25.91
CA GLN A 32 -1.01 -32.42 -25.42
C GLN A 32 -0.30 -33.09 -26.60
N SER A 33 0.41 -34.18 -26.32
CA SER A 33 1.11 -34.92 -27.37
C SER A 33 0.14 -35.65 -28.29
N ASP A 34 -1.07 -35.94 -27.80
CA ASP A 34 -2.07 -36.58 -28.65
C ASP A 34 -2.59 -35.61 -29.70
N GLY A 35 -2.78 -34.35 -29.34
CA GLY A 35 -3.31 -33.35 -30.24
C GLY A 35 -4.67 -32.82 -29.86
N SER A 36 -5.33 -33.44 -28.89
CA SER A 36 -6.64 -32.98 -28.46
C SER A 36 -6.51 -31.69 -27.65
N SER A 37 -7.56 -30.87 -27.71
CA SER A 37 -7.56 -29.59 -27.01
C SER A 37 -8.14 -29.75 -25.62
N THR A 38 -7.59 -28.98 -24.68
CA THR A 38 -7.91 -28.82 -23.27
C THR A 38 -8.83 -27.62 -23.08
N PRO A 39 -9.87 -27.75 -22.26
CA PRO A 39 -10.76 -26.61 -22.00
C PRO A 39 -10.02 -25.40 -21.44
N TYR A 40 -10.31 -24.24 -21.99
CA TYR A 40 -9.56 -23.02 -21.68
C TYR A 40 -9.96 -22.50 -20.30
N PRO A 41 -9.00 -22.25 -19.41
CA PRO A 41 -9.35 -21.69 -18.11
C PRO A 41 -9.72 -20.23 -18.21
N LYS A 42 -10.59 -19.80 -17.29
CA LYS A 42 -11.04 -18.42 -17.28
C LYS A 42 -9.93 -17.49 -16.79
N ASP A 43 -9.65 -16.45 -17.56
CA ASP A 43 -8.68 -15.45 -17.14
C ASP A 43 -9.22 -14.66 -15.95
N ILE A 44 -8.31 -14.05 -15.19
CA ILE A 44 -8.66 -13.42 -13.92
C ILE A 44 -8.74 -11.91 -14.20
N ASN A 45 -8.96 -11.54 -15.45
CA ASN A 45 -9.24 -10.17 -15.82
C ASN A 45 -10.73 -9.86 -15.77
N ASP A 46 -11.56 -10.83 -15.38
CA ASP A 46 -13.01 -10.62 -15.28
C ASP A 46 -13.55 -11.64 -14.27
N LEU A 47 -13.99 -11.15 -13.11
CA LEU A 47 -14.55 -12.00 -12.08
C LEU A 47 -16.08 -11.95 -12.14
N GLN A 48 -16.69 -12.95 -11.51
CA GLN A 48 -18.14 -13.14 -11.57
C GLN A 48 -18.77 -12.79 -10.23
N LEU A 49 -20.07 -13.05 -10.11
CA LEU A 49 -20.83 -12.82 -8.89
C LEU A 49 -20.50 -13.92 -7.87
N GLN A 50 -19.35 -13.76 -7.22
CA GLN A 50 -18.96 -14.70 -6.19
C GLN A 50 -19.76 -14.45 -4.91
N GLU A 51 -20.40 -15.50 -4.41
CA GLU A 51 -21.36 -15.37 -3.32
C GLU A 51 -20.71 -15.06 -1.98
N LEU A 52 -19.55 -15.67 -1.69
CA LEU A 52 -18.81 -15.52 -0.43
C LEU A 52 -19.65 -15.88 0.80
N LYS A 71 -12.79 -24.28 -26.62
CA LYS A 71 -13.86 -23.31 -26.85
C LYS A 71 -13.64 -22.06 -25.99
N TYR A 72 -14.05 -20.91 -26.54
CA TYR A 72 -13.97 -19.60 -25.88
C TYR A 72 -12.54 -19.28 -25.45
N ARG A 73 -11.66 -19.20 -26.45
CA ARG A 73 -10.24 -19.04 -26.25
C ARG A 73 -9.81 -17.62 -26.52
N ASN A 74 -8.91 -17.09 -25.69
CA ASN A 74 -8.36 -15.77 -25.90
C ASN A 74 -7.05 -15.80 -26.67
N ASP A 75 -6.35 -16.92 -26.67
CA ASP A 75 -5.12 -17.05 -27.44
C ASP A 75 -5.45 -17.38 -28.90
N HIS A 76 -4.40 -17.40 -29.72
CA HIS A 76 -4.55 -17.53 -31.17
C HIS A 76 -3.54 -18.55 -31.70
N PRO A 77 -3.80 -19.85 -31.50
CA PRO A 77 -2.84 -20.89 -31.90
C PRO A 77 -2.92 -21.31 -33.36
N GLU A 78 -3.82 -20.73 -34.16
CA GLU A 78 -3.99 -21.14 -35.55
C GLU A 78 -2.84 -20.71 -36.44
N LEU A 79 -1.99 -19.77 -35.98
CA LEU A 79 -0.86 -19.33 -36.79
C LEU A 79 0.24 -20.38 -36.85
N PHE A 80 0.26 -21.34 -35.93
CA PHE A 80 1.27 -22.37 -35.90
C PHE A 80 0.70 -23.77 -35.89
N PHE A 81 -0.62 -23.92 -35.82
CA PHE A 81 -1.27 -25.22 -35.86
C PHE A 81 -2.47 -25.16 -36.79
N THR A 82 -2.79 -26.30 -37.40
CA THR A 82 -3.95 -26.41 -38.27
C THR A 82 -5.10 -27.07 -37.52
N LEU A 83 -6.31 -26.87 -38.03
CA LEU A 83 -7.52 -27.35 -37.37
C LEU A 83 -8.22 -28.39 -38.24
N SER A 84 -8.86 -29.35 -37.57
CA SER A 84 -9.60 -30.43 -38.22
C SER A 84 -11.01 -30.48 -37.64
N ASP A 85 -11.78 -31.48 -38.08
CA ASP A 85 -13.15 -31.62 -37.61
C ASP A 85 -13.22 -32.19 -36.20
N SER A 86 -12.30 -33.08 -35.84
CA SER A 86 -12.27 -33.70 -34.52
C SER A 86 -11.43 -32.94 -33.52
N ASN A 87 -11.18 -31.65 -33.78
CA ASN A 87 -10.50 -30.73 -32.86
C ASN A 87 -9.09 -31.18 -32.48
N THR A 88 -8.35 -31.70 -33.45
CA THR A 88 -6.94 -32.01 -33.25
C THR A 88 -6.08 -30.88 -33.81
N TYR A 89 -4.95 -30.63 -33.14
CA TYR A 89 -4.02 -29.59 -33.54
C TYR A 89 -2.75 -30.25 -34.05
N THR A 90 -2.42 -30.00 -35.32
CA THR A 90 -1.23 -30.56 -35.95
C THR A 90 -0.29 -29.44 -36.35
N PRO A 91 0.97 -29.49 -35.93
CA PRO A 91 1.89 -28.39 -36.24
C PRO A 91 2.29 -28.38 -37.71
N ARG A 92 2.50 -27.17 -38.24
CA ARG A 92 2.83 -26.98 -39.65
C ARG A 92 4.35 -26.86 -39.82
N SER A 93 5.02 -27.97 -39.54
CA SER A 93 6.47 -28.05 -39.64
C SER A 93 6.86 -29.06 -40.71
N ILE A 94 7.98 -28.79 -41.39
CA ILE A 94 8.52 -29.67 -42.40
C ILE A 94 9.85 -30.20 -41.90
N LEU A 95 9.97 -31.52 -41.80
CA LEU A 95 11.17 -32.18 -41.30
C LEU A 95 11.94 -32.79 -42.47
N ILE A 96 13.24 -32.51 -42.53
CA ILE A 96 14.08 -32.99 -43.61
C ILE A 96 15.50 -33.22 -43.10
N ASP A 97 16.02 -34.41 -43.35
CA ASP A 97 17.36 -34.79 -42.92
C ASP A 97 17.90 -35.86 -43.88
N MET A 98 19.11 -36.33 -43.59
CA MET A 98 19.71 -37.44 -44.32
C MET A 98 19.43 -38.77 -43.63
N GLU A 99 19.78 -38.88 -42.36
CA GLU A 99 19.60 -40.12 -41.62
C GLU A 99 18.16 -40.24 -41.13
N PRO A 100 17.58 -41.45 -41.17
CA PRO A 100 16.22 -41.63 -40.64
C PRO A 100 16.17 -41.83 -39.14
N SER A 101 17.31 -41.90 -38.46
CA SER A 101 17.31 -42.12 -37.02
C SER A 101 16.93 -40.85 -36.25
N VAL A 102 17.33 -39.68 -36.77
CA VAL A 102 17.00 -38.43 -36.09
C VAL A 102 15.54 -38.06 -36.27
N ILE A 103 14.87 -38.58 -37.30
CA ILE A 103 13.46 -38.26 -37.50
C ILE A 103 12.59 -39.16 -36.62
N ALA A 104 13.02 -40.39 -36.37
CA ALA A 104 12.24 -41.32 -35.56
C ALA A 104 12.20 -40.89 -34.10
N LYS A 105 13.25 -40.24 -33.61
CA LYS A 105 13.26 -39.80 -32.23
C LYS A 105 12.41 -38.54 -32.04
N SER A 106 12.14 -37.82 -33.13
CA SER A 106 11.30 -36.63 -33.05
C SER A 106 9.83 -36.95 -33.29
N THR A 107 9.54 -37.91 -34.16
CA THR A 107 8.15 -38.27 -34.43
C THR A 107 7.54 -39.07 -33.29
N SER A 108 8.28 -40.04 -32.76
CA SER A 108 7.76 -40.88 -31.68
C SER A 108 7.61 -40.13 -30.37
N ALA A 109 8.41 -39.08 -30.16
CA ALA A 109 8.29 -38.30 -28.93
C ALA A 109 7.03 -37.45 -28.93
N LEU A 110 6.69 -36.85 -30.07
CA LEU A 110 5.48 -36.04 -30.22
C LEU A 110 4.64 -36.61 -31.34
N PRO A 111 3.61 -37.41 -31.05
CA PRO A 111 2.88 -38.12 -32.12
C PRO A 111 1.97 -37.23 -32.96
N MET A 112 1.82 -35.95 -32.63
CA MET A 112 0.91 -35.10 -33.39
C MET A 112 1.54 -34.52 -34.65
N PHE A 113 2.78 -34.87 -34.96
CA PHE A 113 3.39 -34.44 -36.21
C PHE A 113 2.71 -35.12 -37.39
N ASN A 114 2.54 -34.36 -38.47
CA ASN A 114 1.93 -34.88 -39.69
C ASN A 114 2.95 -35.79 -40.35
N PRO A 115 2.64 -37.07 -40.57
CA PRO A 115 3.63 -37.98 -41.19
C PRO A 115 3.88 -37.69 -42.66
N ARG A 116 2.97 -37.00 -43.35
CA ARG A 116 3.20 -36.64 -44.74
C ARG A 116 4.21 -35.51 -44.89
N ASN A 117 4.44 -34.73 -43.84
CA ASN A 117 5.49 -33.72 -43.86
C ASN A 117 6.87 -34.31 -43.62
N VAL A 118 6.94 -35.57 -43.19
CA VAL A 118 8.22 -36.22 -42.96
C VAL A 118 8.85 -36.61 -44.29
N HIS A 119 10.11 -36.22 -44.48
CA HIS A 119 10.87 -36.58 -45.67
C HIS A 119 12.16 -37.27 -45.24
N LEU A 120 12.47 -38.39 -45.88
CA LEU A 120 13.68 -39.16 -45.63
C LEU A 120 14.48 -39.25 -46.91
N SER A 121 15.81 -39.26 -46.79
CA SER A 121 16.69 -39.36 -47.94
C SER A 121 16.95 -40.82 -48.30
N ALA A 127 24.89 -39.97 -45.89
CA ALA A 127 24.70 -38.65 -45.30
C ALA A 127 25.60 -37.62 -45.98
N ALA A 128 25.31 -36.35 -45.73
CA ALA A 128 26.07 -35.24 -46.30
C ALA A 128 26.87 -34.57 -45.20
N ASN A 129 28.19 -34.52 -45.36
CA ASN A 129 29.09 -33.88 -44.41
C ASN A 129 29.74 -32.64 -44.96
N ASN A 130 29.27 -32.14 -46.11
CA ASN A 130 29.87 -30.97 -46.74
C ASN A 130 28.77 -30.13 -47.37
N TRP A 131 29.10 -28.87 -47.68
CA TRP A 131 28.13 -27.97 -48.30
C TRP A 131 27.91 -28.32 -49.77
N ILE A 132 28.94 -28.85 -50.44
CA ILE A 132 28.80 -29.22 -51.84
C ILE A 132 27.89 -30.41 -52.00
N ASN A 133 28.00 -31.40 -51.10
CA ASN A 133 27.10 -32.54 -51.14
C ASN A 133 25.68 -32.15 -50.74
N GLY A 134 25.53 -31.10 -49.94
CA GLY A 134 24.21 -30.65 -49.54
C GLY A 134 23.51 -29.82 -50.60
N TYR A 135 24.26 -28.97 -51.30
CA TYR A 135 23.66 -28.16 -52.34
C TYR A 135 23.42 -28.95 -53.61
N LYS A 136 24.22 -29.98 -53.86
CA LYS A 136 23.97 -30.86 -55.00
C LYS A 136 22.76 -31.73 -54.77
N TYR A 137 22.53 -32.18 -53.54
CA TYR A 137 21.33 -32.94 -53.22
C TYR A 137 20.09 -32.04 -53.29
N GLY A 138 20.26 -30.75 -53.03
CA GLY A 138 19.16 -29.82 -53.18
C GLY A 138 18.74 -29.58 -54.62
N THR A 139 19.64 -29.87 -55.57
CA THR A 139 19.32 -29.67 -56.98
C THR A 139 18.63 -30.88 -57.60
N GLU A 140 18.99 -32.09 -57.16
CA GLU A 140 18.54 -33.32 -57.80
C GLU A 140 17.08 -33.63 -57.55
N GLU A 141 16.55 -33.28 -56.38
CA GLU A 141 15.15 -33.52 -56.02
C GLU A 141 14.41 -32.22 -55.69
N GLU A 142 14.54 -31.22 -56.56
CA GLU A 142 13.81 -29.97 -56.42
C GLU A 142 12.31 -30.18 -56.43
N GLU A 143 11.82 -31.16 -57.20
CA GLU A 143 10.39 -31.32 -57.39
C GLU A 143 9.67 -31.88 -56.15
N THR A 144 10.34 -32.75 -55.39
CA THR A 144 9.69 -33.32 -54.21
C THR A 144 9.78 -32.42 -52.98
N LEU A 145 10.63 -31.39 -53.02
CA LEU A 145 10.70 -30.43 -51.93
C LEU A 145 9.80 -29.23 -52.16
N LEU A 146 9.72 -28.75 -53.41
CA LEU A 146 8.85 -27.62 -53.73
C LEU A 146 7.39 -28.00 -53.64
N ASN A 147 7.05 -29.26 -53.93
CA ASN A 147 5.68 -29.72 -53.79
C ASN A 147 5.30 -29.93 -52.33
N LEU A 148 6.28 -30.28 -51.48
CA LEU A 148 5.99 -30.49 -50.06
C LEU A 148 5.70 -29.17 -49.36
N ILE A 149 6.39 -28.10 -49.75
CA ILE A 149 6.13 -26.79 -49.17
C ILE A 149 4.78 -26.26 -49.63
N ASP A 150 4.42 -26.48 -50.89
CA ASP A 150 3.17 -25.96 -51.43
C ASP A 150 1.94 -26.66 -50.90
N ARG A 151 2.11 -27.86 -50.31
CA ARG A 151 0.96 -28.50 -49.66
C ARG A 151 0.60 -27.80 -48.35
N GLU A 152 1.59 -27.24 -47.65
CA GLU A 152 1.31 -26.52 -46.42
C GLU A 152 0.69 -25.15 -46.69
N VAL A 153 0.94 -24.57 -47.86
CA VAL A 153 0.31 -23.29 -48.20
C VAL A 153 -1.17 -23.50 -48.51
N ASP A 154 -1.54 -24.69 -48.98
CA ASP A 154 -2.95 -24.97 -49.24
C ASP A 154 -3.74 -25.15 -47.95
N LYS A 155 -3.07 -25.52 -46.86
CA LYS A 155 -3.77 -25.67 -45.58
C LYS A 155 -4.14 -24.32 -44.98
N CYS A 156 -3.23 -23.35 -45.07
CA CYS A 156 -3.50 -22.04 -44.49
C CYS A 156 -4.31 -21.17 -45.45
N ASP A 157 -5.03 -20.22 -44.87
CA ASP A 157 -5.79 -19.25 -45.65
C ASP A 157 -4.98 -18.00 -45.95
N ASN A 158 -3.96 -17.70 -45.16
CA ASN A 158 -3.11 -16.54 -45.36
C ASN A 158 -1.70 -16.88 -44.91
N LEU A 159 -0.71 -16.60 -45.76
CA LEU A 159 0.69 -16.86 -45.46
C LEU A 159 1.45 -15.54 -45.46
N SER A 160 2.20 -15.29 -44.39
CA SER A 160 2.99 -14.07 -44.30
C SER A 160 4.40 -14.27 -43.79
N ASN A 161 4.77 -15.45 -43.31
CA ASN A 161 6.08 -15.63 -42.69
C ASN A 161 6.54 -17.06 -42.84
N PHE A 162 7.78 -17.24 -43.28
CA PHE A 162 8.46 -18.51 -43.27
C PHE A 162 9.54 -18.50 -42.19
N GLN A 163 9.77 -19.65 -41.57
CA GLN A 163 10.77 -19.77 -40.52
C GLN A 163 11.67 -20.96 -40.80
N LEU A 164 12.92 -20.82 -40.38
CA LEU A 164 13.95 -21.83 -40.57
C LEU A 164 14.57 -22.20 -39.22
N PHE A 165 15.18 -23.38 -39.16
CA PHE A 165 15.96 -23.83 -38.00
C PHE A 165 17.07 -24.72 -38.56
N HIS A 166 18.24 -24.12 -38.79
CA HIS A 166 19.33 -24.80 -39.46
C HIS A 166 20.66 -24.48 -38.80
N SER A 167 21.63 -25.36 -38.98
CA SER A 167 22.99 -25.14 -38.50
C SER A 167 23.79 -24.42 -39.57
N VAL A 168 24.67 -23.51 -39.14
CA VAL A 168 25.54 -22.83 -40.08
C VAL A 168 26.63 -23.77 -40.57
N ALA A 169 27.12 -24.66 -39.70
CA ALA A 169 28.12 -25.63 -40.09
C ALA A 169 27.80 -26.96 -39.44
N GLY A 170 28.54 -28.00 -39.82
CA GLY A 170 28.36 -29.31 -39.24
C GLY A 170 27.54 -30.25 -40.10
N GLY A 171 26.26 -30.43 -39.74
CA GLY A 171 25.41 -31.40 -40.39
C GLY A 171 24.98 -30.99 -41.78
N THR A 172 23.98 -31.72 -42.28
CA THR A 172 23.46 -31.48 -43.63
C THR A 172 22.58 -30.25 -43.73
N GLY A 173 22.23 -29.62 -42.60
CA GLY A 173 21.41 -28.43 -42.64
C GLY A 173 22.11 -27.20 -43.20
N SER A 174 23.44 -27.24 -43.28
CA SER A 174 24.16 -26.14 -43.91
C SER A 174 24.05 -26.22 -45.43
N GLY A 175 24.08 -27.44 -45.98
CA GLY A 175 24.03 -27.61 -47.42
C GLY A 175 22.65 -27.58 -48.04
N VAL A 176 21.77 -28.50 -47.63
CA VAL A 176 20.44 -28.54 -48.20
C VAL A 176 19.52 -27.49 -47.57
N GLY A 177 19.83 -27.02 -46.36
CA GLY A 177 19.09 -25.89 -45.81
C GLY A 177 19.39 -24.60 -46.54
N SER A 178 20.58 -24.50 -47.15
CA SER A 178 20.89 -23.34 -47.97
C SER A 178 20.12 -23.35 -49.27
N LYS A 179 19.74 -24.53 -49.77
CA LYS A 179 18.95 -24.60 -51.00
C LYS A 179 17.47 -24.39 -50.72
N MET A 180 16.98 -24.83 -49.56
CA MET A 180 15.56 -24.68 -49.24
C MET A 180 15.17 -23.23 -49.03
N LEU A 181 16.09 -22.39 -48.56
CA LEU A 181 15.80 -20.97 -48.46
C LEU A 181 15.87 -20.26 -49.81
N GLU A 182 16.43 -20.91 -50.83
CA GLU A 182 16.46 -20.32 -52.16
C GLU A 182 15.21 -20.67 -52.97
N VAL A 183 14.64 -21.86 -52.74
CA VAL A 183 13.42 -22.25 -53.46
C VAL A 183 12.18 -21.55 -52.92
N ILE A 184 12.29 -20.84 -51.80
CA ILE A 184 11.19 -19.99 -51.36
C ILE A 184 11.08 -18.76 -52.26
N SER A 185 12.22 -18.22 -52.69
CA SER A 185 12.21 -16.97 -53.44
C SER A 185 11.71 -17.15 -54.86
N ASP A 186 12.11 -18.23 -55.53
CA ASP A 186 11.74 -18.38 -56.95
C ASP A 186 10.29 -18.83 -57.11
N ARG A 187 9.70 -19.42 -56.07
CA ARG A 187 8.34 -19.93 -56.18
C ARG A 187 7.30 -18.90 -55.75
N TYR A 188 7.60 -18.13 -54.71
CA TYR A 188 6.64 -17.17 -54.16
C TYR A 188 7.03 -15.72 -54.42
N GLY A 189 8.10 -15.47 -55.17
CA GLY A 189 8.48 -14.12 -55.48
C GLY A 189 9.13 -13.35 -54.35
N HIS A 190 9.56 -14.03 -53.29
CA HIS A 190 10.28 -13.44 -52.15
C HIS A 190 9.48 -12.33 -51.48
N LYS A 191 8.16 -12.52 -51.36
CA LYS A 191 7.30 -11.60 -50.63
C LYS A 191 6.98 -12.09 -49.23
N LYS A 192 7.56 -13.22 -48.82
CA LYS A 192 7.35 -13.80 -47.51
C LYS A 192 8.56 -13.53 -46.62
N LEU A 193 8.31 -13.20 -45.37
CA LEU A 193 9.37 -12.88 -44.43
C LEU A 193 10.08 -14.15 -43.98
N LEU A 194 11.39 -14.22 -44.19
CA LEU A 194 12.18 -15.38 -43.81
C LEU A 194 12.99 -15.06 -42.55
N ASN A 195 12.72 -15.80 -41.49
CA ASN A 195 13.51 -15.77 -40.26
C ASN A 195 14.29 -17.08 -40.18
N THR A 196 15.62 -16.98 -40.10
CA THR A 196 16.46 -18.15 -40.28
C THR A 196 16.77 -18.88 -38.98
N PHE A 197 16.92 -18.15 -37.87
CA PHE A 197 17.19 -18.71 -36.54
C PHE A 197 18.43 -19.61 -36.55
N SER A 198 19.52 -19.07 -37.12
CA SER A 198 20.71 -19.88 -37.36
C SER A 198 21.48 -20.13 -36.06
N ILE A 199 22.13 -21.28 -36.01
CA ILE A 199 22.99 -21.67 -34.89
C ILE A 199 24.42 -21.72 -35.40
N PHE A 200 25.22 -20.75 -34.98
CA PHE A 200 26.62 -20.72 -35.40
C PHE A 200 27.41 -21.80 -34.67
N PRO A 201 28.40 -22.40 -35.32
CA PRO A 201 29.14 -23.50 -34.67
C PRO A 201 30.07 -22.99 -33.58
N SER A 202 30.50 -23.93 -32.74
CA SER A 202 31.40 -23.60 -31.65
C SER A 202 32.82 -23.38 -32.19
N ASN A 203 33.46 -22.32 -31.69
CA ASN A 203 34.79 -21.82 -32.08
C ASN A 203 35.14 -21.96 -33.58
N VAL A 209 37.95 -29.07 -36.08
CA VAL A 209 37.12 -29.62 -37.13
C VAL A 209 37.55 -29.05 -38.48
N VAL A 210 37.80 -29.94 -39.44
CA VAL A 210 38.35 -29.52 -40.73
C VAL A 210 37.27 -28.88 -41.61
N VAL A 211 36.05 -29.43 -41.60
CA VAL A 211 35.02 -28.94 -42.50
C VAL A 211 34.40 -27.64 -41.98
N GLN A 212 34.50 -27.38 -40.67
CA GLN A 212 33.82 -26.25 -40.04
C GLN A 212 34.22 -24.86 -40.53
N PRO A 213 35.49 -24.54 -40.87
CA PRO A 213 35.77 -23.18 -41.36
C PRO A 213 35.11 -22.84 -42.68
N TYR A 214 35.27 -23.67 -43.71
CA TYR A 214 34.74 -23.32 -45.02
C TYR A 214 33.28 -23.72 -45.19
N ASN A 215 32.69 -24.42 -44.21
CA ASN A 215 31.26 -24.66 -44.29
C ASN A 215 30.50 -23.39 -43.98
N THR A 216 31.09 -22.57 -43.10
CA THR A 216 30.44 -21.36 -42.60
C THR A 216 30.44 -20.26 -43.66
N ILE A 217 31.53 -20.12 -44.40
CA ILE A 217 31.66 -19.02 -45.34
C ILE A 217 30.87 -19.26 -46.62
N LEU A 218 30.47 -20.49 -46.91
CA LEU A 218 29.68 -20.76 -48.10
C LEU A 218 28.19 -20.59 -47.87
N THR A 219 27.68 -21.00 -46.71
CA THR A 219 26.24 -20.85 -46.45
C THR A 219 25.90 -19.43 -46.03
N LEU A 220 26.89 -18.67 -45.54
CA LEU A 220 26.62 -17.31 -45.10
C LEU A 220 26.40 -16.36 -46.27
N LYS A 221 26.97 -16.66 -47.44
CA LYS A 221 26.68 -15.87 -48.63
C LYS A 221 25.23 -16.04 -49.04
N ARG A 222 24.74 -17.28 -49.01
CA ARG A 222 23.32 -17.52 -49.28
C ARG A 222 22.44 -17.06 -48.12
N LEU A 223 23.00 -16.96 -46.92
CA LEU A 223 22.21 -16.52 -45.77
C LEU A 223 21.96 -15.01 -45.83
N ILE A 224 22.94 -14.24 -46.31
CA ILE A 224 22.77 -12.80 -46.39
C ILE A 224 22.16 -12.35 -47.72
N ASP A 225 21.79 -13.29 -48.59
CA ASP A 225 21.20 -12.94 -49.87
C ASP A 225 19.74 -13.33 -49.99
N TYR A 226 19.29 -14.39 -49.31
CA TYR A 226 17.94 -14.91 -49.43
C TYR A 226 17.27 -15.00 -48.07
N SER A 227 17.35 -13.93 -47.29
CA SER A 227 16.71 -13.90 -45.98
C SER A 227 16.24 -12.48 -45.68
N ASP A 228 15.59 -12.32 -44.53
CA ASP A 228 15.07 -11.02 -44.11
C ASP A 228 15.45 -10.70 -42.68
N ALA A 229 15.69 -11.73 -41.87
CA ALA A 229 16.12 -11.55 -40.49
C ALA A 229 16.83 -12.82 -40.03
N THR A 230 17.84 -12.66 -39.20
CA THR A 230 18.64 -13.78 -38.71
C THR A 230 18.92 -13.60 -37.22
N PHE A 231 18.55 -14.60 -36.43
CA PHE A 231 18.84 -14.63 -35.00
C PHE A 231 20.03 -15.55 -34.80
N VAL A 232 21.20 -14.97 -34.53
CA VAL A 232 22.42 -15.75 -34.40
C VAL A 232 22.49 -16.38 -33.01
N PHE A 233 23.04 -17.59 -32.95
CA PHE A 233 23.20 -18.33 -31.71
C PHE A 233 24.54 -19.05 -31.76
N HIS A 234 25.40 -18.76 -30.79
CA HIS A 234 26.71 -19.41 -30.67
C HIS A 234 26.59 -20.62 -29.76
N ASN A 235 27.13 -21.75 -30.21
CA ASN A 235 27.10 -22.95 -29.39
C ASN A 235 28.15 -22.91 -28.29
N ASP A 236 29.32 -22.32 -28.56
CA ASP A 236 30.35 -22.23 -27.54
C ASP A 236 29.98 -21.25 -26.43
N SER A 237 29.19 -20.23 -26.76
CA SER A 237 28.67 -19.30 -25.76
C SER A 237 27.31 -19.72 -25.21
N LEU A 238 26.86 -20.93 -25.53
CA LEU A 238 25.56 -21.39 -25.06
C LEU A 238 25.67 -22.13 -23.73
N ASN A 239 26.73 -22.90 -23.53
CA ASN A 239 26.94 -23.59 -22.27
C ASN A 239 27.35 -22.64 -21.16
N ARG A 240 27.82 -21.44 -21.50
CA ARG A 240 28.13 -20.45 -20.48
C ARG A 240 26.85 -19.91 -19.84
N ILE A 241 25.76 -19.85 -20.60
CA ILE A 241 24.51 -19.33 -20.05
C ILE A 241 23.88 -20.34 -19.10
N GLU A 242 23.62 -21.55 -19.58
CA GLU A 242 23.00 -22.60 -18.79
C GLU A 242 24.09 -23.39 -18.08
N ASN A 243 24.16 -23.25 -16.76
CA ASN A 243 25.16 -23.96 -15.97
C ASN A 243 24.68 -24.20 -14.54
N PHE A 260 23.89 -31.79 -24.09
CA PHE A 260 23.37 -31.15 -25.30
C PHE A 260 21.86 -30.99 -25.24
N LEU A 261 21.22 -31.66 -24.26
CA LEU A 261 19.78 -31.52 -24.10
C LEU A 261 19.44 -30.18 -23.46
N GLY A 262 20.30 -29.69 -22.56
CA GLY A 262 20.08 -28.37 -22.00
C GLY A 262 20.36 -27.26 -22.98
N ALA A 263 21.23 -27.51 -23.97
CA ALA A 263 21.50 -26.51 -24.99
C ALA A 263 20.35 -26.39 -25.98
N ASN A 264 19.53 -27.45 -26.11
CA ASN A 264 18.40 -27.40 -27.02
C ASN A 264 17.22 -26.66 -26.39
N LYS A 265 17.04 -26.78 -25.08
CA LYS A 265 15.95 -26.10 -24.39
C LYS A 265 16.19 -24.60 -24.27
N LEU A 266 17.43 -24.14 -24.45
CA LEU A 266 17.73 -22.72 -24.35
C LEU A 266 17.41 -21.98 -25.64
N ILE A 267 17.51 -22.65 -26.79
CA ILE A 267 17.18 -22.02 -28.06
C ILE A 267 15.67 -21.88 -28.21
N ALA A 268 14.93 -22.91 -27.79
CA ALA A 268 13.47 -22.88 -27.92
C ALA A 268 12.81 -21.89 -26.98
N LEU A 269 13.49 -21.49 -25.90
CA LEU A 269 12.92 -20.50 -25.01
C LEU A 269 12.90 -19.12 -25.65
N VAL A 270 13.96 -18.79 -26.39
CA VAL A 270 14.00 -17.50 -27.08
C VAL A 270 13.19 -17.53 -28.36
N SER A 271 13.18 -18.69 -29.04
CA SER A 271 12.47 -18.78 -30.31
C SER A 271 10.96 -18.75 -30.12
N ALA A 272 10.47 -19.22 -28.97
CA ALA A 272 9.04 -19.13 -28.66
C ALA A 272 8.68 -17.84 -27.95
N SER A 273 9.65 -17.06 -27.49
CA SER A 273 9.37 -15.82 -26.81
C SER A 273 9.03 -14.69 -27.78
N VAL A 274 9.63 -14.70 -28.98
CA VAL A 274 9.32 -13.67 -29.96
C VAL A 274 7.94 -13.86 -30.55
N SER A 275 7.34 -15.04 -30.39
CA SER A 275 6.00 -15.32 -30.86
C SER A 275 4.97 -15.25 -29.76
N ASN A 276 5.31 -14.66 -28.62
CA ASN A 276 4.36 -14.51 -27.51
C ASN A 276 3.33 -13.41 -27.74
N PRO A 277 3.66 -12.21 -28.25
CA PRO A 277 2.58 -11.28 -28.60
C PRO A 277 1.82 -11.68 -29.86
N LEU A 278 2.36 -12.61 -30.65
CA LEU A 278 1.63 -13.08 -31.83
C LEU A 278 0.51 -14.04 -31.42
N ARG A 279 0.85 -15.07 -30.65
CA ARG A 279 -0.15 -16.07 -30.26
C ARG A 279 -1.09 -15.52 -29.21
N PHE A 280 -0.56 -14.82 -28.21
CA PHE A 280 -1.41 -14.15 -27.23
C PHE A 280 -1.55 -12.70 -27.66
N PRO A 281 -2.71 -12.30 -28.18
CA PRO A 281 -2.83 -10.96 -28.78
C PRO A 281 -2.90 -9.88 -27.72
N GLY A 282 -2.13 -8.82 -27.94
CA GLY A 282 -2.10 -7.71 -27.02
C GLY A 282 -2.39 -6.40 -27.73
N TYR A 283 -1.83 -5.30 -27.23
CA TYR A 283 -2.08 -4.02 -27.85
C TYR A 283 -1.26 -3.85 -29.13
N MET A 284 -0.01 -4.33 -29.11
CA MET A 284 0.91 -4.16 -30.23
C MET A 284 1.60 -5.49 -30.53
N TYR A 285 2.39 -5.46 -31.61
CA TYR A 285 3.19 -6.61 -32.08
C TYR A 285 2.31 -7.82 -32.37
N SER A 286 1.39 -7.63 -33.32
CA SER A 286 0.46 -8.69 -33.68
C SER A 286 1.07 -9.66 -34.69
N SER A 287 1.91 -9.18 -35.59
CA SER A 287 2.50 -10.00 -36.64
C SER A 287 4.01 -9.97 -36.54
N MET A 288 4.65 -10.95 -37.18
CA MET A 288 6.10 -11.07 -37.12
C MET A 288 6.80 -9.97 -37.91
N GLU A 289 6.13 -9.39 -38.91
CA GLU A 289 6.70 -8.28 -39.64
C GLU A 289 6.70 -7.00 -38.81
N SER A 290 5.83 -6.91 -37.79
CA SER A 290 5.80 -5.72 -36.95
C SER A 290 6.93 -5.71 -35.95
N ILE A 291 7.39 -6.88 -35.52
CA ILE A 291 8.49 -6.97 -34.56
C ILE A 291 9.82 -6.70 -35.26
N VAL A 292 10.04 -7.34 -36.41
CA VAL A 292 11.33 -7.32 -37.06
C VAL A 292 11.59 -5.96 -37.72
N SER A 293 10.57 -5.39 -38.38
CA SER A 293 10.74 -4.09 -39.01
C SER A 293 10.94 -2.97 -37.99
N ASN A 294 10.54 -3.19 -36.74
CA ASN A 294 10.84 -2.29 -35.65
C ASN A 294 12.25 -2.50 -35.09
N LEU A 295 13.04 -3.37 -35.70
CA LEU A 295 14.31 -3.81 -35.13
C LEU A 295 15.43 -3.74 -36.15
N ILE A 296 15.10 -3.90 -37.42
CA ILE A 296 16.08 -3.95 -38.51
C ILE A 296 15.95 -2.66 -39.32
N PRO A 297 16.98 -1.80 -39.33
CA PRO A 297 16.89 -0.55 -40.10
C PRO A 297 17.35 -0.67 -41.53
N THR A 298 18.17 -1.68 -41.84
CA THR A 298 18.82 -1.79 -43.13
C THR A 298 18.80 -3.25 -43.57
N PRO A 299 18.46 -3.53 -44.84
CA PRO A 299 18.43 -4.93 -45.31
C PRO A 299 19.79 -5.63 -45.30
N ASP A 300 20.90 -4.91 -45.16
CA ASP A 300 22.18 -5.57 -44.92
C ASP A 300 22.48 -5.75 -43.44
N LEU A 301 21.63 -5.20 -42.57
CA LEU A 301 21.83 -5.26 -41.12
C LEU A 301 20.94 -6.30 -40.45
N LYS A 302 20.61 -7.38 -41.17
CA LYS A 302 19.65 -8.36 -40.65
C LYS A 302 20.41 -9.45 -39.88
N PHE A 303 20.88 -9.08 -38.69
CA PHE A 303 21.49 -10.04 -37.79
C PHE A 303 21.16 -9.64 -36.36
N LEU A 304 20.53 -10.54 -35.61
CA LEU A 304 19.98 -10.20 -34.32
C LEU A 304 20.58 -11.09 -33.24
N THR A 305 20.96 -10.47 -32.13
CA THR A 305 21.55 -11.18 -30.99
C THR A 305 20.53 -11.25 -29.86
N SER A 306 20.50 -12.38 -29.18
CA SER A 306 19.50 -12.65 -28.15
C SER A 306 20.16 -12.80 -26.79
N SER A 307 19.33 -12.73 -25.75
CA SER A 307 19.81 -12.83 -24.38
C SER A 307 18.65 -13.19 -23.46
N ILE A 308 18.88 -14.14 -22.55
CA ILE A 308 17.91 -14.54 -21.55
C ILE A 308 18.27 -13.85 -20.24
N ALA A 309 17.25 -13.47 -19.47
CA ALA A 309 17.50 -12.70 -18.24
C ALA A 309 18.10 -13.55 -17.13
N PRO A 310 17.54 -14.71 -16.73
CA PRO A 310 18.28 -15.38 -15.65
C PRO A 310 19.44 -16.22 -16.17
N LEU A 319 11.98 -13.00 -8.97
CA LEU A 319 12.53 -11.65 -9.10
C LEU A 319 11.44 -10.66 -9.50
N ASN A 320 11.72 -9.37 -9.30
CA ASN A 320 10.83 -8.30 -9.70
C ASN A 320 11.05 -7.97 -11.17
N GLU A 321 10.33 -6.95 -11.64
CA GLU A 321 10.47 -6.51 -13.03
C GLU A 321 11.30 -5.24 -13.17
N TYR A 322 11.79 -4.68 -12.06
CA TYR A 322 12.72 -3.55 -12.16
C TYR A 322 14.14 -4.04 -12.36
N ASP A 323 14.57 -5.02 -11.57
CA ASP A 323 15.88 -5.61 -11.75
C ASP A 323 15.94 -6.53 -12.96
N MET A 324 14.79 -6.97 -13.47
CA MET A 324 14.77 -7.82 -14.66
C MET A 324 15.17 -7.03 -15.91
N LEU A 325 14.85 -5.74 -15.96
CA LEU A 325 15.27 -4.92 -17.09
C LEU A 325 16.76 -4.60 -17.03
N LEU A 326 17.31 -4.44 -15.83
CA LEU A 326 18.74 -4.20 -15.70
C LEU A 326 19.57 -5.46 -15.82
N GLU A 327 18.97 -6.63 -15.59
CA GLU A 327 19.70 -7.88 -15.74
C GLU A 327 19.90 -8.24 -17.20
N LEU A 328 18.98 -7.81 -18.07
CA LEU A 328 19.09 -8.10 -19.50
C LEU A 328 20.18 -7.29 -20.18
N SER A 329 20.57 -6.15 -19.60
CA SER A 329 21.59 -5.30 -20.19
C SER A 329 23.01 -5.78 -19.90
N ASN A 330 23.18 -6.79 -19.06
CA ASN A 330 24.51 -7.31 -18.78
C ASN A 330 25.02 -8.11 -19.97
N ASP A 331 26.32 -7.96 -20.27
CA ASP A 331 26.91 -8.57 -21.45
C ASP A 331 27.19 -10.06 -21.27
N ARG A 332 27.04 -10.60 -20.06
CA ARG A 332 27.33 -12.01 -19.84
C ARG A 332 26.16 -12.92 -20.21
N TYR A 333 24.96 -12.36 -20.36
CA TYR A 333 23.78 -13.16 -20.70
C TYR A 333 23.53 -13.26 -22.20
N LYS A 334 24.28 -12.54 -23.03
CA LYS A 334 24.05 -12.57 -24.46
C LYS A 334 24.49 -13.90 -25.05
N THR A 335 23.66 -14.44 -25.95
CA THR A 335 24.03 -15.66 -26.66
C THR A 335 25.18 -15.40 -27.62
N ASN A 336 25.21 -14.22 -28.24
CA ASN A 336 26.35 -13.82 -29.05
C ASN A 336 27.47 -13.32 -28.17
N ARG A 337 28.71 -13.65 -28.54
CA ARG A 337 29.86 -13.18 -27.79
C ARG A 337 30.15 -11.72 -28.11
N VAL A 338 30.51 -10.96 -27.09
CA VAL A 338 30.84 -9.55 -27.22
C VAL A 338 32.28 -9.33 -26.81
N GLY A 339 32.96 -8.40 -27.48
CA GLY A 339 34.32 -8.07 -27.16
C GLY A 339 34.40 -6.78 -26.37
N GLY A 340 34.75 -5.68 -27.04
CA GLY A 340 34.77 -4.38 -26.41
C GLY A 340 33.37 -3.80 -26.29
N ASP A 341 33.34 -2.51 -25.96
CA ASP A 341 32.07 -1.80 -25.84
C ASP A 341 31.45 -1.60 -27.22
N THR A 342 30.36 -2.30 -27.48
CA THR A 342 29.68 -2.26 -28.77
C THR A 342 28.45 -1.38 -28.68
N SER A 343 28.30 -0.46 -29.65
CA SER A 343 27.16 0.42 -29.67
C SER A 343 25.93 -0.32 -30.18
N TYR A 344 24.79 -0.06 -29.56
CA TYR A 344 23.54 -0.75 -29.87
C TYR A 344 22.74 0.06 -30.88
N ILE A 345 22.09 -0.64 -31.81
CA ILE A 345 21.23 0.01 -32.80
C ILE A 345 19.79 -0.02 -32.31
N SER A 346 19.25 -1.23 -32.14
CA SER A 346 17.87 -1.39 -31.68
C SER A 346 17.81 -2.50 -30.67
N MET A 347 16.80 -2.46 -29.81
CA MET A 347 16.63 -3.46 -28.79
C MET A 347 15.15 -3.60 -28.44
N LEU A 348 14.74 -4.82 -28.10
CA LEU A 348 13.37 -5.11 -27.73
C LEU A 348 13.38 -6.04 -26.51
N ASN A 349 12.82 -5.57 -25.40
CA ASN A 349 12.82 -6.31 -24.15
C ASN A 349 11.49 -7.03 -23.97
N TYR A 350 11.54 -8.35 -23.88
CA TYR A 350 10.34 -9.15 -23.67
C TYR A 350 10.13 -9.40 -22.18
N LEU A 351 8.88 -9.29 -21.74
CA LEU A 351 8.44 -9.53 -20.37
C LEU A 351 7.23 -10.44 -20.39
N ILE A 352 7.37 -11.59 -21.05
CA ILE A 352 6.25 -12.45 -21.39
C ILE A 352 5.52 -13.00 -20.16
N GLY A 353 6.17 -13.05 -19.01
CA GLY A 353 5.46 -13.32 -17.77
C GLY A 353 4.64 -12.10 -17.39
N TYR A 354 3.38 -12.30 -17.02
CA TYR A 354 2.43 -11.20 -16.94
C TYR A 354 2.85 -10.21 -15.84
N ASN A 355 2.86 -8.93 -16.20
CA ASN A 355 3.40 -7.88 -15.35
C ASN A 355 2.33 -6.83 -15.09
N LEU A 356 1.70 -6.91 -13.92
CA LEU A 356 0.83 -5.85 -13.44
C LEU A 356 1.63 -4.82 -12.63
N ASP A 357 2.71 -4.33 -13.23
CA ASP A 357 3.70 -3.49 -12.57
C ASP A 357 3.99 -2.26 -13.41
N GLN A 358 2.94 -1.58 -13.86
CA GLN A 358 3.11 -0.31 -14.56
C GLN A 358 3.68 0.73 -13.61
N ARG A 359 4.42 1.70 -14.20
CA ARG A 359 5.18 2.79 -13.57
C ARG A 359 6.46 2.24 -12.95
N GLU A 360 6.59 0.91 -12.88
CA GLU A 360 7.84 0.25 -12.54
C GLU A 360 8.61 -0.19 -13.78
N ILE A 361 7.91 -0.54 -14.86
CA ILE A 361 8.57 -0.80 -16.13
C ILE A 361 9.13 0.48 -16.71
N ARG A 362 8.46 1.62 -16.46
CA ARG A 362 8.90 2.88 -17.01
C ARG A 362 10.19 3.37 -16.36
N LYS A 363 10.39 3.08 -15.07
CA LYS A 363 11.63 3.46 -14.41
C LYS A 363 12.80 2.62 -14.90
N GLY A 364 12.55 1.37 -15.30
CA GLY A 364 13.61 0.53 -15.83
C GLY A 364 13.99 0.87 -17.25
N ILE A 365 13.05 1.39 -18.03
CA ILE A 365 13.37 1.83 -19.39
C ILE A 365 14.22 3.09 -19.35
N LEU A 366 13.91 4.01 -18.43
CA LEU A 366 14.68 5.25 -18.32
C LEU A 366 16.09 4.97 -17.80
N LYS A 367 16.24 3.97 -16.95
CA LYS A 367 17.57 3.64 -16.43
C LYS A 367 18.41 2.90 -17.45
N SER A 368 17.78 2.11 -18.32
CA SER A 368 18.51 1.37 -19.35
C SER A 368 18.83 2.20 -20.58
N GLN A 369 18.45 3.48 -20.59
CA GLN A 369 18.84 4.36 -21.70
C GLN A 369 20.20 4.98 -21.46
N GLN A 370 20.54 5.26 -20.21
CA GLN A 370 21.83 5.88 -19.91
C GLN A 370 22.97 4.89 -19.90
N ARG A 371 22.71 3.64 -19.50
CA ARG A 371 23.76 2.63 -19.36
C ARG A 371 24.01 1.87 -20.66
N ILE A 372 23.42 2.29 -21.78
CA ILE A 372 23.63 1.65 -23.07
C ILE A 372 24.01 2.72 -24.07
N SER A 373 25.20 2.59 -24.66
CA SER A 373 25.65 3.53 -25.67
C SER A 373 24.98 3.22 -27.01
N PHE A 374 24.36 4.23 -27.61
CA PHE A 374 23.61 4.06 -28.84
C PHE A 374 24.38 4.60 -30.03
N VAL A 375 24.06 4.06 -31.20
CA VAL A 375 24.60 4.56 -32.47
C VAL A 375 24.10 5.98 -32.69
N PRO A 376 24.94 6.92 -33.16
CA PRO A 376 24.51 8.33 -33.22
C PRO A 376 23.30 8.63 -34.11
N TRP A 377 23.19 8.00 -35.29
CA TRP A 377 22.06 8.30 -36.15
C TRP A 377 20.78 7.59 -35.74
N VAL A 378 20.83 6.71 -34.74
CA VAL A 378 19.64 6.04 -34.24
C VAL A 378 19.18 6.77 -32.98
N ALA A 379 17.88 7.04 -32.90
CA ALA A 379 17.33 7.67 -31.71
C ALA A 379 17.35 6.69 -30.54
N ARG A 380 17.50 7.23 -29.33
CA ARG A 380 17.59 6.42 -28.12
C ARG A 380 16.18 6.02 -27.69
N SER A 381 15.76 4.86 -28.17
CA SER A 381 14.43 4.32 -27.86
C SER A 381 14.56 2.85 -27.48
N VAL A 382 14.31 2.56 -26.21
CA VAL A 382 14.28 1.20 -25.70
C VAL A 382 12.82 0.76 -25.61
N LEU A 383 12.45 -0.24 -26.39
CA LEU A 383 11.07 -0.67 -26.50
C LEU A 383 10.87 -1.97 -25.73
N VAL A 384 9.74 -2.07 -25.03
CA VAL A 384 9.43 -3.22 -24.20
C VAL A 384 7.99 -3.65 -24.48
N VAL A 385 7.78 -4.96 -24.63
CA VAL A 385 6.46 -5.53 -24.80
C VAL A 385 6.05 -6.20 -23.51
N HIS A 386 4.79 -5.97 -23.10
CA HIS A 386 4.25 -6.55 -21.86
C HIS A 386 3.47 -7.79 -22.25
N GLY A 387 4.21 -8.87 -22.52
CA GLY A 387 3.56 -10.12 -22.91
C GLY A 387 2.78 -10.74 -21.79
N LYS A 388 1.73 -11.47 -22.15
CA LYS A 388 0.83 -12.07 -21.19
C LYS A 388 1.21 -13.52 -20.92
N LYS A 389 1.04 -13.94 -19.67
CA LYS A 389 1.34 -15.31 -19.28
C LYS A 389 0.27 -16.25 -19.79
N SER A 390 0.68 -17.43 -20.23
CA SER A 390 -0.26 -18.45 -20.67
C SER A 390 -1.04 -18.96 -19.46
N PRO A 391 -2.36 -19.11 -19.59
CA PRO A 391 -3.15 -19.63 -18.45
C PRO A 391 -2.91 -21.09 -18.16
N TYR A 392 -2.29 -21.84 -19.07
CA TYR A 392 -2.00 -23.24 -18.80
C TYR A 392 -0.73 -23.40 -17.98
N LEU A 393 0.28 -22.58 -18.24
CA LEU A 393 1.47 -22.57 -17.40
C LEU A 393 1.16 -21.91 -16.06
N LYS A 394 2.01 -22.20 -15.09
CA LYS A 394 1.86 -21.60 -13.77
C LYS A 394 2.22 -20.12 -13.81
N ASN A 395 1.51 -19.33 -13.01
CA ASN A 395 1.67 -17.89 -12.99
C ASN A 395 2.74 -17.41 -12.02
N THR A 396 3.51 -18.34 -11.44
CA THR A 396 4.50 -17.94 -10.44
C THR A 396 5.78 -17.41 -11.07
N ASN A 397 6.24 -18.03 -12.15
CA ASN A 397 7.50 -17.65 -12.77
C ASN A 397 7.33 -16.43 -13.66
N LEU A 398 8.41 -15.67 -13.81
CA LEU A 398 8.44 -14.44 -14.60
C LEU A 398 9.65 -14.51 -15.53
N GLU A 399 9.41 -14.54 -16.84
CA GLU A 399 10.47 -14.70 -17.82
C GLU A 399 10.87 -13.35 -18.41
N GLY A 400 12.06 -13.34 -19.01
CA GLY A 400 12.57 -12.14 -19.66
C GLY A 400 13.55 -12.45 -20.77
N ILE A 401 13.30 -11.90 -21.96
CA ILE A 401 14.13 -12.13 -23.14
C ILE A 401 14.41 -10.77 -23.78
N GLN A 402 15.65 -10.56 -24.23
CA GLN A 402 15.98 -9.39 -25.01
C GLN A 402 16.62 -9.81 -26.32
N VAL A 403 16.00 -9.40 -27.42
CA VAL A 403 16.59 -9.52 -28.75
C VAL A 403 16.97 -8.11 -29.21
N THR A 404 18.16 -7.98 -29.79
CA THR A 404 18.67 -6.66 -30.09
C THR A 404 19.60 -6.72 -31.30
N ASN A 405 19.81 -5.56 -31.90
CA ASN A 405 20.75 -5.39 -33.01
C ASN A 405 21.87 -4.48 -32.55
N ASN A 406 23.09 -5.00 -32.56
CA ASN A 406 24.25 -4.27 -32.09
C ASN A 406 25.37 -4.42 -33.09
N THR A 407 26.52 -3.81 -32.77
CA THR A 407 27.71 -3.90 -33.61
C THR A 407 28.59 -5.08 -33.21
N SER A 408 28.07 -6.00 -32.39
CA SER A 408 28.86 -7.13 -31.91
C SER A 408 29.09 -8.19 -32.99
N MET A 409 28.46 -8.08 -34.15
CA MET A 409 28.66 -9.06 -35.20
C MET A 409 29.93 -8.82 -36.01
N ILE A 410 30.70 -7.78 -35.67
CA ILE A 410 32.00 -7.59 -36.29
C ILE A 410 32.95 -8.71 -35.86
N ASP A 411 32.98 -8.98 -34.55
CA ASP A 411 33.85 -10.04 -34.02
C ASP A 411 33.43 -11.42 -34.49
N VAL A 412 32.16 -11.62 -34.82
CA VAL A 412 31.70 -12.94 -35.24
C VAL A 412 32.12 -13.24 -36.66
N PHE A 413 31.91 -12.29 -37.58
CA PHE A 413 32.22 -12.53 -38.98
C PHE A 413 33.72 -12.52 -39.26
N THR A 414 34.47 -11.62 -38.61
CA THR A 414 35.92 -11.59 -38.81
C THR A 414 36.62 -12.78 -38.17
N LYS A 415 35.96 -13.46 -37.22
CA LYS A 415 36.53 -14.70 -36.69
C LYS A 415 36.50 -15.81 -37.73
N ILE A 416 35.49 -15.80 -38.60
CA ILE A 416 35.42 -16.81 -39.66
C ILE A 416 36.32 -16.43 -40.81
N LEU A 417 36.38 -15.14 -41.15
CA LEU A 417 37.19 -14.71 -42.29
C LEU A 417 38.68 -14.80 -41.99
N LYS A 418 39.07 -14.70 -40.72
CA LYS A 418 40.48 -14.88 -40.37
C LYS A 418 40.89 -16.35 -40.51
N GLN A 419 40.00 -17.27 -40.16
CA GLN A 419 40.25 -18.69 -40.35
C GLN A 419 39.94 -19.17 -41.76
N PHE A 420 39.32 -18.33 -42.60
CA PHE A 420 39.02 -18.74 -43.97
C PHE A 420 40.28 -18.72 -44.83
N ASP A 421 40.98 -17.58 -44.86
CA ASP A 421 42.20 -17.47 -45.65
C ASP A 421 43.38 -18.23 -45.04
N LEU A 422 43.31 -18.56 -43.76
CA LEU A 422 44.41 -19.27 -43.12
C LEU A 422 44.46 -20.73 -43.55
N LEU A 423 43.30 -21.31 -43.86
CA LEU A 423 43.24 -22.73 -44.24
C LEU A 423 43.38 -22.94 -45.74
N ILE A 424 42.83 -22.04 -46.55
CA ILE A 424 42.90 -22.22 -48.01
C ILE A 424 44.28 -21.93 -48.56
N LYS A 425 45.15 -21.27 -47.80
CA LYS A 425 46.54 -21.08 -48.21
C LYS A 425 47.45 -22.16 -47.66
N ARG A 426 47.10 -22.73 -46.49
CA ARG A 426 47.92 -23.76 -45.89
C ARG A 426 47.70 -25.11 -46.57
N LYS A 427 46.46 -25.58 -46.59
CA LYS A 427 46.12 -26.88 -47.14
C LYS A 427 45.61 -26.81 -48.57
N ALA A 428 44.77 -25.81 -48.86
CA ALA A 428 44.13 -25.60 -50.18
C ALA A 428 43.36 -26.83 -50.65
N VAL A 437 38.05 -33.27 -64.66
CA VAL A 437 36.74 -33.47 -64.04
C VAL A 437 36.05 -32.11 -63.89
N GLU A 438 36.86 -31.05 -63.85
CA GLU A 438 36.42 -29.65 -63.80
C GLU A 438 35.53 -29.40 -62.58
N GLU A 439 36.16 -29.54 -61.41
CA GLU A 439 35.50 -29.23 -60.14
C GLU A 439 36.24 -28.20 -59.31
N GLU A 440 37.51 -27.90 -59.62
CA GLU A 440 38.27 -26.95 -58.83
C GLU A 440 37.98 -25.50 -59.22
N ASN A 441 37.45 -25.28 -60.43
CA ASN A 441 37.22 -23.91 -60.88
C ASN A 441 35.98 -23.30 -60.23
N GLU A 442 34.88 -24.05 -60.18
CA GLU A 442 33.66 -23.52 -59.58
C GLU A 442 33.77 -23.41 -58.06
N VAL A 443 34.62 -24.21 -57.45
CA VAL A 443 34.85 -24.09 -56.01
C VAL A 443 35.64 -22.82 -55.71
N MET A 444 36.61 -22.49 -56.56
CA MET A 444 37.48 -21.35 -56.29
C MET A 444 36.74 -20.03 -56.46
N GLU A 445 35.89 -19.91 -57.49
CA GLU A 445 35.17 -18.66 -57.70
C GLU A 445 34.06 -18.45 -56.69
N MET A 446 33.50 -19.53 -56.14
CA MET A 446 32.54 -19.39 -55.05
C MET A 446 33.20 -19.02 -53.73
N PHE A 447 34.49 -19.30 -53.58
CA PHE A 447 35.22 -18.80 -52.42
C PHE A 447 35.43 -17.30 -52.49
N ASN A 448 35.85 -16.81 -53.66
CA ASN A 448 36.10 -15.38 -53.82
C ASN A 448 34.80 -14.58 -53.85
N GLU A 449 33.71 -15.18 -54.37
CA GLU A 449 32.42 -14.52 -54.30
C GLU A 449 31.89 -14.46 -52.88
N SER A 450 32.18 -15.48 -52.08
CA SER A 450 31.76 -15.46 -50.68
C SER A 450 32.69 -14.58 -49.84
N ARG A 451 33.94 -14.40 -50.28
CA ARG A 451 34.89 -13.62 -49.49
C ARG A 451 34.58 -12.14 -49.58
N GLU A 452 34.26 -11.64 -50.77
CA GLU A 452 33.95 -10.23 -50.96
C GLU A 452 32.54 -9.88 -50.53
N SER A 453 31.67 -10.87 -50.29
CA SER A 453 30.28 -10.58 -49.97
C SER A 453 30.08 -10.42 -48.46
N VAL A 454 30.75 -11.25 -47.66
CA VAL A 454 30.69 -11.09 -46.21
C VAL A 454 31.44 -9.84 -45.78
N LYS A 455 32.41 -9.38 -46.57
CA LYS A 455 33.07 -8.11 -46.27
C LYS A 455 32.13 -6.93 -46.41
N SER A 456 31.08 -7.06 -47.24
CA SER A 456 30.18 -5.94 -47.48
C SER A 456 29.36 -5.59 -46.23
N ILE A 457 28.96 -6.61 -45.48
CA ILE A 457 28.25 -6.35 -44.22
C ILE A 457 29.20 -6.09 -43.07
N ILE A 458 30.49 -6.39 -43.25
CA ILE A 458 31.48 -6.08 -42.21
C ILE A 458 31.81 -4.60 -42.23
N ASP A 459 32.13 -4.05 -43.41
CA ASP A 459 32.36 -2.62 -43.52
C ASP A 459 31.08 -1.82 -43.34
N GLU A 460 29.91 -2.43 -43.52
CA GLU A 460 28.67 -1.75 -43.20
C GLU A 460 28.51 -1.60 -41.70
N TYR A 461 28.96 -2.59 -40.93
CA TYR A 461 28.97 -2.49 -39.48
C TYR A 461 30.08 -1.57 -38.99
N LYS A 462 31.23 -1.57 -39.68
CA LYS A 462 32.34 -0.70 -39.27
C LYS A 462 32.03 0.76 -39.55
N ALA A 463 31.27 1.03 -40.61
CA ALA A 463 30.82 2.39 -40.89
C ALA A 463 29.57 2.77 -40.10
N CYS A 464 28.89 1.80 -39.49
CA CYS A 464 27.66 2.09 -38.76
C CYS A 464 27.92 2.89 -37.50
N LYS A 465 29.09 2.70 -36.87
CA LYS A 465 29.38 3.40 -35.63
C LYS A 465 29.61 4.89 -35.87
N GLU A 466 30.22 5.23 -37.00
CA GLU A 466 30.43 6.63 -37.35
C GLU A 466 29.16 7.21 -37.97
N ILE A 467 28.91 8.48 -37.69
CA ILE A 467 27.68 9.14 -38.13
C ILE A 467 27.70 9.29 -39.65
N THR A 468 26.86 8.53 -40.34
CA THR A 468 26.80 8.52 -41.79
C THR A 468 25.35 8.38 -42.21
N TYR A 469 25.13 7.97 -43.47
CA TYR A 469 23.82 7.79 -44.09
C TYR A 469 23.02 9.08 -44.14
N LEU A 470 23.71 10.20 -44.32
CA LEU A 470 23.07 11.49 -44.54
C LEU A 470 23.94 12.29 -45.50
N ASP A 471 23.46 12.46 -46.74
CA ASP A 471 24.23 13.15 -47.75
C ASP A 471 23.38 14.24 -48.42
N PRO B 2 20.09 -8.85 10.56
CA PRO B 2 21.24 -9.73 10.81
C PRO B 2 21.64 -10.52 9.58
N GLY B 3 21.92 -11.81 9.77
CA GLY B 3 22.31 -12.65 8.66
C GLY B 3 22.16 -14.11 9.03
N GLU B 4 22.07 -14.94 8.00
CA GLU B 4 21.87 -16.36 8.18
C GLU B 4 23.19 -17.04 8.57
N THR B 5 23.08 -18.25 9.12
CA THR B 5 24.20 -18.93 9.73
C THR B 5 24.31 -20.35 9.18
N ILE B 6 25.53 -20.72 8.81
CA ILE B 6 25.85 -22.07 8.34
C ILE B 6 26.88 -22.67 9.29
N THR B 7 26.71 -23.94 9.65
CA THR B 7 27.63 -24.64 10.53
C THR B 7 28.27 -25.82 9.81
N LEU B 8 29.44 -26.21 10.30
CA LEU B 8 30.22 -27.29 9.70
C LEU B 8 30.62 -28.26 10.80
N GLN B 9 30.12 -29.49 10.71
CA GLN B 9 30.44 -30.54 11.68
C GLN B 9 31.48 -31.46 11.08
N VAL B 10 32.69 -31.42 11.62
CA VAL B 10 33.83 -32.19 11.12
C VAL B 10 34.25 -33.18 12.21
N GLY B 11 34.49 -34.43 11.80
CA GLY B 11 35.06 -35.41 12.69
C GLY B 11 34.02 -36.18 13.48
N GLN B 12 34.51 -37.18 14.22
CA GLN B 12 33.62 -38.01 15.03
C GLN B 12 33.09 -37.25 16.23
N CYS B 13 33.94 -36.44 16.87
CA CYS B 13 33.50 -35.68 18.04
C CYS B 13 32.60 -34.51 17.64
N GLY B 14 32.81 -33.95 16.45
CA GLY B 14 31.96 -32.86 16.01
C GLY B 14 30.57 -33.30 15.60
N ASN B 15 30.44 -34.53 15.11
CA ASN B 15 29.13 -35.03 14.71
C ASN B 15 28.25 -35.36 15.92
N GLN B 16 28.87 -35.78 17.03
CA GLN B 16 28.10 -36.06 18.23
C GLN B 16 27.64 -34.77 18.90
N VAL B 17 28.48 -33.73 18.84
CA VAL B 17 28.08 -32.43 19.37
C VAL B 17 27.00 -31.81 18.50
N GLY B 18 27.16 -31.90 17.18
CA GLY B 18 26.14 -31.38 16.27
C GLY B 18 24.83 -32.11 16.32
N LEU B 19 24.81 -33.35 16.78
CA LEU B 19 23.55 -34.06 16.98
C LEU B 19 22.78 -33.45 18.15
N GLN B 20 23.48 -33.17 19.25
CA GLN B 20 22.84 -32.55 20.40
C GLN B 20 22.62 -31.06 20.21
N TYR B 21 23.43 -30.39 19.39
CA TYR B 21 23.24 -28.98 19.12
C TYR B 21 22.01 -28.73 18.27
N TRP B 22 21.69 -29.63 17.34
CA TRP B 22 20.54 -29.44 16.48
C TRP B 22 19.26 -29.98 17.10
N GLN B 23 19.37 -30.96 18.01
CA GLN B 23 18.19 -31.42 18.73
C GLN B 23 17.72 -30.37 19.74
N GLN B 24 18.65 -29.59 20.29
CA GLN B 24 18.27 -28.52 21.21
C GLN B 24 17.75 -27.30 20.47
N LEU B 25 18.27 -27.03 19.27
CA LEU B 25 17.74 -25.95 18.46
C LEU B 25 16.35 -26.28 17.92
N ALA B 26 16.08 -27.56 17.67
CA ALA B 26 14.75 -27.95 17.22
C ALA B 26 13.75 -27.98 18.37
N THR B 27 14.22 -28.16 19.60
CA THR B 27 13.33 -28.19 20.76
C THR B 27 12.85 -26.79 21.13
N GLU B 28 13.74 -25.80 21.02
CA GLU B 28 13.39 -24.44 21.41
C GLU B 28 12.37 -23.83 20.46
N HIS B 29 12.48 -24.13 19.17
CA HIS B 29 11.52 -23.65 18.18
C HIS B 29 10.35 -24.61 17.99
N GLY B 30 10.25 -25.65 18.81
CA GLY B 30 9.16 -26.61 18.70
C GLY B 30 9.22 -27.50 17.48
N ILE B 31 10.33 -27.53 16.76
CA ILE B 31 10.42 -28.31 15.54
C ILE B 31 10.60 -29.78 15.91
N GLN B 32 9.65 -30.61 15.49
CA GLN B 32 9.71 -32.03 15.81
C GLN B 32 10.84 -32.71 15.03
N SER B 33 11.15 -33.94 15.43
CA SER B 33 12.19 -34.70 14.76
C SER B 33 11.64 -35.50 13.58
N ASP B 34 10.87 -34.82 12.73
CA ASP B 34 10.35 -35.40 11.51
C ASP B 34 10.36 -34.43 10.33
N GLY B 35 10.90 -33.23 10.51
CA GLY B 35 10.81 -32.21 9.48
C GLY B 35 9.49 -31.47 9.43
N SER B 36 8.62 -31.65 10.41
CA SER B 36 7.30 -31.04 10.44
C SER B 36 7.29 -29.86 11.40
N SER B 37 6.50 -28.84 11.06
CA SER B 37 6.40 -27.65 11.89
C SER B 37 5.28 -27.80 12.92
N THR B 38 5.38 -27.00 13.98
CA THR B 38 4.41 -26.98 15.06
C THR B 38 3.80 -25.58 15.16
N PRO B 39 2.48 -25.48 15.30
CA PRO B 39 1.86 -24.14 15.42
C PRO B 39 2.32 -23.41 16.67
N TYR B 40 2.26 -22.09 16.60
CA TYR B 40 2.74 -21.25 17.69
C TYR B 40 1.76 -21.27 18.86
N PRO B 41 2.23 -21.50 20.09
CA PRO B 41 1.36 -21.56 21.26
C PRO B 41 1.09 -20.19 21.87
N LYS B 71 1.62 -18.29 9.23
CA LYS B 71 2.69 -17.40 9.64
C LYS B 71 2.47 -16.92 11.07
N TYR B 72 2.68 -15.62 11.29
CA TYR B 72 2.54 -14.94 12.59
C TYR B 72 3.45 -15.59 13.64
N ARG B 73 4.75 -15.52 13.38
CA ARG B 73 5.76 -16.08 14.26
C ARG B 73 6.76 -15.01 14.64
N ASN B 74 7.02 -14.86 15.95
CA ASN B 74 8.02 -13.91 16.41
C ASN B 74 9.42 -14.49 16.35
N ASP B 75 9.55 -15.80 16.59
CA ASP B 75 10.85 -16.45 16.48
C ASP B 75 11.26 -16.57 15.02
N HIS B 76 12.57 -16.57 14.79
CA HIS B 76 13.15 -16.62 13.44
C HIS B 76 14.03 -17.84 13.32
N PRO B 77 13.48 -19.00 12.97
CA PRO B 77 14.31 -20.18 12.67
C PRO B 77 14.87 -20.21 11.26
N GLU B 78 14.63 -19.15 10.47
CA GLU B 78 15.13 -19.10 9.10
C GLU B 78 16.62 -18.82 9.04
N LEU B 79 17.23 -18.38 10.15
CA LEU B 79 18.67 -18.15 10.14
C LEU B 79 19.45 -19.47 10.14
N PHE B 80 18.86 -20.51 10.71
CA PHE B 80 19.55 -21.80 10.82
C PHE B 80 18.92 -22.90 9.99
N PHE B 81 17.62 -22.82 9.71
CA PHE B 81 16.91 -23.84 8.96
C PHE B 81 16.49 -23.30 7.60
N THR B 82 16.22 -24.21 6.67
CA THR B 82 15.79 -23.85 5.32
C THR B 82 14.27 -23.91 5.22
N LEU B 83 13.68 -22.89 4.61
CA LEU B 83 12.27 -22.90 4.28
C LEU B 83 12.06 -23.50 2.90
N SER B 84 11.10 -24.41 2.80
CA SER B 84 10.85 -25.12 1.55
C SER B 84 9.39 -24.93 1.15
N ASP B 85 9.06 -25.41 -0.05
CA ASP B 85 7.69 -25.29 -0.55
C ASP B 85 6.75 -26.27 0.12
N SER B 86 7.25 -27.44 0.52
CA SER B 86 6.44 -28.45 1.19
C SER B 86 6.45 -28.30 2.70
N ASN B 87 6.87 -27.14 3.21
CA ASN B 87 6.91 -26.79 4.63
C ASN B 87 7.78 -27.75 5.45
N THR B 88 8.78 -28.37 4.83
CA THR B 88 9.74 -29.17 5.58
C THR B 88 10.89 -28.30 6.04
N TYR B 89 11.46 -28.66 7.19
CA TYR B 89 12.49 -27.87 7.85
C TYR B 89 13.77 -28.69 7.91
N THR B 90 14.74 -28.31 7.08
CA THR B 90 16.03 -28.97 7.03
C THR B 90 17.12 -28.04 7.54
N PRO B 91 17.96 -28.48 8.47
CA PRO B 91 18.99 -27.59 9.01
C PRO B 91 20.13 -27.38 8.04
N ARG B 92 20.83 -26.25 8.22
CA ARG B 92 21.96 -25.89 7.37
C ARG B 92 23.24 -26.39 8.03
N SER B 93 23.58 -27.64 7.74
CA SER B 93 24.72 -28.28 8.36
C SER B 93 25.41 -29.20 7.37
N ILE B 94 26.74 -29.26 7.48
CA ILE B 94 27.56 -30.18 6.71
C ILE B 94 28.13 -31.20 7.68
N LEU B 95 28.08 -32.48 7.29
CA LEU B 95 28.39 -33.56 8.22
C LEU B 95 29.57 -34.39 7.72
N ILE B 96 30.65 -33.71 7.34
CA ILE B 96 31.84 -34.40 6.84
C ILE B 96 32.46 -35.27 7.93
N ASP B 97 32.79 -36.50 7.56
CA ASP B 97 33.39 -37.46 8.49
C ASP B 97 34.06 -38.56 7.67
N MET B 98 35.01 -39.26 8.31
CA MET B 98 35.71 -40.35 7.63
C MET B 98 34.95 -41.66 7.73
N GLU B 99 34.33 -41.94 8.88
CA GLU B 99 33.69 -43.21 9.13
C GLU B 99 32.17 -43.10 9.02
N PRO B 100 31.49 -44.11 8.49
CA PRO B 100 30.02 -44.09 8.40
C PRO B 100 29.29 -44.58 9.64
N SER B 101 29.96 -44.70 10.79
CA SER B 101 29.31 -45.22 11.98
C SER B 101 28.47 -44.17 12.68
N VAL B 102 29.06 -43.01 12.97
CA VAL B 102 28.33 -41.97 13.70
C VAL B 102 27.37 -41.21 12.79
N ILE B 103 27.57 -41.28 11.47
CA ILE B 103 26.64 -40.67 10.53
C ILE B 103 25.29 -41.38 10.57
N ALA B 104 25.31 -42.71 10.70
CA ALA B 104 24.06 -43.46 10.87
C ALA B 104 23.42 -43.15 12.22
N LYS B 105 24.21 -42.72 13.21
CA LYS B 105 23.64 -42.32 14.48
C LYS B 105 22.91 -40.99 14.36
N SER B 106 23.42 -40.07 13.54
CA SER B 106 22.81 -38.76 13.41
C SER B 106 21.59 -38.77 12.50
N THR B 107 21.63 -39.56 11.42
CA THR B 107 20.52 -39.59 10.49
C THR B 107 19.32 -40.37 11.02
N SER B 108 19.56 -41.41 11.82
CA SER B 108 18.44 -42.18 12.38
C SER B 108 17.78 -41.45 13.53
N ALA B 109 18.55 -40.80 14.39
CA ALA B 109 17.98 -40.09 15.52
C ALA B 109 17.33 -38.78 15.10
N LEU B 110 17.88 -38.09 14.10
CA LEU B 110 17.33 -36.83 13.60
C LEU B 110 17.15 -36.97 12.09
N PRO B 111 15.97 -37.45 11.65
CA PRO B 111 15.75 -37.70 10.22
C PRO B 111 15.26 -36.46 9.47
N MET B 112 16.06 -35.40 9.50
CA MET B 112 15.74 -34.21 8.73
C MET B 112 16.95 -33.59 8.06
N PHE B 113 18.13 -34.22 8.13
CA PHE B 113 19.31 -33.68 7.46
C PHE B 113 19.21 -33.92 5.96
N ASN B 114 19.79 -33.01 5.19
CA ASN B 114 19.78 -33.15 3.74
C ASN B 114 20.76 -34.24 3.34
N PRO B 115 20.35 -35.21 2.51
CA PRO B 115 21.25 -36.31 2.16
C PRO B 115 22.36 -35.92 1.21
N ARG B 116 22.26 -34.75 0.55
CA ARG B 116 23.34 -34.31 -0.32
C ARG B 116 24.40 -33.55 0.46
N ASN B 117 24.01 -32.89 1.56
CA ASN B 117 24.97 -32.12 2.35
C ASN B 117 25.92 -33.02 3.12
N VAL B 118 25.48 -34.20 3.51
CA VAL B 118 26.34 -35.13 4.24
C VAL B 118 27.32 -35.77 3.25
N HIS B 119 28.58 -35.89 3.67
CA HIS B 119 29.64 -36.41 2.83
C HIS B 119 30.41 -37.50 3.56
N LEU B 120 30.64 -38.63 2.88
CA LEU B 120 31.35 -39.75 3.48
C LEU B 120 32.57 -40.14 2.64
N SER B 121 33.18 -41.27 3.00
CA SER B 121 34.33 -41.78 2.25
C SER B 121 33.91 -42.35 0.90
N ALA B 127 40.15 -44.97 7.83
CA ALA B 127 40.35 -44.50 9.20
C ALA B 127 41.54 -43.55 9.29
N ALA B 128 41.35 -42.43 9.97
CA ALA B 128 42.38 -41.42 10.14
C ALA B 128 42.65 -41.24 11.62
N ASN B 129 43.90 -41.49 12.03
CA ASN B 129 44.30 -41.34 13.42
C ASN B 129 45.28 -40.21 13.67
N ASN B 130 46.08 -39.84 12.67
CA ASN B 130 47.05 -38.76 12.79
C ASN B 130 46.58 -37.55 11.98
N TRP B 131 47.36 -36.48 12.07
CA TRP B 131 47.08 -35.29 11.28
C TRP B 131 47.62 -35.41 9.87
N ILE B 132 48.65 -36.24 9.68
CA ILE B 132 49.31 -36.35 8.38
C ILE B 132 48.40 -37.04 7.37
N ASN B 133 47.84 -38.18 7.73
CA ASN B 133 46.94 -38.88 6.82
C ASN B 133 45.57 -38.22 6.77
N GLY B 134 45.24 -37.39 7.77
CA GLY B 134 43.97 -36.69 7.75
C GLY B 134 43.99 -35.43 6.91
N TYR B 135 45.16 -34.79 6.81
CA TYR B 135 45.26 -33.59 5.98
C TYR B 135 45.26 -33.93 4.50
N LYS B 136 45.70 -35.14 4.13
CA LYS B 136 45.71 -35.54 2.74
C LYS B 136 44.32 -35.87 2.21
N TYR B 137 43.36 -36.13 3.10
CA TYR B 137 42.00 -36.41 2.66
C TYR B 137 41.31 -35.14 2.15
N GLY B 138 41.62 -34.00 2.75
CA GLY B 138 41.00 -32.75 2.34
C GLY B 138 41.70 -32.06 1.19
N THR B 139 42.96 -32.42 0.92
CA THR B 139 43.69 -31.75 -0.15
C THR B 139 43.30 -32.28 -1.53
N GLU B 140 43.19 -33.61 -1.68
CA GLU B 140 42.72 -34.16 -2.96
C GLU B 140 41.24 -33.92 -3.19
N GLU B 141 40.43 -33.97 -2.14
CA GLU B 141 38.99 -33.76 -2.27
C GLU B 141 38.59 -32.31 -1.98
N GLU B 142 39.47 -31.35 -2.25
CA GLU B 142 39.15 -29.95 -1.95
C GLU B 142 38.10 -29.41 -2.91
N GLU B 143 38.14 -29.82 -4.18
CA GLU B 143 37.22 -29.28 -5.16
C GLU B 143 35.80 -29.81 -4.95
N THR B 144 35.65 -31.10 -4.63
CA THR B 144 34.33 -31.66 -4.42
C THR B 144 33.74 -31.24 -3.09
N LEU B 145 34.56 -30.77 -2.15
CA LEU B 145 34.06 -30.31 -0.87
C LEU B 145 33.80 -28.81 -0.88
N LEU B 146 34.59 -28.04 -1.63
CA LEU B 146 34.28 -26.62 -1.81
C LEU B 146 32.99 -26.45 -2.61
N ASN B 147 32.77 -27.32 -3.60
CA ASN B 147 31.52 -27.28 -4.36
C ASN B 147 30.32 -27.67 -3.51
N LEU B 148 30.54 -28.45 -2.44
CA LEU B 148 29.43 -28.82 -1.57
C LEU B 148 28.93 -27.63 -0.77
N ILE B 149 29.83 -26.77 -0.30
CA ILE B 149 29.40 -25.64 0.52
C ILE B 149 28.90 -24.49 -0.32
N ASP B 150 29.17 -24.46 -1.63
CA ASP B 150 28.56 -23.44 -2.49
C ASP B 150 27.07 -23.67 -2.69
N ARG B 151 26.58 -24.90 -2.44
CA ARG B 151 25.15 -25.13 -2.46
C ARG B 151 24.46 -24.54 -1.24
N GLU B 152 25.22 -24.22 -0.20
CA GLU B 152 24.66 -23.64 1.00
C GLU B 152 24.72 -22.12 1.01
N VAL B 153 25.46 -21.51 0.09
CA VAL B 153 25.56 -20.06 0.06
C VAL B 153 24.39 -19.45 -0.72
N ASP B 154 24.02 -20.05 -1.85
CA ASP B 154 22.95 -19.50 -2.67
C ASP B 154 21.58 -19.70 -2.04
N LYS B 155 21.45 -20.62 -1.08
CA LYS B 155 20.20 -20.79 -0.36
C LYS B 155 19.97 -19.73 0.72
N CYS B 156 20.99 -18.92 1.02
CA CYS B 156 20.88 -17.84 1.97
C CYS B 156 20.89 -16.50 1.24
N ASP B 157 20.03 -15.59 1.67
CA ASP B 157 19.97 -14.26 1.06
C ASP B 157 21.17 -13.43 1.49
N ASN B 158 21.50 -13.43 2.78
CA ASN B 158 22.63 -12.68 3.31
C ASN B 158 23.27 -13.52 4.40
N LEU B 159 24.44 -14.10 4.12
CA LEU B 159 25.15 -14.94 5.06
C LEU B 159 26.09 -14.07 5.88
N SER B 160 26.14 -14.32 7.19
CA SER B 160 26.90 -13.47 8.10
C SER B 160 28.03 -14.19 8.82
N ASN B 161 27.92 -15.49 9.06
CA ASN B 161 28.94 -16.19 9.83
C ASN B 161 29.01 -17.65 9.44
N PHE B 162 30.13 -18.27 9.77
CA PHE B 162 30.36 -19.70 9.66
C PHE B 162 30.56 -20.28 11.06
N GLN B 163 30.35 -21.58 11.20
CA GLN B 163 30.61 -22.26 12.46
C GLN B 163 31.31 -23.58 12.19
N LEU B 164 32.10 -24.03 13.16
CA LEU B 164 32.87 -25.26 13.04
C LEU B 164 32.84 -26.00 14.37
N PHE B 165 32.22 -27.18 14.37
CA PHE B 165 32.17 -28.05 15.54
C PHE B 165 33.11 -29.22 15.28
N HIS B 166 34.19 -29.30 16.04
CA HIS B 166 35.20 -30.32 15.83
C HIS B 166 35.97 -30.54 17.12
N SER B 167 36.99 -31.39 17.05
CA SER B 167 37.89 -31.65 18.17
C SER B 167 39.30 -31.27 17.76
N VAL B 168 40.00 -30.55 18.63
CA VAL B 168 41.34 -30.09 18.30
C VAL B 168 42.36 -31.23 18.38
N ALA B 169 42.02 -32.34 19.04
CA ALA B 169 42.87 -33.51 19.12
C ALA B 169 42.12 -34.69 18.50
N GLY B 170 42.62 -35.19 17.37
CA GLY B 170 41.96 -36.27 16.68
C GLY B 170 42.37 -36.37 15.22
N GLY B 171 42.29 -37.56 14.65
CA GLY B 171 42.75 -37.74 13.28
C GLY B 171 41.76 -37.24 12.25
N THR B 172 40.51 -37.70 12.32
CA THR B 172 39.53 -37.34 11.31
C THR B 172 38.97 -35.94 11.52
N GLY B 173 39.05 -35.41 12.73
CA GLY B 173 38.52 -34.08 13.01
C GLY B 173 39.49 -32.98 12.69
N SER B 174 40.70 -33.08 13.24
CA SER B 174 41.73 -32.07 13.02
C SER B 174 42.44 -32.23 11.69
N GLY B 175 42.27 -33.36 11.00
CA GLY B 175 42.94 -33.58 9.73
C GLY B 175 42.33 -32.79 8.59
N VAL B 176 41.07 -33.08 8.27
CA VAL B 176 40.39 -32.40 7.18
C VAL B 176 39.78 -31.08 7.65
N GLY B 177 39.43 -30.97 8.94
CA GLY B 177 38.87 -29.74 9.45
C GLY B 177 39.86 -28.58 9.45
N SER B 178 41.15 -28.87 9.58
CA SER B 178 42.16 -27.83 9.41
C SER B 178 42.22 -27.36 7.97
N LYS B 179 41.99 -28.26 7.02
CA LYS B 179 41.89 -27.85 5.62
C LYS B 179 40.53 -27.22 5.33
N MET B 180 39.51 -27.56 6.12
CA MET B 180 38.17 -27.04 5.87
C MET B 180 38.07 -25.56 6.21
N LEU B 181 38.75 -25.12 7.27
CA LEU B 181 38.73 -23.71 7.62
C LEU B 181 39.69 -22.90 6.77
N GLU B 182 40.64 -23.56 6.08
CA GLU B 182 41.59 -22.82 5.25
C GLU B 182 40.99 -22.50 3.88
N VAL B 183 40.22 -23.43 3.31
CA VAL B 183 39.66 -23.22 1.98
C VAL B 183 38.54 -22.16 2.03
N ILE B 184 37.87 -22.03 3.18
CA ILE B 184 36.80 -21.05 3.31
C ILE B 184 37.32 -19.67 3.75
N SER B 185 38.61 -19.54 4.03
CA SER B 185 39.13 -18.26 4.49
C SER B 185 39.54 -17.35 3.32
N ASP B 186 40.18 -17.93 2.31
CA ASP B 186 40.67 -17.12 1.19
C ASP B 186 39.60 -16.89 0.13
N ARG B 187 38.63 -17.81 0.02
CA ARG B 187 37.60 -17.67 -1.00
C ARG B 187 36.62 -16.54 -0.65
N TYR B 188 36.08 -16.58 0.56
CA TYR B 188 35.09 -15.58 0.95
C TYR B 188 35.74 -14.27 1.38
N GLY B 189 36.92 -14.35 2.00
CA GLY B 189 37.77 -13.19 2.16
C GLY B 189 37.29 -12.12 3.13
N HIS B 190 37.31 -12.43 4.43
CA HIS B 190 37.15 -11.52 5.56
C HIS B 190 35.75 -10.92 5.70
N LYS B 191 34.84 -11.16 4.76
CA LYS B 191 33.47 -10.68 4.89
C LYS B 191 32.58 -11.64 5.66
N LYS B 192 32.92 -12.93 5.69
CA LYS B 192 32.18 -13.92 6.43
C LYS B 192 32.97 -14.32 7.67
N LEU B 193 32.36 -14.19 8.84
CA LEU B 193 33.00 -14.56 10.08
C LEU B 193 33.05 -16.08 10.23
N LEU B 194 34.08 -16.55 10.92
CA LEU B 194 34.29 -17.99 11.12
C LEU B 194 34.53 -18.24 12.61
N ASN B 195 33.54 -18.80 13.28
CA ASN B 195 33.64 -19.17 14.68
C ASN B 195 33.87 -20.67 14.79
N THR B 196 34.63 -21.07 15.81
CA THR B 196 34.86 -22.48 16.10
C THR B 196 34.42 -22.79 17.52
N PHE B 197 34.04 -24.05 17.75
CA PHE B 197 33.73 -24.57 19.09
C PHE B 197 34.52 -25.85 19.24
N SER B 198 35.77 -25.73 19.68
CA SER B 198 36.70 -26.84 19.74
C SER B 198 36.71 -27.49 21.11
N ILE B 199 37.14 -28.75 21.16
CA ILE B 199 37.25 -29.53 22.39
C ILE B 199 38.71 -29.91 22.56
N PHE B 200 39.30 -29.50 23.68
CA PHE B 200 40.71 -29.74 23.96
C PHE B 200 40.90 -31.05 24.71
N PRO B 201 42.03 -31.73 24.50
CA PRO B 201 42.25 -33.02 25.18
C PRO B 201 42.48 -32.84 26.67
N SER B 202 41.86 -33.71 27.46
CA SER B 202 42.01 -33.64 28.92
C SER B 202 43.30 -34.30 29.38
N ASN B 203 43.68 -35.41 28.76
CA ASN B 203 44.88 -36.14 29.16
C ASN B 203 46.15 -35.41 28.74
N VAL B 209 45.70 -42.53 23.49
CA VAL B 209 46.74 -42.74 22.50
C VAL B 209 47.92 -41.82 22.80
N VAL B 210 49.13 -42.25 22.41
CA VAL B 210 50.33 -41.46 22.66
C VAL B 210 50.66 -40.51 21.51
N VAL B 211 49.87 -40.52 20.44
CA VAL B 211 50.12 -39.66 19.29
C VAL B 211 49.40 -38.32 19.42
N GLN B 212 48.58 -38.15 20.45
CA GLN B 212 47.84 -36.91 20.66
C GLN B 212 48.66 -35.63 20.89
N PRO B 213 49.93 -35.65 21.34
CA PRO B 213 50.71 -34.39 21.29
C PRO B 213 51.21 -34.04 19.90
N TYR B 214 51.19 -34.98 18.94
CA TYR B 214 51.70 -34.68 17.61
C TYR B 214 50.77 -33.76 16.83
N ASN B 215 49.46 -33.98 16.92
CA ASN B 215 48.52 -33.26 16.08
C ASN B 215 47.95 -32.01 16.73
N THR B 216 47.99 -31.90 18.06
CA THR B 216 47.42 -30.73 18.72
C THR B 216 48.27 -29.48 18.52
N ILE B 217 49.56 -29.64 18.17
CA ILE B 217 50.40 -28.49 17.93
C ILE B 217 50.25 -28.01 16.49
N LEU B 218 49.93 -28.92 15.56
CA LEU B 218 49.80 -28.56 14.15
C LEU B 218 48.54 -27.75 13.90
N THR B 219 47.39 -28.25 14.36
CA THR B 219 46.12 -27.58 14.09
C THR B 219 45.92 -26.34 14.95
N LEU B 220 46.68 -26.18 16.03
CA LEU B 220 46.62 -24.94 16.78
C LEU B 220 47.24 -23.78 16.02
N LYS B 221 48.12 -24.06 15.07
CA LYS B 221 48.64 -23.01 14.20
C LYS B 221 47.55 -22.49 13.28
N ARG B 222 46.81 -23.41 12.64
CA ARG B 222 45.75 -23.01 11.71
C ARG B 222 44.55 -22.39 12.42
N LEU B 223 44.35 -22.69 13.71
CA LEU B 223 43.27 -22.05 14.46
C LEU B 223 43.62 -20.63 14.85
N ILE B 224 44.86 -20.19 14.65
CA ILE B 224 45.26 -18.87 15.12
C ILE B 224 45.23 -17.86 13.98
N ASP B 225 45.82 -18.20 12.84
CA ASP B 225 45.93 -17.23 11.76
C ASP B 225 44.76 -17.29 10.78
N TYR B 226 43.83 -18.23 10.96
CA TYR B 226 42.77 -18.43 9.98
C TYR B 226 41.37 -18.49 10.58
N SER B 227 41.24 -18.57 11.90
CA SER B 227 39.93 -18.56 12.55
C SER B 227 39.66 -17.19 13.16
N ASP B 228 38.40 -16.77 13.13
CA ASP B 228 38.04 -15.44 13.63
C ASP B 228 37.77 -15.46 15.12
N ALA B 229 36.92 -16.37 15.57
CA ALA B 229 36.64 -16.55 16.98
C ALA B 229 36.76 -18.02 17.34
N THR B 230 37.24 -18.30 18.55
CA THR B 230 37.52 -19.65 18.98
C THR B 230 37.02 -19.85 20.40
N PHE B 231 36.23 -20.89 20.62
CA PHE B 231 35.73 -21.25 21.94
C PHE B 231 36.52 -22.44 22.47
N VAL B 232 36.93 -22.35 23.73
CA VAL B 232 37.72 -23.39 24.38
C VAL B 232 36.82 -24.19 25.30
N PHE B 233 36.82 -25.51 25.16
CA PHE B 233 36.06 -26.40 26.01
C PHE B 233 36.96 -27.55 26.45
N HIS B 234 37.03 -27.79 27.76
CA HIS B 234 37.81 -28.88 28.32
C HIS B 234 36.89 -30.03 28.68
N ASN B 235 37.24 -31.24 28.24
CA ASN B 235 36.41 -32.41 28.52
C ASN B 235 36.45 -32.79 29.99
N ASP B 236 37.55 -32.47 30.69
CA ASP B 236 37.64 -32.81 32.10
C ASP B 236 36.84 -31.83 32.95
N SER B 237 36.87 -30.54 32.60
CA SER B 237 36.17 -29.54 33.39
C SER B 237 34.67 -29.59 33.17
N LEU B 238 34.22 -30.13 32.05
CA LEU B 238 32.78 -30.22 31.78
C LEU B 238 32.12 -31.29 32.64
N ASN B 239 32.87 -32.34 33.01
CA ASN B 239 32.31 -33.35 33.90
C ASN B 239 32.09 -32.81 35.30
N ARG B 240 32.89 -31.83 35.71
CA ARG B 240 32.73 -31.24 37.03
C ARG B 240 31.50 -30.36 37.11
N ILE B 241 31.09 -29.77 35.98
CA ILE B 241 29.93 -28.89 35.98
C ILE B 241 28.64 -29.70 36.15
N GLU B 242 28.58 -30.88 35.55
CA GLU B 242 27.39 -31.71 35.67
C GLU B 242 27.24 -32.28 37.08
N ASN B 243 28.35 -32.60 37.74
CA ASN B 243 28.31 -33.12 39.10
C ASN B 243 28.32 -31.97 40.10
N PHE B 260 30.52 -39.73 28.35
CA PHE B 260 30.82 -38.69 27.37
C PHE B 260 29.54 -37.99 26.93
N LEU B 261 28.40 -38.62 27.22
CA LEU B 261 27.11 -38.05 26.83
C LEU B 261 26.74 -36.85 27.68
N GLY B 262 27.12 -36.86 28.96
CA GLY B 262 26.77 -35.76 29.85
C GLY B 262 27.49 -34.47 29.51
N ALA B 263 28.70 -34.57 28.97
CA ALA B 263 29.44 -33.38 28.58
C ALA B 263 28.99 -32.80 27.25
N ASN B 264 28.28 -33.57 26.43
CA ASN B 264 27.85 -33.07 25.13
C ASN B 264 26.68 -32.09 25.27
N LYS B 265 25.76 -32.35 26.19
CA LYS B 265 24.62 -31.47 26.38
C LYS B 265 25.04 -30.13 26.98
N LEU B 266 26.15 -30.09 27.72
CA LEU B 266 26.61 -28.82 28.27
C LEU B 266 27.22 -27.93 27.20
N ILE B 267 27.88 -28.54 26.20
CA ILE B 267 28.38 -27.76 25.07
C ILE B 267 27.21 -27.33 24.19
N ALA B 268 26.19 -28.16 24.06
CA ALA B 268 24.99 -27.79 23.32
C ALA B 268 24.19 -26.69 24.03
N LEU B 269 24.33 -26.58 25.36
CA LEU B 269 23.68 -25.50 26.08
C LEU B 269 24.38 -24.16 25.83
N VAL B 270 25.70 -24.18 25.69
CA VAL B 270 26.43 -22.93 25.48
C VAL B 270 26.40 -22.53 24.01
N SER B 271 26.56 -23.49 23.09
CA SER B 271 26.61 -23.18 21.67
C SER B 271 25.26 -22.72 21.13
N ALA B 272 24.16 -23.01 21.83
CA ALA B 272 22.85 -22.55 21.41
C ALA B 272 22.39 -21.30 22.16
N SER B 273 22.97 -21.03 23.33
CA SER B 273 22.60 -19.83 24.08
C SER B 273 23.32 -18.59 23.61
N VAL B 274 24.45 -18.75 22.91
CA VAL B 274 25.19 -17.59 22.42
C VAL B 274 24.43 -16.92 21.28
N SER B 275 23.64 -17.69 20.53
CA SER B 275 22.83 -17.16 19.44
C SER B 275 21.36 -17.03 19.81
N ASN B 276 21.06 -16.93 21.10
CA ASN B 276 19.68 -16.76 21.55
C ASN B 276 19.10 -15.37 21.20
N PRO B 277 19.83 -14.25 21.33
CA PRO B 277 19.29 -13.00 20.76
C PRO B 277 19.40 -12.94 19.25
N LEU B 278 20.17 -13.81 18.62
CA LEU B 278 20.24 -13.85 17.17
C LEU B 278 18.93 -14.39 16.59
N ARG B 279 18.44 -15.51 17.10
CA ARG B 279 17.20 -16.08 16.61
C ARG B 279 15.99 -15.36 17.20
N PHE B 280 15.83 -15.42 18.51
CA PHE B 280 14.75 -14.70 19.18
C PHE B 280 15.08 -13.22 19.18
N PRO B 281 14.30 -12.37 18.52
CA PRO B 281 14.67 -10.95 18.44
C PRO B 281 14.46 -10.24 19.75
N GLY B 282 15.32 -9.26 20.01
CA GLY B 282 15.23 -8.48 21.23
C GLY B 282 15.57 -7.02 21.00
N TYR B 283 15.93 -6.32 22.07
CA TYR B 283 16.28 -4.91 21.93
C TYR B 283 17.68 -4.73 21.35
N MET B 284 18.60 -5.61 21.72
CA MET B 284 20.00 -5.47 21.34
C MET B 284 20.56 -6.83 20.99
N TYR B 285 21.80 -6.83 20.45
CA TYR B 285 22.54 -8.03 20.07
C TYR B 285 21.77 -8.88 19.06
N SER B 286 21.17 -8.21 18.07
CA SER B 286 20.37 -8.91 17.08
C SER B 286 21.24 -9.74 16.14
N SER B 287 22.48 -9.35 15.93
CA SER B 287 23.39 -10.04 15.04
C SER B 287 24.53 -10.67 15.82
N MET B 288 25.17 -11.66 15.20
CA MET B 288 26.32 -12.31 15.84
C MET B 288 27.54 -11.40 15.82
N GLU B 289 27.62 -10.48 14.84
CA GLU B 289 28.74 -9.56 14.76
C GLU B 289 28.78 -8.60 15.94
N SER B 290 27.63 -8.26 16.51
CA SER B 290 27.59 -7.38 17.67
C SER B 290 27.81 -8.13 18.98
N ILE B 291 27.84 -9.46 18.95
CA ILE B 291 28.10 -10.24 20.15
C ILE B 291 29.59 -10.51 20.31
N VAL B 292 30.24 -10.95 19.24
CA VAL B 292 31.66 -11.27 19.29
C VAL B 292 32.51 -10.01 19.36
N SER B 293 31.99 -8.86 18.91
CA SER B 293 32.77 -7.62 18.91
C SER B 293 33.07 -7.11 20.31
N ASN B 294 32.33 -7.54 21.33
CA ASN B 294 32.66 -7.17 22.69
C ASN B 294 33.78 -8.05 23.26
N LEU B 295 33.72 -9.35 22.99
CA LEU B 295 34.60 -10.29 23.67
C LEU B 295 36.01 -10.30 23.10
N ILE B 296 36.18 -9.97 21.83
CA ILE B 296 37.50 -10.03 21.21
C ILE B 296 37.98 -8.62 20.87
N PRO B 297 38.85 -8.02 21.69
CA PRO B 297 39.31 -6.66 21.41
C PRO B 297 40.41 -6.60 20.37
N THR B 298 41.22 -7.64 20.28
CA THR B 298 42.32 -7.73 19.34
C THR B 298 42.36 -9.15 18.78
N PRO B 299 42.73 -9.32 17.50
CA PRO B 299 42.61 -10.65 16.89
C PRO B 299 43.62 -11.67 17.38
N ASP B 300 44.69 -11.24 18.05
CA ASP B 300 45.71 -12.17 18.49
C ASP B 300 45.40 -12.84 19.82
N LEU B 301 44.25 -12.56 20.43
CA LEU B 301 43.83 -13.18 21.68
C LEU B 301 42.35 -13.54 21.62
N LYS B 302 41.95 -14.10 20.48
CA LYS B 302 40.55 -14.40 20.18
C LYS B 302 40.02 -15.64 20.89
N PHE B 303 40.84 -16.34 21.67
CA PHE B 303 40.38 -17.54 22.35
C PHE B 303 39.40 -17.19 23.46
N LEU B 304 38.29 -17.91 23.52
CA LEU B 304 37.19 -17.61 24.43
C LEU B 304 36.85 -18.84 25.26
N THR B 305 36.46 -18.60 26.51
CA THR B 305 35.95 -19.64 27.39
C THR B 305 34.51 -19.31 27.78
N SER B 306 33.87 -20.24 28.49
CA SER B 306 32.46 -20.09 28.83
C SER B 306 32.22 -20.58 30.25
N SER B 307 31.01 -20.31 30.73
CA SER B 307 30.59 -20.69 32.08
C SER B 307 29.11 -21.01 32.07
N ILE B 308 28.73 -22.05 32.81
CA ILE B 308 27.33 -22.47 32.93
C ILE B 308 26.90 -22.31 34.37
N ALA B 309 25.70 -21.75 34.57
CA ALA B 309 25.23 -21.41 35.91
C ALA B 309 24.75 -22.63 36.70
N PRO B 310 23.88 -23.52 36.16
CA PRO B 310 23.54 -24.61 37.08
C PRO B 310 24.57 -25.74 37.08
N LEU B 319 19.07 -18.64 42.08
CA LEU B 319 17.72 -18.59 41.54
C LEU B 319 17.28 -17.15 41.31
N ASN B 320 17.92 -16.22 42.00
CA ASN B 320 17.62 -14.80 41.86
C ASN B 320 18.47 -14.19 40.77
N GLU B 321 17.96 -13.11 40.17
CA GLU B 321 18.70 -12.41 39.13
C GLU B 321 19.91 -11.67 39.66
N TYR B 322 19.90 -11.29 40.95
CA TYR B 322 21.09 -10.71 41.56
C TYR B 322 22.09 -11.79 41.93
N ASP B 323 21.60 -12.97 42.34
CA ASP B 323 22.47 -14.07 42.69
C ASP B 323 23.00 -14.83 41.49
N MET B 324 22.31 -14.76 40.34
CA MET B 324 22.79 -15.45 39.16
C MET B 324 24.03 -14.79 38.58
N LEU B 325 24.12 -13.46 38.68
CA LEU B 325 25.30 -12.75 38.22
C LEU B 325 26.50 -12.95 39.14
N LEU B 326 26.26 -13.39 40.37
CA LEU B 326 27.36 -13.67 41.29
C LEU B 326 27.84 -15.11 41.20
N GLU B 327 26.96 -16.03 40.79
CA GLU B 327 27.36 -17.43 40.66
C GLU B 327 28.06 -17.70 39.34
N LEU B 328 27.83 -16.86 38.32
CA LEU B 328 28.50 -17.05 37.04
C LEU B 328 29.96 -16.63 37.11
N SER B 329 30.30 -15.67 37.97
CA SER B 329 31.65 -15.16 38.06
C SER B 329 32.57 -16.04 38.88
N ASN B 330 32.05 -17.08 39.52
CA ASN B 330 32.88 -17.97 40.32
C ASN B 330 33.70 -18.89 39.43
N ASP B 331 34.89 -19.23 39.91
CA ASP B 331 35.80 -20.10 39.16
C ASP B 331 35.41 -21.57 39.23
N ARG B 332 34.44 -21.93 40.06
CA ARG B 332 34.01 -23.33 40.14
C ARG B 332 33.21 -23.73 38.90
N TYR B 333 32.37 -22.81 38.41
CA TYR B 333 31.52 -23.07 37.24
C TYR B 333 32.24 -22.55 36.01
N LYS B 334 33.15 -23.37 35.47
CA LYS B 334 33.92 -22.98 34.29
C LYS B 334 34.05 -24.19 33.38
N THR B 335 34.11 -23.93 32.08
CA THR B 335 34.33 -24.99 31.10
C THR B 335 35.80 -25.21 30.81
N ASN B 336 36.66 -24.27 31.16
CA ASN B 336 38.09 -24.35 30.90
C ASN B 336 38.86 -24.46 32.20
N ARG B 337 40.10 -24.93 32.11
CA ARG B 337 40.99 -25.00 33.25
C ARG B 337 41.33 -23.60 33.74
N VAL B 338 41.19 -23.38 35.05
CA VAL B 338 41.40 -22.08 35.67
C VAL B 338 42.59 -22.18 36.60
N GLY B 339 43.53 -21.26 36.46
CA GLY B 339 44.70 -21.20 37.33
C GLY B 339 44.40 -20.49 38.63
N GLY B 340 45.48 -20.00 39.25
CA GLY B 340 45.36 -19.31 40.52
C GLY B 340 44.88 -17.88 40.37
N ASP B 341 45.67 -17.05 39.67
CA ASP B 341 45.36 -15.65 39.48
C ASP B 341 45.08 -15.41 38.00
N THR B 342 43.80 -15.26 37.65
CA THR B 342 43.38 -15.02 36.29
C THR B 342 42.73 -13.64 36.20
N SER B 343 43.08 -12.89 35.17
CA SER B 343 42.55 -11.55 34.96
C SER B 343 41.77 -11.52 33.65
N TYR B 344 40.55 -11.00 33.71
CA TYR B 344 39.63 -11.07 32.59
C TYR B 344 39.84 -9.88 31.66
N ILE B 345 39.58 -10.09 30.37
CA ILE B 345 39.68 -9.03 29.37
C ILE B 345 38.32 -8.43 29.05
N SER B 346 37.36 -9.27 28.66
CA SER B 346 36.01 -8.81 28.38
C SER B 346 35.02 -9.91 28.76
N MET B 347 33.84 -9.50 29.22
CA MET B 347 32.85 -10.42 29.75
C MET B 347 31.49 -10.15 29.13
N LEU B 348 30.72 -11.22 28.92
CA LEU B 348 29.35 -11.13 28.44
C LEU B 348 28.50 -12.09 29.24
N ASN B 349 27.40 -11.59 29.82
CA ASN B 349 26.50 -12.40 30.62
C ASN B 349 25.19 -12.61 29.87
N TYR B 350 24.75 -13.86 29.79
CA TYR B 350 23.52 -14.23 29.10
C TYR B 350 22.49 -14.62 30.15
N LEU B 351 21.53 -13.74 30.40
CA LEU B 351 20.39 -14.07 31.25
C LEU B 351 19.21 -14.40 30.34
N ILE B 352 19.09 -15.68 29.98
CA ILE B 352 18.11 -16.12 29.01
C ILE B 352 16.89 -16.75 29.68
N GLY B 353 16.74 -16.58 30.99
CA GLY B 353 15.64 -17.22 31.69
C GLY B 353 14.54 -16.26 32.08
N TYR B 354 14.24 -15.31 31.18
CA TYR B 354 13.14 -14.35 31.32
C TYR B 354 13.27 -13.53 32.61
N ASN B 355 14.31 -12.73 32.65
CA ASN B 355 14.50 -11.75 33.72
C ASN B 355 13.77 -10.47 33.34
N LEU B 356 12.84 -10.05 34.19
CA LEU B 356 12.03 -8.87 33.91
C LEU B 356 12.19 -7.76 34.94
N ASP B 357 12.34 -8.11 36.21
CA ASP B 357 12.53 -7.10 37.26
C ASP B 357 13.98 -6.64 37.20
N GLN B 358 14.20 -5.51 36.54
CA GLN B 358 15.55 -4.96 36.38
C GLN B 358 15.85 -4.02 37.54
N ARG B 359 15.87 -4.59 38.74
CA ARG B 359 16.36 -3.90 39.92
C ARG B 359 17.48 -4.73 40.53
N GLU B 360 17.35 -6.05 40.43
CA GLU B 360 18.38 -6.97 40.89
C GLU B 360 19.50 -7.15 39.88
N ILE B 361 19.23 -6.95 38.59
CA ILE B 361 20.29 -6.96 37.59
C ILE B 361 21.20 -5.75 37.78
N ARG B 362 20.62 -4.60 38.13
CA ARG B 362 21.41 -3.40 38.33
C ARG B 362 22.35 -3.52 39.52
N LYS B 363 21.98 -4.29 40.53
CA LYS B 363 22.89 -4.54 41.65
C LYS B 363 23.93 -5.59 41.31
N GLY B 364 23.59 -6.56 40.45
CA GLY B 364 24.54 -7.58 40.06
C GLY B 364 25.62 -7.07 39.13
N ILE B 365 25.30 -6.08 38.30
CA ILE B 365 26.30 -5.49 37.41
C ILE B 365 27.23 -4.58 38.21
N LEU B 366 26.66 -3.75 39.09
CA LEU B 366 27.47 -2.83 39.90
C LEU B 366 28.35 -3.57 40.89
N LYS B 367 27.94 -4.77 41.31
CA LYS B 367 28.80 -5.57 42.18
C LYS B 367 29.93 -6.21 41.40
N SER B 368 29.69 -6.60 40.15
CA SER B 368 30.70 -7.23 39.32
C SER B 368 31.67 -6.24 38.70
N GLN B 369 31.52 -4.94 38.95
CA GLN B 369 32.46 -3.97 38.41
C GLN B 369 33.67 -3.80 39.31
N GLN B 370 33.46 -3.81 40.63
CA GLN B 370 34.52 -3.55 41.60
C GLN B 370 34.81 -4.78 42.45
N ARG B 371 34.63 -5.96 41.88
CA ARG B 371 34.97 -7.20 42.59
C ARG B 371 35.89 -8.09 41.80
N ILE B 372 35.72 -8.18 40.49
CA ILE B 372 36.48 -9.09 39.65
C ILE B 372 37.73 -8.37 39.15
N SER B 373 38.77 -9.15 38.88
CA SER B 373 40.03 -8.59 38.41
C SER B 373 39.90 -8.11 36.97
N PHE B 374 40.67 -7.09 36.63
CA PHE B 374 40.55 -6.42 35.34
C PHE B 374 41.92 -6.19 34.71
N VAL B 375 41.93 -6.17 33.39
CA VAL B 375 43.12 -5.81 32.63
C VAL B 375 43.18 -4.29 32.49
N PRO B 376 44.33 -3.65 32.74
CA PRO B 376 44.34 -2.18 32.85
C PRO B 376 44.02 -1.43 31.57
N TRP B 377 44.45 -1.91 30.41
CA TRP B 377 44.24 -1.12 29.19
C TRP B 377 42.81 -1.24 28.66
N VAL B 378 42.10 -2.31 29.00
CA VAL B 378 40.73 -2.49 28.53
C VAL B 378 39.77 -1.83 29.50
N ALA B 379 38.59 -1.47 29.00
CA ALA B 379 37.54 -0.90 29.83
C ALA B 379 36.73 -2.01 30.47
N ARG B 380 36.68 -2.01 31.80
CA ARG B 380 36.00 -3.06 32.55
C ARG B 380 34.50 -2.81 32.52
N SER B 381 33.78 -3.62 31.73
CA SER B 381 32.33 -3.52 31.64
C SER B 381 31.74 -4.92 31.63
N VAL B 382 30.70 -5.12 32.42
CA VAL B 382 30.00 -6.40 32.47
C VAL B 382 28.69 -6.28 31.71
N LEU B 383 28.70 -6.64 30.43
CA LEU B 383 27.51 -6.56 29.60
C LEU B 383 26.60 -7.74 29.88
N VAL B 384 25.38 -7.45 30.32
CA VAL B 384 24.35 -8.47 30.56
C VAL B 384 23.40 -8.47 29.37
N VAL B 385 23.05 -9.66 28.91
CA VAL B 385 22.17 -9.84 27.76
C VAL B 385 20.86 -10.43 28.23
N HIS B 386 19.77 -9.68 28.08
CA HIS B 386 18.45 -10.17 28.41
C HIS B 386 17.93 -11.06 27.29
N GLY B 387 17.76 -12.34 27.57
CA GLY B 387 17.28 -13.30 26.59
C GLY B 387 15.86 -13.73 26.89
N LYS B 388 15.04 -13.77 25.85
CA LYS B 388 13.67 -14.23 25.99
C LYS B 388 13.61 -15.75 25.97
N LYS B 389 12.71 -16.32 26.76
CA LYS B 389 12.58 -17.76 26.82
C LYS B 389 11.85 -18.29 25.60
N SER B 390 12.11 -19.54 25.27
CA SER B 390 11.43 -20.18 24.15
C SER B 390 10.00 -20.52 24.57
N PRO B 391 8.99 -20.08 23.83
CA PRO B 391 7.60 -20.37 24.22
C PRO B 391 7.22 -21.83 24.07
N TYR B 392 7.92 -22.59 23.22
CA TYR B 392 7.60 -24.01 23.07
C TYR B 392 8.07 -24.81 24.28
N LEU B 393 9.15 -24.37 24.92
CA LEU B 393 9.65 -25.05 26.11
C LEU B 393 9.01 -24.46 27.37
N LYS B 394 8.99 -25.27 28.43
CA LYS B 394 8.42 -24.84 29.69
C LYS B 394 9.44 -24.00 30.47
N ASN B 395 8.91 -23.10 31.29
CA ASN B 395 9.73 -22.18 32.09
C ASN B 395 10.23 -22.93 33.33
N THR B 396 11.48 -23.38 33.28
CA THR B 396 12.05 -24.07 34.43
C THR B 396 12.54 -23.09 35.49
N ASN B 397 13.53 -22.27 35.13
CA ASN B 397 14.11 -21.29 36.05
C ASN B 397 14.88 -20.27 35.21
N LEU B 398 15.66 -19.44 35.90
CA LEU B 398 16.55 -18.49 35.23
C LEU B 398 17.83 -19.21 34.81
N GLU B 399 18.20 -19.07 33.55
CA GLU B 399 19.38 -19.73 33.00
C GLU B 399 20.47 -18.70 32.70
N GLY B 400 21.70 -19.05 33.06
CA GLY B 400 22.82 -18.15 32.86
C GLY B 400 24.02 -18.78 32.17
N ILE B 401 24.53 -18.11 31.13
CA ILE B 401 25.69 -18.57 30.37
C ILE B 401 26.65 -17.39 30.26
N GLN B 402 27.76 -17.44 30.99
CA GLN B 402 28.74 -16.37 30.94
C GLN B 402 29.89 -16.77 30.02
N VAL B 403 30.04 -16.04 28.92
CA VAL B 403 31.14 -16.24 27.98
C VAL B 403 32.11 -15.08 28.14
N THR B 404 33.40 -15.39 28.17
CA THR B 404 34.42 -14.37 28.40
C THR B 404 35.75 -14.88 27.86
N ASN B 405 36.72 -13.96 27.79
CA ASN B 405 38.10 -14.32 27.50
C ASN B 405 38.98 -13.71 28.58
N ASN B 406 39.89 -14.52 29.13
CA ASN B 406 40.67 -14.12 30.29
C ASN B 406 42.10 -14.58 30.09
N THR B 407 42.92 -14.40 31.11
CA THR B 407 44.31 -14.82 31.11
C THR B 407 44.44 -16.30 31.47
N SER B 408 43.33 -16.97 31.78
CA SER B 408 43.32 -18.35 32.24
C SER B 408 43.56 -19.37 31.13
N MET B 409 43.90 -18.93 29.92
CA MET B 409 44.20 -19.84 28.81
C MET B 409 45.69 -19.93 28.53
N ILE B 410 46.53 -19.50 29.47
CA ILE B 410 47.97 -19.72 29.35
C ILE B 410 48.34 -21.13 29.80
N ASP B 411 47.71 -21.60 30.89
CA ASP B 411 48.15 -22.85 31.53
C ASP B 411 47.90 -24.07 30.67
N VAL B 412 46.94 -24.01 29.73
CA VAL B 412 46.73 -25.15 28.85
C VAL B 412 47.61 -25.03 27.60
N PHE B 413 47.97 -23.81 27.20
CA PHE B 413 48.85 -23.68 26.04
C PHE B 413 50.28 -24.08 26.37
N THR B 414 50.80 -23.67 27.53
CA THR B 414 52.14 -24.08 27.92
C THR B 414 52.19 -25.55 28.30
N LYS B 415 51.05 -26.14 28.66
CA LYS B 415 50.99 -27.59 28.85
C LYS B 415 51.19 -28.31 27.52
N ILE B 416 50.63 -27.76 26.44
CA ILE B 416 50.86 -28.32 25.11
C ILE B 416 52.31 -28.07 24.69
N LEU B 417 52.86 -26.91 25.04
CA LEU B 417 54.28 -26.67 24.79
C LEU B 417 55.18 -27.60 25.60
N LYS B 418 54.73 -27.97 26.81
CA LYS B 418 55.55 -28.85 27.65
C LYS B 418 55.59 -30.27 27.10
N GLN B 419 54.45 -30.77 26.63
CA GLN B 419 54.43 -32.10 26.01
C GLN B 419 55.05 -32.10 24.63
N PHE B 420 55.15 -30.94 23.98
CA PHE B 420 55.79 -30.86 22.67
C PHE B 420 57.30 -30.70 22.76
N ASP B 421 57.77 -29.84 23.67
CA ASP B 421 59.21 -29.66 23.83
C ASP B 421 59.87 -30.89 24.43
N LEU B 422 59.15 -31.65 25.24
CA LEU B 422 59.71 -32.88 25.79
C LEU B 422 59.76 -34.00 24.76
N LEU B 423 58.86 -33.97 23.77
CA LEU B 423 58.81 -35.04 22.79
C LEU B 423 59.83 -34.83 21.68
N ILE B 424 60.12 -33.58 21.33
CA ILE B 424 61.13 -33.29 20.31
C ILE B 424 62.52 -33.65 20.82
N LYS B 425 62.77 -33.41 22.11
CA LYS B 425 64.05 -33.79 22.70
C LYS B 425 64.21 -35.30 22.80
N ARG B 426 63.10 -36.04 22.79
CA ARG B 426 63.15 -37.49 22.89
C ARG B 426 63.17 -38.17 21.51
N LYS B 427 62.54 -37.53 20.51
CA LYS B 427 62.44 -38.04 19.13
C LYS B 427 61.78 -39.42 19.11
N ALA B 428 60.49 -39.40 19.41
CA ALA B 428 59.69 -40.62 19.38
C ALA B 428 59.37 -41.04 17.95
N VAL B 437 60.66 -41.66 3.73
CA VAL B 437 61.54 -40.79 2.95
C VAL B 437 60.77 -39.56 2.46
N GLU B 438 61.40 -38.39 2.61
CA GLU B 438 60.96 -37.08 2.11
C GLU B 438 59.76 -36.55 2.90
N GLU B 439 59.20 -37.36 3.79
CA GLU B 439 58.13 -36.90 4.68
C GLU B 439 58.64 -36.49 6.05
N GLU B 440 59.90 -36.78 6.38
CA GLU B 440 60.42 -36.42 7.68
C GLU B 440 60.89 -34.96 7.73
N ASN B 441 61.60 -34.51 6.70
CA ASN B 441 62.16 -33.17 6.70
C ASN B 441 61.10 -32.08 6.56
N GLU B 442 59.88 -32.43 6.12
CA GLU B 442 58.83 -31.43 6.00
C GLU B 442 58.03 -31.30 7.29
N VAL B 443 57.83 -32.41 8.01
CA VAL B 443 57.03 -32.34 9.23
C VAL B 443 57.82 -31.75 10.38
N MET B 444 59.16 -31.82 10.36
CA MET B 444 59.94 -31.08 11.34
C MET B 444 59.90 -29.58 11.06
N GLU B 445 59.76 -29.20 9.79
CA GLU B 445 59.54 -27.80 9.46
C GLU B 445 58.16 -27.35 9.92
N MET B 446 57.15 -28.20 9.72
CA MET B 446 55.81 -27.85 10.16
C MET B 446 55.68 -27.90 11.68
N PHE B 447 56.47 -28.75 12.35
CA PHE B 447 56.52 -28.73 13.80
C PHE B 447 57.22 -27.47 14.30
N ASN B 448 58.19 -26.96 13.53
CA ASN B 448 58.91 -25.76 13.95
C ASN B 448 58.06 -24.52 13.76
N GLU B 449 57.39 -24.40 12.61
CA GLU B 449 56.59 -23.22 12.32
C GLU B 449 55.37 -23.13 13.23
N SER B 450 54.82 -24.28 13.64
CA SER B 450 53.68 -24.27 14.54
C SER B 450 54.08 -23.98 15.98
N ARG B 451 55.37 -24.03 16.31
CA ARG B 451 55.79 -23.83 17.68
C ARG B 451 55.85 -22.36 18.06
N GLU B 452 56.54 -21.53 17.26
CA GLU B 452 56.53 -20.09 17.52
C GLU B 452 55.26 -19.41 17.03
N SER B 453 54.38 -20.13 16.33
CA SER B 453 53.06 -19.60 16.05
C SER B 453 52.21 -19.58 17.31
N VAL B 454 52.36 -20.60 18.17
CA VAL B 454 51.66 -20.63 19.44
C VAL B 454 52.54 -20.16 20.60
N LYS B 455 53.83 -19.92 20.36
CA LYS B 455 54.66 -19.27 21.37
C LYS B 455 54.48 -17.76 21.33
N SER B 456 54.17 -17.19 20.17
CA SER B 456 53.91 -15.76 20.09
C SER B 456 52.59 -15.40 20.74
N ILE B 457 51.63 -16.32 20.76
CA ILE B 457 50.38 -16.05 21.44
C ILE B 457 50.52 -16.19 22.96
N ILE B 458 51.57 -16.88 23.43
CA ILE B 458 51.85 -16.94 24.86
C ILE B 458 52.45 -15.62 25.33
N ASP B 459 53.42 -15.09 24.57
CA ASP B 459 53.98 -13.78 24.90
C ASP B 459 52.98 -12.65 24.72
N GLU B 460 51.92 -12.87 23.93
CA GLU B 460 50.88 -11.85 23.82
C GLU B 460 50.01 -11.81 25.07
N TYR B 461 49.73 -12.98 25.67
CA TYR B 461 48.98 -13.01 26.91
C TYR B 461 49.79 -12.49 28.08
N LYS B 462 51.10 -12.69 28.06
CA LYS B 462 51.95 -12.21 29.15
C LYS B 462 52.21 -10.71 29.04
N ALA B 463 52.08 -10.13 27.85
CA ALA B 463 52.35 -8.72 27.68
C ALA B 463 51.14 -7.87 28.05
N CYS B 464 49.93 -8.33 27.75
CA CYS B 464 48.75 -7.54 28.02
C CYS B 464 48.40 -7.47 29.50
N LYS B 465 48.95 -8.37 30.32
CA LYS B 465 48.65 -8.36 31.74
C LYS B 465 49.39 -7.24 32.47
N GLU B 466 50.62 -6.96 32.05
CA GLU B 466 51.47 -6.03 32.76
C GLU B 466 51.34 -4.61 32.20
N ILE B 467 52.20 -3.71 32.67
CA ILE B 467 52.23 -2.33 32.19
C ILE B 467 53.07 -2.20 30.92
N THR B 468 53.86 -3.22 30.59
CA THR B 468 54.72 -3.22 29.41
C THR B 468 53.96 -3.23 28.09
N TYR B 469 52.63 -3.36 28.12
CA TYR B 469 51.83 -3.33 26.91
C TYR B 469 51.68 -1.91 26.38
N LEU B 470 51.55 -0.93 27.26
CA LEU B 470 51.25 0.44 26.88
C LEU B 470 52.51 1.29 26.74
N ASP B 471 53.47 0.76 25.99
CA ASP B 471 54.69 1.51 25.65
C ASP B 471 55.35 0.84 24.45
N ASP B 472 56.47 1.41 24.04
CA ASP B 472 57.23 0.90 22.89
C ASP B 472 58.09 -0.29 23.28
N ILE C 91 -68.95 52.91 46.62
CA ILE C 91 -67.64 53.22 47.18
C ILE C 91 -66.74 52.01 47.12
N ILE C 92 -67.33 50.86 46.86
CA ILE C 92 -66.58 49.60 46.75
C ILE C 92 -66.63 49.03 45.34
N ARG C 93 -67.68 49.30 44.57
CA ARG C 93 -67.82 48.68 43.25
C ARG C 93 -66.81 49.22 42.25
N GLU C 94 -66.36 50.47 42.43
CA GLU C 94 -65.45 51.03 41.44
C GLU C 94 -64.02 50.51 41.59
N LEU C 95 -63.63 50.10 42.80
CA LEU C 95 -62.31 49.50 42.99
C LEU C 95 -62.32 48.01 42.69
N LEU C 96 -63.49 47.41 42.45
CA LEU C 96 -63.56 46.01 42.06
C LEU C 96 -63.03 45.78 40.65
N PHE C 97 -63.04 46.81 39.81
CA PHE C 97 -62.56 46.70 38.44
C PHE C 97 -61.17 47.28 38.25
N THR C 98 -60.62 47.98 39.24
CA THR C 98 -59.32 48.63 39.07
C THR C 98 -58.16 47.65 39.16
N LEU C 99 -58.29 46.58 39.95
CA LEU C 99 -57.23 45.59 40.03
C LEU C 99 -57.17 44.69 38.81
N LEU C 100 -58.15 44.79 37.91
CA LEU C 100 -58.11 44.09 36.63
C LEU C 100 -57.43 44.91 35.54
N GLY C 101 -56.67 45.94 35.92
CA GLY C 101 -55.96 46.78 34.98
C GLY C 101 -56.88 47.68 34.18
N HIS C 102 -57.92 48.21 34.83
CA HIS C 102 -58.95 48.98 34.14
C HIS C 102 -59.28 50.21 34.95
N GLU C 103 -60.07 51.10 34.34
CA GLU C 103 -60.42 52.35 35.00
C GLU C 103 -61.54 52.14 36.02
N GLY C 104 -61.60 53.05 37.00
CA GLY C 104 -62.65 53.04 37.98
C GLY C 104 -63.34 54.39 38.06
N HIS C 105 -63.02 55.26 37.10
CA HIS C 105 -63.65 56.56 36.84
C HIS C 105 -63.32 57.62 37.90
N TYR C 106 -62.64 57.23 38.98
CA TYR C 106 -62.38 58.18 40.07
C TYR C 106 -60.91 58.20 40.48
N ILE C 107 -60.23 57.06 40.42
CA ILE C 107 -58.94 56.92 41.09
C ILE C 107 -57.75 57.21 40.16
N GLN C 108 -57.66 56.50 39.04
CA GLN C 108 -56.48 56.54 38.18
C GLN C 108 -56.90 56.00 36.82
N TYR C 109 -55.92 55.86 35.90
CA TYR C 109 -56.26 55.37 34.56
C TYR C 109 -56.23 53.85 34.53
N SER C 110 -56.17 53.27 33.33
CA SER C 110 -56.07 51.80 33.17
C SER C 110 -54.83 51.21 33.84
N ASN C 132 -57.46 61.07 42.70
CA ASN C 132 -58.66 61.58 43.35
C ASN C 132 -58.34 62.71 44.31
N LEU C 133 -59.30 63.62 44.50
CA LEU C 133 -59.14 64.79 45.34
C LEU C 133 -60.05 64.81 46.56
N ASP C 134 -60.83 63.74 46.77
CA ASP C 134 -61.79 63.64 47.86
C ASP C 134 -61.28 62.77 49.00
N ILE C 135 -60.00 62.90 49.37
CA ILE C 135 -59.34 61.98 50.28
C ILE C 135 -59.96 62.04 51.67
N SER C 136 -60.72 60.99 52.01
CA SER C 136 -61.30 60.80 53.33
C SER C 136 -60.36 59.96 54.19
N LEU C 137 -60.91 59.38 55.27
CA LEU C 137 -60.16 58.48 56.15
C LEU C 137 -59.87 57.12 55.52
N LYS C 138 -60.09 56.98 54.21
CA LYS C 138 -59.86 55.75 53.47
C LYS C 138 -58.37 55.42 53.33
N VAL C 139 -57.75 55.05 54.45
CA VAL C 139 -56.33 54.71 54.45
C VAL C 139 -56.11 53.33 53.86
N ILE C 140 -57.08 52.43 54.01
CA ILE C 140 -56.90 51.04 53.60
C ILE C 140 -56.88 50.89 52.08
N THR C 141 -57.39 51.86 51.32
CA THR C 141 -57.30 51.79 49.87
C THR C 141 -56.05 52.45 49.32
N LYS C 142 -55.16 52.94 50.19
CA LYS C 142 -53.90 53.52 49.71
C LYS C 142 -53.00 52.45 49.13
N LYS C 143 -52.98 51.26 49.72
CA LYS C 143 -52.19 50.14 49.23
C LYS C 143 -52.99 49.21 48.31
N LEU C 144 -54.30 49.34 48.28
CA LEU C 144 -55.13 48.44 47.48
C LEU C 144 -54.98 48.72 45.99
N VAL C 145 -54.97 50.00 45.60
CA VAL C 145 -54.80 50.34 44.19
C VAL C 145 -53.36 50.20 43.74
N LYS C 146 -52.41 50.11 44.68
CA LYS C 146 -51.03 49.86 44.31
C LYS C 146 -50.80 48.39 43.99
N PHE C 147 -51.53 47.49 44.66
CA PHE C 147 -51.39 46.07 44.41
C PHE C 147 -51.97 45.69 43.05
N GLY C 148 -53.09 46.30 42.67
CA GLY C 148 -53.71 46.01 41.41
C GLY C 148 -53.21 46.82 40.23
N LYS C 149 -52.21 47.68 40.44
CA LYS C 149 -51.70 48.51 39.35
C LYS C 149 -50.85 47.69 38.38
N PHE C 150 -49.97 46.84 38.91
CA PHE C 150 -49.07 46.03 38.09
C PHE C 150 -49.67 44.67 37.74
N TYR C 151 -51.00 44.53 37.82
CA TYR C 151 -51.65 43.31 37.33
C TYR C 151 -51.51 43.17 35.83
N SER C 152 -51.64 44.27 35.08
CA SER C 152 -51.49 44.22 33.64
C SER C 152 -50.03 44.07 33.22
N GLY C 153 -49.09 44.23 34.16
CA GLY C 153 -47.69 43.98 33.85
C GLY C 153 -47.41 42.54 33.53
N LEU C 154 -48.17 41.61 34.11
CA LEU C 154 -48.05 40.21 33.73
C LEU C 154 -48.70 39.96 32.38
N LYS C 155 -49.89 40.52 32.16
CA LYS C 155 -50.61 40.28 30.91
C LYS C 155 -49.91 40.92 29.72
N SER C 156 -49.28 42.09 29.92
CA SER C 156 -48.48 42.68 28.86
C SER C 156 -47.19 41.90 28.64
N PHE C 157 -46.70 41.20 29.66
CA PHE C 157 -45.50 40.39 29.51
C PHE C 157 -45.76 39.15 28.67
N ILE C 158 -47.01 38.68 28.62
CA ILE C 158 -47.34 37.48 27.87
C ILE C 158 -47.33 37.75 26.38
N GLN C 159 -47.93 38.86 25.96
CA GLN C 159 -48.19 39.08 24.54
C GLN C 159 -46.93 39.42 23.76
N VAL C 160 -45.85 39.82 24.43
CA VAL C 160 -44.64 40.20 23.72
C VAL C 160 -43.56 39.12 23.79
N PHE C 161 -43.45 38.41 24.90
CA PHE C 161 -42.37 37.44 25.09
C PHE C 161 -42.78 36.01 24.74
N ASP C 162 -43.96 35.81 24.15
CA ASP C 162 -44.38 34.48 23.74
C ASP C 162 -44.04 34.17 22.29
N ASN C 163 -43.21 34.98 21.66
CA ASN C 163 -42.85 34.78 20.27
C ASN C 163 -41.91 33.60 20.11
N ASN C 164 -41.61 33.25 18.85
CA ASN C 164 -40.74 32.12 18.56
C ASN C 164 -39.30 32.38 18.98
N LYS C 165 -38.89 33.63 19.09
CA LYS C 165 -37.54 33.98 19.53
C LYS C 165 -37.48 33.93 21.05
N PHE C 166 -36.41 34.49 21.62
CA PHE C 166 -36.19 34.64 23.06
C PHE C 166 -36.08 33.31 23.79
N GLY C 167 -35.75 32.25 23.09
CA GLY C 167 -35.51 30.96 23.71
C GLY C 167 -36.77 30.20 24.05
N LYS C 168 -36.59 28.91 24.35
CA LYS C 168 -37.69 28.02 24.64
C LYS C 168 -38.03 27.97 26.12
N ILE C 169 -37.09 28.33 27.00
CA ILE C 169 -37.33 28.18 28.43
C ILE C 169 -38.18 29.32 28.97
N VAL C 170 -38.31 30.42 28.21
CA VAL C 170 -39.19 31.49 28.64
C VAL C 170 -40.62 31.22 28.19
N GLN C 171 -40.80 30.28 27.26
CA GLN C 171 -42.15 29.95 26.81
C GLN C 171 -42.89 29.14 27.86
N LYS C 172 -42.19 28.21 28.52
CA LYS C 172 -42.80 27.47 29.62
C LYS C 172 -43.10 28.39 30.79
N PHE C 173 -42.23 29.38 31.03
CA PHE C 173 -42.52 30.39 32.04
C PHE C 173 -43.67 31.28 31.63
N CYS C 174 -43.83 31.53 30.32
CA CYS C 174 -44.97 32.30 29.85
C CYS C 174 -46.28 31.53 30.02
N SER C 175 -46.21 30.19 30.05
CA SER C 175 -47.38 29.40 30.34
C SER C 175 -47.72 29.40 31.83
N GLU C 176 -46.71 29.54 32.69
CA GLU C 176 -46.95 29.52 34.12
C GLU C 176 -47.55 30.82 34.62
N VAL C 177 -47.16 31.96 34.02
CA VAL C 177 -47.77 33.23 34.42
C VAL C 177 -49.20 33.31 33.89
N ARG C 178 -49.48 32.70 32.73
CA ARG C 178 -50.84 32.69 32.22
C ARG C 178 -51.73 31.72 33.00
N LYS C 179 -51.14 30.67 33.59
CA LYS C 179 -51.89 29.82 34.49
C LYS C 179 -52.24 30.56 35.77
N PHE C 180 -51.38 31.49 36.20
CA PHE C 180 -51.71 32.34 37.33
C PHE C 180 -52.76 33.39 36.98
N LEU C 181 -52.83 33.78 35.71
CA LEU C 181 -53.87 34.72 35.28
C LEU C 181 -55.26 34.12 35.39
N SER C 182 -55.38 32.81 35.15
CA SER C 182 -56.66 32.15 35.40
C SER C 182 -56.90 31.93 36.88
N SER C 183 -55.85 31.64 37.65
CA SER C 183 -55.99 31.54 39.10
C SER C 183 -56.19 32.90 39.75
N TYR C 184 -55.76 33.99 39.09
CA TYR C 184 -56.11 35.32 39.56
C TYR C 184 -57.61 35.56 39.43
N GLN C 185 -58.16 35.35 38.23
CA GLN C 185 -59.58 35.59 38.00
C GLN C 185 -60.47 34.59 38.69
N GLN C 186 -59.93 33.48 39.21
CA GLN C 186 -60.72 32.50 39.92
C GLN C 186 -61.24 33.04 41.24
N VAL C 187 -60.52 33.96 41.87
CA VAL C 187 -60.95 34.54 43.15
C VAL C 187 -61.82 35.78 42.97
N LEU C 188 -61.90 36.33 41.76
CA LEU C 188 -62.76 37.49 41.53
C LEU C 188 -64.24 37.12 41.46
N ILE C 189 -64.57 35.84 41.33
CA ILE C 189 -65.97 35.44 41.46
C ILE C 189 -66.38 35.46 42.93
N ASN C 190 -65.45 35.13 43.83
CA ASN C 190 -65.79 35.07 45.26
C ASN C 190 -66.02 36.46 45.85
N VAL C 191 -65.24 37.46 45.41
CA VAL C 191 -65.47 38.81 45.89
C VAL C 191 -66.72 39.39 45.24
N GLU C 192 -67.06 38.95 44.03
CA GLU C 192 -68.32 39.33 43.42
C GLU C 192 -69.49 38.69 44.16
N HIS C 193 -69.31 37.45 44.63
CA HIS C 193 -70.29 36.84 45.52
C HIS C 193 -70.29 37.51 46.87
N GLU C 194 -69.14 38.03 47.31
CA GLU C 194 -69.05 38.77 48.56
C GLU C 194 -69.72 40.13 48.45
N PHE C 195 -69.78 40.69 47.23
CA PHE C 195 -70.34 42.03 47.05
C PHE C 195 -71.86 42.04 47.12
N LYS C 196 -72.52 41.19 46.31
CA LYS C 196 -73.96 41.30 46.14
C LYS C 196 -74.72 40.72 47.33
N PHE C 197 -74.11 39.80 48.07
CA PHE C 197 -74.81 39.17 49.18
C PHE C 197 -74.82 40.09 50.40
N ASN C 198 -75.60 39.70 51.41
CA ASN C 198 -75.78 40.49 52.62
C ASN C 198 -74.70 40.15 53.64
N LYS C 199 -73.53 40.76 53.45
CA LYS C 199 -72.37 40.45 54.28
C LYS C 199 -72.34 41.31 55.54
N ASN C 200 -72.68 42.60 55.43
CA ASN C 200 -72.63 43.60 56.50
C ASN C 200 -71.25 43.70 57.15
N PHE C 201 -70.18 43.44 56.40
CA PHE C 201 -68.81 43.56 56.90
C PHE C 201 -67.97 44.19 55.80
N ASN C 202 -67.82 45.51 55.85
CA ASN C 202 -67.20 46.26 54.77
C ASN C 202 -66.01 47.03 55.35
N LEU C 203 -65.05 47.37 54.48
CA LEU C 203 -63.90 48.25 54.75
C LEU C 203 -62.90 47.65 55.73
N ASN C 204 -63.10 46.41 56.17
CA ASN C 204 -62.19 45.79 57.12
C ASN C 204 -61.54 44.51 56.59
N MET C 205 -62.33 43.59 56.04
CA MET C 205 -61.83 42.27 55.67
C MET C 205 -61.43 42.17 54.20
N LEU C 206 -61.61 43.24 53.42
CA LEU C 206 -61.28 43.17 51.99
C LEU C 206 -59.78 43.08 51.76
N ASP C 207 -58.98 43.64 52.67
CA ASP C 207 -57.53 43.55 52.53
C ASP C 207 -57.05 42.13 52.84
N SER C 208 -57.64 41.48 53.85
CA SER C 208 -57.16 40.18 54.30
C SER C 208 -57.52 39.07 53.31
N LEU C 209 -58.50 39.29 52.45
CA LEU C 209 -58.95 38.23 51.55
C LEU C 209 -58.13 38.17 50.27
N LEU C 210 -57.86 39.32 49.64
CA LEU C 210 -57.23 39.30 48.33
C LEU C 210 -55.71 39.27 48.38
N HIS C 211 -55.10 39.29 49.56
CA HIS C 211 -53.64 39.25 49.66
C HIS C 211 -53.13 38.01 50.39
N GLN C 212 -54.03 37.15 50.88
CA GLN C 212 -53.60 35.97 51.61
C GLN C 212 -53.13 34.86 50.68
N GLU C 213 -53.75 34.72 49.51
CA GLU C 213 -53.39 33.67 48.57
C GLU C 213 -52.92 34.21 47.23
N ILE C 214 -52.90 35.52 47.03
CA ILE C 214 -52.54 36.14 45.76
C ILE C 214 -51.24 36.92 45.87
N SER C 215 -51.12 37.77 46.90
CA SER C 215 -49.97 38.65 47.04
C SER C 215 -48.67 37.90 47.33
N ASN C 216 -48.76 36.66 47.81
CA ASN C 216 -47.55 35.85 47.99
C ASN C 216 -46.96 35.44 46.65
N GLU C 217 -47.81 35.27 45.64
CA GLU C 217 -47.36 34.89 44.31
C GLU C 217 -47.38 36.05 43.32
N MET C 218 -48.13 37.12 43.61
CA MET C 218 -48.17 38.27 42.71
C MET C 218 -46.88 39.08 42.78
N THR C 219 -46.27 39.16 43.97
CA THR C 219 -45.06 39.95 44.13
C THR C 219 -43.87 39.27 43.48
N HIS C 220 -43.75 37.95 43.64
CA HIS C 220 -42.60 37.23 43.09
C HIS C 220 -42.67 37.11 41.58
N LEU C 221 -43.87 37.04 41.01
CA LEU C 221 -44.01 36.90 39.57
C LEU C 221 -43.78 38.19 38.81
N TYR C 222 -43.75 39.34 39.49
CA TYR C 222 -43.52 40.61 38.83
C TYR C 222 -42.05 40.99 38.79
N GLN C 223 -41.31 40.74 39.88
CA GLN C 223 -39.88 41.03 39.88
C GLN C 223 -39.11 40.12 38.94
N ILE C 224 -39.58 38.88 38.75
CA ILE C 224 -38.93 37.97 37.82
C ILE C 224 -39.24 38.36 36.38
N GLY C 225 -40.32 39.08 36.14
CA GLY C 225 -40.69 39.49 34.80
C GLY C 225 -40.11 40.84 34.42
N ILE C 226 -40.01 41.75 35.39
CA ILE C 226 -39.48 43.08 35.12
C ILE C 226 -37.96 43.04 34.92
N GLU C 227 -37.28 42.00 35.42
CA GLU C 227 -35.83 41.91 35.23
C GLU C 227 -35.48 41.42 33.84
N ILE C 228 -36.36 40.65 33.20
CA ILE C 228 -36.10 40.19 31.84
C ILE C 228 -36.17 41.36 30.87
N SER C 229 -37.12 42.28 31.08
CA SER C 229 -37.18 43.47 30.25
C SER C 229 -36.03 44.42 30.53
N ARG C 230 -35.44 44.35 31.73
CA ARG C 230 -34.29 45.18 32.04
C ARG C 230 -33.05 44.70 31.29
N ILE C 231 -32.78 43.39 31.33
CA ILE C 231 -31.60 42.85 30.66
C ILE C 231 -31.78 42.71 29.15
N THR C 232 -33.00 42.93 28.64
CA THR C 232 -33.19 42.93 27.20
C THR C 232 -32.66 44.23 26.59
N GLU C 233 -32.76 45.34 27.32
CA GLU C 233 -32.23 46.61 26.84
C GLU C 233 -30.71 46.65 26.85
N GLU C 234 -30.07 45.78 27.63
CA GLU C 234 -28.60 45.76 27.66
C GLU C 234 -28.04 45.16 26.37
N ARG C 235 -28.68 44.13 25.85
CA ARG C 235 -28.24 43.51 24.60
C ARG C 235 -29.00 44.06 23.40
N ASN C 265 -13.93 25.03 29.94
CA ASN C 265 -12.97 24.29 29.12
C ASN C 265 -12.80 24.92 27.76
N LEU C 266 -13.76 25.75 27.37
CA LEU C 266 -13.83 26.27 25.99
C LEU C 266 -14.38 27.69 26.05
N TYR C 267 -14.89 28.18 24.94
CA TYR C 267 -15.03 29.62 24.70
C TYR C 267 -16.40 29.90 24.08
N TYR C 268 -16.51 31.07 23.44
CA TYR C 268 -17.72 31.58 22.78
C TYR C 268 -18.85 31.81 23.78
N GLY C 269 -18.65 32.82 24.61
CA GLY C 269 -19.74 33.40 25.37
C GLY C 269 -20.54 34.38 24.53
N LYS C 270 -20.78 35.58 25.04
CA LYS C 270 -21.48 36.67 24.34
C LYS C 270 -22.89 36.24 23.91
N PHE C 271 -23.73 35.98 24.91
CA PHE C 271 -25.08 35.49 24.65
C PHE C 271 -25.99 36.63 24.21
N ASP C 272 -27.04 36.29 23.47
CA ASP C 272 -27.92 37.26 22.85
C ASP C 272 -29.35 37.06 23.33
N CYS C 273 -30.07 38.16 23.46
CA CYS C 273 -31.53 38.22 23.67
C CYS C 273 -31.98 37.63 25.00
N CYS C 274 -31.04 37.45 25.94
CA CYS C 274 -31.25 36.99 27.32
C CYS C 274 -32.28 35.86 27.43
N LYS C 275 -32.03 34.80 26.66
CA LYS C 275 -33.06 33.78 26.45
C LYS C 275 -33.11 32.75 27.57
N GLY C 276 -32.06 31.96 27.72
CA GLY C 276 -32.11 30.83 28.63
C GLY C 276 -31.19 30.92 29.83
N GLY C 277 -30.00 31.49 29.64
CA GLY C 277 -29.04 31.51 30.73
C GLY C 277 -29.33 32.57 31.76
N LEU C 278 -29.73 33.77 31.31
CA LEU C 278 -29.95 34.87 32.24
C LEU C 278 -31.27 34.71 32.99
N LEU C 279 -32.24 34.00 32.43
CA LEU C 279 -33.50 33.80 33.13
C LEU C 279 -33.36 32.75 34.22
N LEU C 280 -32.62 31.67 33.95
CA LEU C 280 -32.48 30.61 34.94
C LEU C 280 -31.58 31.01 36.10
N GLN C 281 -30.70 31.99 35.92
CA GLN C 281 -29.77 32.35 36.98
C GLN C 281 -30.36 33.42 37.91
N VAL C 282 -31.32 34.21 37.44
CA VAL C 282 -31.95 35.20 38.31
C VAL C 282 -33.05 34.60 39.16
N ILE C 283 -33.49 33.38 38.85
CA ILE C 283 -34.41 32.67 39.74
C ILE C 283 -33.69 32.24 41.01
N GLN C 284 -32.50 31.67 40.87
CA GLN C 284 -31.69 31.31 42.04
C GLN C 284 -31.24 32.54 42.81
N GLU C 285 -31.11 33.69 42.14
CA GLU C 285 -30.92 34.96 42.82
C GLU C 285 -32.12 35.28 43.70
N ARG C 286 -33.33 34.97 43.22
CA ARG C 286 -34.53 35.33 43.96
C ARG C 286 -34.73 34.46 45.20
N MET C 287 -34.24 33.22 45.18
CA MET C 287 -34.39 32.36 46.36
C MET C 287 -33.47 32.78 47.49
N VAL C 288 -32.20 33.06 47.19
CA VAL C 288 -31.25 33.41 48.23
C VAL C 288 -31.47 34.80 48.80
N TYR C 289 -32.25 35.64 48.11
CA TYR C 289 -32.54 36.98 48.62
C TYR C 289 -33.59 36.97 49.71
N TYR C 290 -34.41 35.92 49.79
CA TYR C 290 -35.50 35.82 50.76
C TYR C 290 -35.31 34.62 51.68
N LYS C 291 -34.08 34.42 52.15
CA LYS C 291 -33.82 33.35 53.10
C LYS C 291 -34.34 33.72 54.49
N GLY C 292 -35.06 32.79 55.11
CA GLY C 292 -35.66 33.04 56.41
C GLY C 292 -37.17 33.00 56.36
N ASP C 293 -37.71 32.76 55.17
CA ASP C 293 -39.15 32.75 54.95
C ASP C 293 -39.58 31.38 54.45
N PRO C 294 -40.25 30.57 55.27
CA PRO C 294 -40.70 29.25 54.78
C PRO C 294 -41.92 29.35 53.89
N THR C 295 -42.71 30.41 54.06
CA THR C 295 -43.93 30.60 53.30
C THR C 295 -43.70 31.34 51.98
N SER C 296 -42.47 31.72 51.68
CA SER C 296 -42.16 32.43 50.45
C SER C 296 -41.23 31.64 49.52
N LEU C 297 -40.32 30.84 50.08
CA LEU C 297 -39.40 30.07 49.24
C LEU C 297 -40.06 28.84 48.65
N ASP C 298 -41.15 28.35 49.24
CA ASP C 298 -41.81 27.16 48.73
C ASP C 298 -42.47 27.41 47.38
N PHE C 299 -42.86 28.65 47.10
CA PHE C 299 -43.39 28.98 45.78
C PHE C 299 -42.27 29.11 44.75
N LEU C 300 -41.11 29.61 45.16
CA LEU C 300 -40.01 29.83 44.22
C LEU C 300 -39.39 28.51 43.78
N THR C 301 -39.32 27.52 44.68
CA THR C 301 -38.79 26.22 44.28
C THR C 301 -39.79 25.44 43.44
N GLN C 302 -41.07 25.77 43.52
CA GLN C 302 -42.06 25.17 42.63
C GLN C 302 -42.11 25.89 41.29
N LEU C 303 -41.87 27.20 41.29
CA LEU C 303 -41.77 27.93 40.02
C LEU C 303 -40.52 27.53 39.26
N PHE C 304 -39.41 27.30 39.97
CA PHE C 304 -38.19 26.84 39.31
C PHE C 304 -38.30 25.39 38.88
N ASP C 305 -39.22 24.63 39.45
CA ASP C 305 -39.37 23.23 39.08
C ASP C 305 -40.02 23.07 37.70
N ILE C 306 -41.13 23.75 37.49
CA ILE C 306 -41.89 23.56 36.26
C ILE C 306 -41.28 24.36 35.10
N VAL C 307 -40.64 25.49 35.41
CA VAL C 307 -40.01 26.28 34.36
C VAL C 307 -38.79 25.55 33.80
N SER C 308 -37.94 25.04 34.67
CA SER C 308 -36.74 24.33 34.24
C SER C 308 -37.00 22.86 33.89
N SER C 309 -38.26 22.45 33.75
CA SER C 309 -38.54 21.06 33.39
C SER C 309 -38.20 20.78 31.93
N ASP C 310 -38.34 21.78 31.06
CA ASP C 310 -37.93 21.64 29.67
C ASP C 310 -36.41 21.70 29.50
N TYR C 311 -35.69 22.38 30.39
CA TYR C 311 -34.24 22.43 30.27
C TYR C 311 -33.59 21.10 30.67
N ILE C 312 -34.22 20.35 31.58
CA ILE C 312 -33.68 19.05 31.99
C ILE C 312 -33.81 18.05 30.84
N GLY C 313 -34.87 18.16 30.03
CA GLY C 313 -35.12 17.17 28.99
C GLY C 313 -34.05 17.14 27.91
N MET C 314 -33.44 18.30 27.64
CA MET C 314 -32.29 18.29 26.73
C MET C 314 -30.99 18.02 27.48
N LEU C 315 -30.92 18.36 28.77
CA LEU C 315 -29.74 18.02 29.56
C LEU C 315 -29.70 16.53 29.86
N ASN C 316 -30.86 15.91 30.07
CA ASN C 316 -30.90 14.47 30.29
C ASN C 316 -30.64 13.71 29.00
N GLN C 317 -30.97 14.30 27.85
CA GLN C 317 -30.71 13.63 26.58
C GLN C 317 -29.26 13.77 26.16
N TRP C 318 -28.59 14.84 26.59
CA TRP C 318 -27.17 15.00 26.31
C TRP C 318 -26.32 14.03 27.13
N LEU C 319 -26.62 13.91 28.41
CA LEU C 319 -25.79 13.09 29.29
C LEU C 319 -26.02 11.61 29.07
N LEU C 320 -27.27 11.21 28.83
CA LEU C 320 -27.59 9.80 28.68
C LEU C 320 -27.30 9.29 27.27
N GLU C 321 -27.90 9.92 26.26
CA GLU C 321 -27.72 9.45 24.88
C GLU C 321 -26.61 10.23 24.16
N GLY C 322 -26.79 11.55 24.05
CA GLY C 322 -25.82 12.35 23.31
C GLY C 322 -26.46 13.21 22.25
N VAL C 323 -27.78 13.21 22.18
CA VAL C 323 -28.51 14.05 21.22
C VAL C 323 -28.47 15.49 21.70
N ILE C 324 -28.19 16.41 20.79
CA ILE C 324 -28.00 17.82 21.13
C ILE C 324 -29.13 18.61 20.47
N ASN C 325 -30.31 17.98 20.37
CA ASN C 325 -31.46 18.60 19.73
C ASN C 325 -31.89 19.88 20.44
N ASP C 326 -31.70 21.00 19.75
CA ASP C 326 -31.96 22.33 20.27
C ASP C 326 -32.17 23.25 19.08
N PRO C 327 -33.42 23.58 18.74
CA PRO C 327 -33.67 24.37 17.53
C PRO C 327 -33.08 25.77 17.57
N PHE C 328 -33.04 26.38 18.75
CA PHE C 328 -32.41 27.67 18.94
C PHE C 328 -31.01 27.47 19.50
N ASP C 329 -30.38 28.57 19.91
CA ASP C 329 -29.16 28.49 20.72
C ASP C 329 -29.56 28.62 22.18
N GLU C 330 -30.06 27.51 22.73
CA GLU C 330 -30.70 27.49 24.05
C GLU C 330 -30.12 26.31 24.84
N PHE C 331 -28.80 26.22 24.87
CA PHE C 331 -28.14 25.16 25.61
C PHE C 331 -26.73 25.60 25.99
N MET C 332 -26.12 24.83 26.91
CA MET C 332 -24.72 25.04 27.26
C MET C 332 -23.80 24.55 26.15
N ILE C 333 -23.87 23.27 25.85
CA ILE C 333 -23.00 22.64 24.86
C ILE C 333 -23.52 23.01 23.47
N ARG C 334 -22.69 23.69 22.69
CA ARG C 334 -23.06 24.15 21.35
C ARG C 334 -22.18 23.43 20.33
N GLU C 335 -22.80 22.59 19.52
CA GLU C 335 -22.07 21.90 18.46
C GLU C 335 -21.69 22.89 17.36
N LYS C 336 -20.39 23.08 17.17
CA LYS C 336 -19.90 23.98 16.15
C LYS C 336 -19.51 23.22 14.89
N TRP C 354 -12.69 17.32 16.61
CA TRP C 354 -13.15 16.84 17.91
C TRP C 354 -12.53 17.64 19.06
N ASN C 355 -11.94 18.78 18.72
CA ASN C 355 -11.34 19.66 19.71
C ASN C 355 -12.09 20.98 19.81
N GLU C 356 -12.18 21.72 18.71
CA GLU C 356 -12.93 22.98 18.69
C GLU C 356 -14.34 22.76 18.11
N LEU C 357 -15.13 21.95 18.83
CA LEU C 357 -16.45 21.60 18.34
C LEU C 357 -17.54 21.63 19.40
N PHE C 358 -17.21 21.63 20.68
CA PHE C 358 -18.19 21.58 21.77
C PHE C 358 -17.96 22.72 22.75
N LEU C 359 -17.94 23.95 22.24
CA LEU C 359 -17.80 25.14 23.08
C LEU C 359 -18.96 25.22 24.07
N ILE C 360 -18.65 25.67 25.29
CA ILE C 360 -19.52 25.46 26.44
C ILE C 360 -20.32 26.71 26.81
N LYS C 361 -20.03 27.86 26.19
CA LYS C 361 -20.84 29.08 26.29
C LYS C 361 -20.95 29.59 27.73
N ILE C 362 -19.80 30.07 28.26
CA ILE C 362 -19.65 30.42 29.67
C ILE C 362 -20.51 31.63 30.06
N ASP C 363 -21.18 32.26 29.09
CA ASP C 363 -22.02 33.40 29.39
C ASP C 363 -23.25 32.99 30.20
N GLY C 364 -23.87 31.85 29.85
CA GLY C 364 -25.14 31.49 30.45
C GLY C 364 -25.20 30.25 31.33
N LEU C 365 -24.18 30.00 32.14
CA LEU C 365 -24.27 28.93 33.13
C LEU C 365 -24.84 29.44 34.45
N LEU C 366 -25.38 28.49 35.23
CA LEU C 366 -25.82 28.75 36.59
C LEU C 366 -24.60 28.83 37.52
N ASN C 367 -24.88 29.15 38.78
CA ASN C 367 -23.81 29.18 39.78
C ASN C 367 -23.32 27.78 40.13
N GLN C 368 -24.16 26.77 39.97
CA GLN C 368 -23.75 25.40 40.25
C GLN C 368 -22.84 24.86 39.15
N PHE C 369 -23.05 25.28 37.91
CA PHE C 369 -22.24 24.80 36.79
C PHE C 369 -21.13 25.81 36.49
N GLN C 370 -20.30 26.01 37.50
CA GLN C 370 -19.15 26.89 37.35
C GLN C 370 -17.83 26.24 37.72
N ASN C 371 -17.84 25.07 38.33
CA ASN C 371 -16.57 24.49 38.76
C ASN C 371 -15.84 23.94 37.54
N SER C 372 -14.51 24.15 37.51
CA SER C 372 -13.75 23.71 36.36
C SER C 372 -13.65 22.19 36.26
N THR C 373 -13.88 21.48 37.36
CA THR C 373 -13.88 20.02 37.30
C THR C 373 -15.21 19.46 36.82
N ILE C 374 -16.31 20.14 37.12
CA ILE C 374 -17.63 19.65 36.71
C ILE C 374 -17.99 20.08 35.29
N GLN C 375 -17.31 21.09 34.74
CA GLN C 375 -17.55 21.47 33.36
C GLN C 375 -17.04 20.42 32.38
N SER C 376 -15.99 19.69 32.75
CA SER C 376 -15.49 18.60 31.92
C SER C 376 -16.24 17.30 32.15
N LYS C 377 -16.93 17.16 33.30
CA LYS C 377 -17.76 15.99 33.53
C LYS C 377 -19.02 16.01 32.68
N ILE C 378 -19.48 17.19 32.26
CA ILE C 378 -20.68 17.31 31.44
C ILE C 378 -20.35 17.49 29.97
N LEU C 379 -19.13 17.92 29.63
CA LEU C 379 -18.74 18.13 28.24
C LEU C 379 -18.19 16.85 27.61
N ASN C 380 -17.38 16.09 28.36
CA ASN C 380 -16.83 14.85 27.85
C ASN C 380 -17.78 13.67 27.97
N THR C 381 -18.92 13.85 28.64
CA THR C 381 -19.90 12.76 28.71
C THR C 381 -20.60 12.56 27.38
N GLY C 382 -20.98 13.65 26.71
CA GLY C 382 -21.60 13.55 25.41
C GLY C 382 -20.61 13.39 24.28
N LYS C 383 -19.40 13.89 24.44
CA LYS C 383 -18.38 13.76 23.40
C LYS C 383 -17.91 12.32 23.27
N TYR C 384 -17.70 11.64 24.39
CA TYR C 384 -17.32 10.23 24.34
C TYR C 384 -18.48 9.33 23.96
N LEU C 385 -19.71 9.84 24.01
CA LEU C 385 -20.86 9.07 23.55
C LEU C 385 -21.04 9.19 22.05
N ASN C 386 -20.64 10.32 21.46
CA ASN C 386 -20.71 10.46 20.01
C ASN C 386 -19.70 9.57 19.31
N ILE C 387 -18.55 9.33 19.95
CA ILE C 387 -17.55 8.43 19.37
C ILE C 387 -18.08 7.01 19.32
N PHE C 388 -18.85 6.61 20.32
CA PHE C 388 -19.55 5.33 20.26
C PHE C 388 -20.69 5.35 19.25
N LYS C 389 -21.16 6.54 18.87
CA LYS C 389 -22.26 6.68 17.93
C LYS C 389 -21.80 6.92 16.49
N ARG C 390 -20.55 7.37 16.30
CA ARG C 390 -20.04 7.58 14.95
C ARG C 390 -19.37 6.35 14.36
N CYS C 391 -18.92 5.41 15.20
CA CYS C 391 -18.16 4.27 14.73
C CYS C 391 -19.06 3.10 14.34
N THR C 392 -19.86 2.60 15.28
CA THR C 392 -20.69 1.43 15.00
C THR C 392 -22.11 1.79 14.60
N GLY C 393 -22.42 3.08 14.50
CA GLY C 393 -23.76 3.49 14.14
C GLY C 393 -24.62 3.68 15.37
N LEU C 394 -25.75 2.97 15.42
CA LEU C 394 -26.65 2.91 16.58
C LEU C 394 -27.15 4.31 16.98
N HIS C 395 -27.93 4.90 16.10
CA HIS C 395 -28.71 6.07 16.49
C HIS C 395 -29.71 5.68 17.57
N ASN C 396 -29.64 6.38 18.72
CA ASN C 396 -30.55 6.18 19.86
C ASN C 396 -30.48 4.75 20.38
N PHE C 397 -29.34 4.43 21.01
CA PHE C 397 -28.94 3.08 21.42
C PHE C 397 -30.04 2.25 22.08
N GLU C 398 -30.44 2.69 23.29
CA GLU C 398 -31.43 2.11 24.20
C GLU C 398 -30.97 0.78 24.80
N SER C 399 -29.93 0.16 24.21
CA SER C 399 -29.13 -0.96 24.72
C SER C 399 -29.87 -2.06 25.46
N LEU C 400 -31.15 -2.28 25.10
CA LEU C 400 -32.06 -3.19 25.79
C LEU C 400 -32.02 -3.00 27.32
N LYS C 401 -32.03 -1.73 27.74
CA LYS C 401 -31.91 -1.42 29.16
C LYS C 401 -32.60 -0.08 29.43
N GLU C 402 -32.59 0.30 30.69
CA GLU C 402 -33.15 1.57 31.16
C GLU C 402 -32.11 2.30 32.00
N LYS C 403 -32.51 3.46 32.53
CA LYS C 403 -31.64 4.27 33.36
C LYS C 403 -32.54 5.10 34.28
N LEU C 404 -31.95 5.61 35.36
CA LEU C 404 -32.72 6.35 36.36
C LEU C 404 -33.31 7.63 35.80
N THR C 405 -32.60 8.30 34.89
CA THR C 405 -33.11 9.41 34.09
C THR C 405 -33.60 10.56 34.99
N THR C 406 -32.63 11.19 35.65
CA THR C 406 -32.85 12.22 36.68
C THR C 406 -33.85 13.29 36.23
N ILE C 407 -34.80 13.59 37.13
CA ILE C 407 -35.96 14.38 36.77
C ILE C 407 -36.22 15.53 37.74
N THR C 408 -35.75 15.46 38.98
CA THR C 408 -36.24 16.27 40.09
C THR C 408 -36.14 17.79 39.90
N SER C 409 -34.94 18.34 39.76
CA SER C 409 -34.71 19.77 39.58
C SER C 409 -33.23 19.98 39.36
N LEU C 410 -32.85 21.21 39.03
CA LEU C 410 -31.44 21.60 39.08
C LEU C 410 -31.09 22.23 40.43
N ALA C 411 -31.55 21.58 41.50
CA ALA C 411 -31.14 21.95 42.87
C ALA C 411 -31.42 20.72 43.73
N ALA C 412 -30.37 19.93 43.98
CA ALA C 412 -30.50 18.66 44.69
C ALA C 412 -29.11 18.17 45.05
N PRO C 413 -28.97 17.38 46.12
CA PRO C 413 -27.70 16.68 46.36
C PRO C 413 -27.40 15.61 45.33
N ASP C 414 -28.40 15.16 44.57
CA ASP C 414 -28.23 14.15 43.54
C ASP C 414 -27.76 14.72 42.21
N LEU C 415 -27.48 16.02 42.14
CA LEU C 415 -26.98 16.61 40.90
C LEU C 415 -25.52 16.24 40.67
N GLU C 416 -24.67 16.45 41.69
CA GLU C 416 -23.26 16.13 41.56
C GLU C 416 -23.00 14.64 41.51
N LEU C 417 -23.96 13.82 41.96
CA LEU C 417 -23.76 12.37 41.95
C LEU C 417 -24.20 11.77 40.62
N LYS C 418 -25.27 12.30 40.01
CA LYS C 418 -25.79 11.72 38.78
C LYS C 418 -24.98 12.14 37.57
N ILE C 419 -24.38 13.33 37.60
CA ILE C 419 -23.49 13.74 36.52
C ILE C 419 -22.25 12.85 36.49
N ASP C 420 -21.69 12.54 37.65
CA ASP C 420 -20.59 11.60 37.71
C ASP C 420 -21.03 10.17 37.41
N GLU C 421 -22.32 9.86 37.67
CA GLU C 421 -22.83 8.55 37.30
C GLU C 421 -22.94 8.40 35.79
N PHE C 422 -23.34 9.46 35.09
CA PHE C 422 -23.35 9.44 33.63
C PHE C 422 -21.95 9.55 33.06
N TYR C 423 -21.00 10.08 33.81
CA TYR C 423 -19.62 10.20 33.33
C TYR C 423 -18.89 8.87 33.38
N HIS C 424 -19.22 8.00 34.34
CA HIS C 424 -18.59 6.68 34.37
C HIS C 424 -19.18 5.75 33.33
N ARG C 425 -20.45 5.94 32.96
CA ARG C 425 -21.05 5.11 31.93
C ARG C 425 -20.55 5.49 30.54
N ALA C 426 -20.29 6.79 30.32
CA ALA C 426 -19.75 7.23 29.04
C ALA C 426 -18.30 6.82 28.84
N ASN C 427 -17.58 6.54 29.93
CA ASN C 427 -16.21 6.04 29.82
C ASN C 427 -16.14 4.52 29.82
N LYS C 428 -17.11 3.85 30.44
CA LYS C 428 -17.13 2.40 30.40
C LYS C 428 -17.50 1.88 29.02
N MET C 429 -18.38 2.61 28.33
CA MET C 429 -18.78 2.19 26.98
C MET C 429 -17.76 2.59 25.93
N LEU C 430 -17.04 3.69 26.15
CA LEU C 430 -16.00 4.07 25.20
C LEU C 430 -14.77 3.19 25.34
N MET C 431 -14.36 2.89 26.57
CA MET C 431 -13.20 2.01 26.79
C MET C 431 -13.50 0.59 26.35
N LYS C 432 -14.76 0.16 26.42
CA LYS C 432 -15.12 -1.14 25.87
C LYS C 432 -15.07 -1.15 24.35
N LEU C 433 -15.15 0.02 23.72
CA LEU C 433 -14.99 0.10 22.27
C LEU C 433 -13.53 0.13 21.87
N LEU C 434 -12.68 0.81 22.66
CA LEU C 434 -11.26 0.89 22.33
C LEU C 434 -10.52 -0.39 22.67
N PHE C 435 -10.80 -0.99 23.82
CA PHE C 435 -10.03 -2.16 24.25
C PHE C 435 -10.51 -3.43 23.55
N ASP C 436 -11.82 -3.63 23.48
CA ASP C 436 -12.34 -4.87 22.91
C ASP C 436 -12.57 -4.76 21.42
N GLY C 437 -13.11 -3.63 20.96
CA GLY C 437 -13.44 -3.47 19.56
C GLY C 437 -12.25 -3.21 18.66
N TYR C 438 -11.50 -2.15 18.96
CA TYR C 438 -10.37 -1.74 18.14
C TYR C 438 -9.04 -2.36 18.59
N ASN C 439 -9.06 -3.17 19.64
CA ASN C 439 -7.90 -3.92 20.14
C ASN C 439 -6.74 -2.99 20.50
N PHE C 440 -7.00 -2.13 21.49
CA PHE C 440 -6.00 -1.18 21.99
C PHE C 440 -4.78 -1.83 22.64
N PRO C 441 -4.88 -2.98 23.34
CA PRO C 441 -3.64 -3.68 23.71
C PRO C 441 -2.83 -4.16 22.51
N SER C 442 -3.49 -4.43 21.39
CA SER C 442 -2.76 -4.82 20.18
C SER C 442 -2.17 -3.63 19.43
N VAL C 443 -2.39 -2.40 19.91
CA VAL C 443 -1.77 -1.24 19.30
C VAL C 443 -0.50 -0.85 20.03
N VAL C 444 -0.52 -0.91 21.37
CA VAL C 444 0.64 -0.50 22.15
C VAL C 444 1.77 -1.53 22.11
N ASN C 445 1.49 -2.77 21.70
CA ASN C 445 2.56 -3.72 21.47
C ASN C 445 3.14 -3.58 20.07
N ILE C 446 2.40 -2.95 19.16
CA ILE C 446 2.90 -2.70 17.81
C ILE C 446 3.68 -1.38 17.77
N PHE C 447 3.25 -0.38 18.54
CA PHE C 447 4.05 0.85 18.66
C PHE C 447 5.40 0.59 19.32
N GLN C 448 5.51 -0.46 20.13
CA GLN C 448 6.81 -0.81 20.69
C GLN C 448 7.68 -1.55 19.69
N ARG C 449 7.08 -2.20 18.71
CA ARG C 449 7.83 -2.94 17.69
C ARG C 449 8.21 -2.07 16.50
N LEU C 450 7.71 -0.84 16.42
CA LEU C 450 7.99 0.04 15.29
C LEU C 450 8.71 1.32 15.67
N PHE C 451 8.61 1.76 16.91
CA PHE C 451 9.23 3.00 17.37
C PHE C 451 10.38 2.78 18.34
N LEU C 452 10.25 1.85 19.27
CA LEU C 452 11.24 1.62 20.31
C LEU C 452 11.98 0.30 20.14
N PHE C 453 11.72 -0.44 19.06
CA PHE C 453 12.43 -1.66 18.69
C PHE C 453 12.31 -2.74 19.76
N ALA C 454 11.08 -3.19 19.99
CA ALA C 454 10.88 -4.36 20.82
C ALA C 454 11.45 -5.61 20.17
N ASP C 455 11.37 -5.70 18.85
CA ASP C 455 11.97 -6.77 18.06
C ASP C 455 12.83 -6.11 16.99
N SER C 456 14.13 -6.03 17.23
CA SER C 456 15.05 -5.31 16.36
C SER C 456 15.52 -6.14 15.16
N PHE C 457 14.91 -7.29 14.90
CA PHE C 457 15.29 -8.08 13.74
C PHE C 457 14.88 -7.39 12.45
N GLN C 458 13.80 -6.62 12.48
CA GLN C 458 13.33 -5.94 11.27
C GLN C 458 14.21 -4.75 10.93
N ILE C 459 14.61 -3.97 11.93
CA ILE C 459 15.39 -2.77 11.67
C ILE C 459 16.86 -3.09 11.42
N ASP C 460 17.36 -4.23 11.94
CA ASP C 460 18.76 -4.57 11.68
C ASP C 460 18.95 -5.09 10.27
N ASN C 461 17.90 -5.66 9.66
CA ASN C 461 17.98 -6.07 8.27
C ASN C 461 17.82 -4.89 7.32
N PHE C 462 17.31 -3.76 7.79
CA PHE C 462 17.20 -2.58 6.96
C PHE C 462 18.49 -1.77 6.96
N ILE C 463 19.20 -1.74 8.09
CA ILE C 463 20.37 -0.89 8.21
C ILE C 463 21.55 -1.47 7.45
N ASP C 464 21.79 -2.78 7.57
CA ASP C 464 22.94 -3.38 6.88
C ASP C 464 22.70 -3.45 5.37
N SER C 465 21.44 -3.52 4.94
CA SER C 465 21.16 -3.52 3.51
C SER C 465 21.36 -2.13 2.91
N THR C 466 21.02 -1.09 3.66
CA THR C 466 21.20 0.29 3.24
C THR C 466 22.36 0.95 3.96
N PHE C 467 23.44 0.21 4.20
CA PHE C 467 24.56 0.75 4.98
C PHE C 467 25.35 1.78 4.17
N SER C 468 25.53 1.54 2.87
CA SER C 468 26.26 2.50 2.05
C SER C 468 25.43 3.74 1.75
N GLU C 469 24.11 3.63 1.80
CA GLU C 469 23.25 4.76 1.49
C GLU C 469 23.09 5.70 2.69
N LEU C 470 23.24 5.18 3.91
CA LEU C 470 23.03 5.99 5.10
C LEU C 470 24.26 6.80 5.50
N LYS C 471 25.45 6.39 5.02
CA LYS C 471 26.66 7.13 5.37
C LYS C 471 26.75 8.44 4.60
N ARG C 472 26.33 8.44 3.33
CA ARG C 472 26.43 9.63 2.50
C ARG C 472 25.40 10.66 2.92
N GLY C 473 25.64 11.91 2.51
CA GLY C 473 24.78 13.01 2.87
C GLY C 473 23.46 12.97 2.13
N LYS C 474 22.60 13.95 2.45
CA LYS C 474 21.29 14.03 1.83
C LYS C 474 21.36 14.46 0.37
N LEU C 475 22.43 15.16 -0.03
CA LEU C 475 22.53 15.62 -1.41
C LEU C 475 22.99 14.51 -2.35
N LYS C 476 23.83 13.59 -1.85
CA LYS C 476 24.38 12.51 -2.66
C LYS C 476 23.52 11.24 -2.59
N ILE C 477 22.22 11.36 -2.33
CA ILE C 477 21.34 10.21 -2.22
C ILE C 477 19.96 10.63 -2.71
N SER C 478 19.19 9.66 -3.17
CA SER C 478 17.83 9.86 -3.63
C SER C 478 16.84 9.38 -2.57
N VAL C 479 15.70 10.06 -2.49
CA VAL C 479 14.69 9.74 -1.49
C VAL C 479 13.99 8.42 -1.82
N SER C 480 13.78 8.13 -3.11
CA SER C 480 12.98 6.98 -3.48
C SER C 480 13.72 5.67 -3.26
N ARG C 481 15.05 5.69 -3.30
CA ARG C 481 15.81 4.45 -3.12
C ARG C 481 15.81 4.00 -1.67
N LEU C 482 15.78 4.95 -0.72
CA LEU C 482 15.79 4.58 0.68
C LEU C 482 14.42 4.11 1.15
N GLN C 483 13.35 4.75 0.65
CA GLN C 483 12.00 4.38 1.08
C GLN C 483 11.60 3.03 0.51
N LYS C 484 12.03 2.74 -0.72
CA LYS C 484 11.59 1.50 -1.39
C LYS C 484 12.15 0.27 -0.70
N GLN C 485 13.42 0.31 -0.30
CA GLN C 485 14.02 -0.80 0.44
C GLN C 485 13.39 -0.98 1.81
N TYR C 486 12.83 0.08 2.37
CA TYR C 486 12.17 -0.01 3.67
C TYR C 486 10.82 -0.72 3.57
N ASP C 487 10.21 -0.74 2.37
CA ASP C 487 8.90 -1.36 2.23
C ASP C 487 9.00 -2.88 2.11
N ASP C 488 10.01 -3.37 1.40
CA ASP C 488 10.13 -4.83 1.23
C ASP C 488 10.54 -5.51 2.53
N ILE C 489 11.18 -4.79 3.45
CA ILE C 489 11.66 -5.40 4.68
C ILE C 489 10.68 -5.22 5.84
N PHE C 490 9.82 -4.19 5.80
CA PHE C 490 8.83 -3.98 6.85
C PHE C 490 7.42 -4.35 6.39
N LYS C 491 6.95 -3.77 5.29
CA LYS C 491 5.58 -3.94 4.85
C LYS C 491 5.41 -5.29 4.15
N GLU C 492 4.17 -5.56 3.74
CA GLU C 492 3.85 -6.75 2.97
C GLU C 492 2.61 -6.45 2.15
N LYS C 493 2.76 -6.50 0.82
CA LYS C 493 1.67 -6.13 -0.07
C LYS C 493 0.58 -7.20 -0.05
N ILE C 494 -0.59 -6.83 0.47
CA ILE C 494 -1.75 -7.72 0.53
C ILE C 494 -2.86 -7.11 -0.31
N GLU C 495 -3.79 -7.96 -0.74
CA GLU C 495 -4.90 -7.53 -1.58
C GLU C 495 -6.10 -7.17 -0.72
N ASN C 496 -6.77 -6.07 -1.07
CA ASN C 496 -7.95 -5.61 -0.35
C ASN C 496 -9.22 -6.07 -1.06
N LYS C 497 -9.34 -7.39 -1.20
CA LYS C 497 -10.54 -7.97 -1.79
C LYS C 497 -11.71 -7.80 -0.84
N VAL C 498 -12.89 -7.52 -1.40
CA VAL C 498 -14.07 -7.26 -0.59
C VAL C 498 -14.54 -8.55 0.05
N GLY C 499 -14.60 -8.57 1.37
CA GLY C 499 -15.00 -9.75 2.11
C GLY C 499 -14.09 -10.06 3.27
N VAL C 500 -12.80 -9.76 3.12
CA VAL C 500 -11.86 -9.97 4.21
C VAL C 500 -11.87 -8.75 5.14
N ARG C 501 -11.40 -8.96 6.36
CA ARG C 501 -11.34 -7.90 7.37
C ARG C 501 -9.94 -7.84 7.96
N PRO C 502 -9.13 -6.86 7.59
CA PRO C 502 -7.81 -6.72 8.20
C PRO C 502 -7.91 -6.19 9.62
N SER C 503 -7.11 -6.77 10.50
CA SER C 503 -7.11 -6.38 11.91
C SER C 503 -6.25 -5.12 12.08
N VAL C 504 -5.99 -4.73 13.32
CA VAL C 504 -5.15 -3.56 13.57
C VAL C 504 -3.68 -3.87 13.38
N TYR C 505 -3.31 -5.15 13.30
CA TYR C 505 -1.92 -5.50 13.07
C TYR C 505 -1.51 -5.25 11.62
N ASP C 506 -2.33 -5.69 10.67
CA ASP C 506 -2.00 -5.59 9.25
C ASP C 506 -2.58 -4.35 8.59
N VAL C 507 -3.09 -3.40 9.36
CA VAL C 507 -3.46 -2.09 8.86
C VAL C 507 -2.40 -1.04 9.18
N LEU C 508 -1.93 -1.01 10.43
CA LEU C 508 -0.84 -0.13 10.81
C LEU C 508 0.50 -0.57 10.26
N LYS C 509 0.62 -1.81 9.79
CA LYS C 509 1.86 -2.28 9.18
C LYS C 509 2.02 -1.79 7.75
N LYS C 510 0.94 -1.45 7.07
CA LYS C 510 0.98 -0.91 5.71
C LYS C 510 0.59 0.56 5.70
N ASN C 511 1.04 1.30 6.72
CA ASN C 511 0.67 2.70 6.86
C ASN C 511 1.85 3.62 7.15
N GLN C 512 3.00 3.11 7.59
CA GLN C 512 4.11 3.97 7.97
C GLN C 512 4.80 4.54 6.75
N LYS C 513 5.46 5.68 6.94
CA LYS C 513 6.25 6.33 5.90
C LYS C 513 7.58 6.78 6.47
N LEU C 514 8.66 6.47 5.77
CA LEU C 514 10.03 6.73 6.20
C LEU C 514 10.54 7.97 5.47
N SER C 515 10.30 9.13 6.06
CA SER C 515 10.73 10.39 5.46
C SER C 515 12.15 10.74 5.88
N VAL C 516 12.84 11.45 4.99
CA VAL C 516 14.22 11.88 5.24
C VAL C 516 14.33 13.37 5.05
N THR C 517 13.26 14.11 5.34
CA THR C 517 13.20 15.54 5.08
C THR C 517 14.22 16.30 5.91
N SER C 518 14.55 17.51 5.43
CA SER C 518 15.78 18.20 5.82
C SER C 518 15.71 18.89 7.17
N GLU C 519 15.87 18.11 8.24
CA GLU C 519 16.16 18.63 9.57
C GLU C 519 17.22 17.73 10.20
N SER C 520 17.39 17.86 11.51
CA SER C 520 18.35 17.04 12.25
C SER C 520 17.70 16.54 13.53
N LEU C 521 18.20 15.41 14.03
CA LEU C 521 17.74 14.90 15.31
C LEU C 521 18.13 15.84 16.44
N TYR C 522 19.30 16.45 16.33
CA TYR C 522 19.82 17.34 17.37
C TYR C 522 19.30 18.76 17.25
N LYS C 523 18.31 19.02 16.39
CA LYS C 523 17.62 20.29 16.35
C LYS C 523 16.10 20.16 16.51
N VAL C 524 15.54 18.97 16.26
CA VAL C 524 14.11 18.75 16.50
C VAL C 524 13.84 18.77 18.00
N VAL C 525 14.70 18.11 18.77
CA VAL C 525 14.57 18.13 20.23
C VAL C 525 14.90 19.52 20.77
N GLU C 526 15.80 20.24 20.08
CA GLU C 526 16.16 21.58 20.54
C GLU C 526 15.02 22.57 20.33
N GLU C 527 14.36 22.50 19.17
CA GLU C 527 13.24 23.38 18.88
C GLU C 527 11.97 22.96 19.62
N LEU C 528 11.93 21.72 20.13
CA LEU C 528 10.77 21.26 20.89
C LEU C 528 10.66 22.00 22.21
N MET C 529 11.78 22.23 22.89
CA MET C 529 11.81 22.89 24.18
C MET C 529 12.34 24.31 24.01
N GLU C 530 11.44 25.29 24.11
CA GLU C 530 11.73 26.72 23.99
C GLU C 530 12.43 27.08 22.68
N PRO C 575 24.85 13.31 6.91
CA PRO C 575 24.38 11.92 6.86
C PRO C 575 22.85 11.82 6.93
N THR C 576 22.29 10.77 6.35
CA THR C 576 20.84 10.59 6.30
C THR C 576 20.30 9.77 7.47
N ILE C 577 21.17 9.16 8.27
CA ILE C 577 20.70 8.43 9.44
C ILE C 577 20.27 9.38 10.56
N THR C 578 20.67 10.65 10.47
CA THR C 578 20.26 11.62 11.48
C THR C 578 18.85 12.13 11.22
N SER C 579 18.50 12.36 9.95
CA SER C 579 17.23 12.96 9.58
C SER C 579 16.16 11.94 9.24
N VAL C 580 16.44 10.65 9.38
CA VAL C 580 15.44 9.62 9.09
C VAL C 580 14.42 9.60 10.22
N ASP C 581 13.15 9.38 9.87
CA ASP C 581 12.08 9.37 10.85
C ASP C 581 10.93 8.49 10.36
N LEU C 582 9.91 8.37 11.20
CA LEU C 582 8.75 7.53 10.90
C LEU C 582 7.48 8.29 11.26
N THR C 583 6.39 7.96 10.58
CA THR C 583 5.10 8.59 10.83
C THR C 583 4.02 7.56 10.59
N ILE C 584 3.04 7.49 11.49
CA ILE C 584 1.93 6.54 11.39
C ILE C 584 0.63 7.35 11.43
N PRO C 585 -0.29 7.12 10.49
CA PRO C 585 -1.52 7.94 10.45
C PRO C 585 -2.46 7.70 11.63
N LEU C 586 -2.55 6.47 12.14
CA LEU C 586 -3.35 6.09 13.31
C LEU C 586 -4.81 6.49 13.18
N PRO C 587 -5.62 5.74 12.43
CA PRO C 587 -6.97 6.20 12.08
C PRO C 587 -7.97 6.30 13.23
N PHE C 588 -9.19 6.70 12.91
CA PHE C 588 -10.22 6.96 13.90
C PHE C 588 -10.67 5.67 14.57
N PRO C 589 -10.92 5.67 15.89
CA PRO C 589 -10.80 6.78 16.84
C PRO C 589 -9.55 6.71 17.68
N LEU C 590 -8.54 5.98 17.22
CA LEU C 590 -7.28 5.87 17.94
C LEU C 590 -6.42 7.11 17.81
N ASN C 591 -6.79 8.06 16.95
CA ASN C 591 -6.15 9.36 16.90
C ASN C 591 -6.64 10.31 17.96
N LEU C 592 -7.54 9.86 18.84
CA LEU C 592 -8.08 10.67 19.93
C LEU C 592 -7.34 10.46 21.24
N VAL C 593 -6.92 9.23 21.53
CA VAL C 593 -6.21 8.95 22.78
C VAL C 593 -4.70 9.00 22.59
N LEU C 594 -4.19 8.51 21.47
CA LEU C 594 -2.77 8.63 21.14
C LEU C 594 -2.63 9.80 20.16
N ASN C 595 -2.73 11.01 20.69
CA ASN C 595 -2.82 12.21 19.88
C ASN C 595 -1.44 12.63 19.38
N GLN C 596 -1.35 13.83 18.80
CA GLN C 596 -0.10 14.28 18.20
C GLN C 596 0.91 14.70 19.25
N GLN C 597 0.45 15.14 20.44
CA GLN C 597 1.38 15.44 21.52
C GLN C 597 2.08 14.19 22.02
N LEU C 598 1.42 13.03 21.90
CA LEU C 598 2.06 11.78 22.27
C LEU C 598 3.07 11.33 21.23
N SER C 599 2.66 11.32 19.96
CA SER C 599 3.49 10.74 18.90
C SER C 599 4.71 11.60 18.59
N TYR C 600 4.65 12.91 18.88
CA TYR C 600 5.85 13.73 18.71
C TYR C 600 6.87 13.45 19.79
N GLN C 601 6.42 13.08 20.99
CA GLN C 601 7.31 12.61 22.05
C GLN C 601 7.58 11.12 21.98
N TYR C 602 7.09 10.45 20.94
CA TYR C 602 7.25 9.02 20.76
C TYR C 602 7.96 8.67 19.46
N GLU C 603 8.09 9.63 18.54
CA GLU C 603 8.89 9.48 17.33
C GLU C 603 10.32 9.94 17.53
N ILE C 604 10.54 10.89 18.45
CA ILE C 604 11.89 11.38 18.74
C ILE C 604 12.77 10.24 19.24
N MET C 605 12.20 9.31 20.01
CA MET C 605 12.94 8.15 20.46
C MET C 605 13.29 7.19 19.33
N PHE C 606 12.58 7.24 18.20
CA PHE C 606 12.94 6.37 17.08
C PHE C 606 14.18 6.88 16.37
N LYS C 607 14.30 8.20 16.19
CA LYS C 607 15.48 8.76 15.56
C LYS C 607 16.73 8.57 16.41
N LEU C 608 16.57 8.54 17.74
CA LEU C 608 17.70 8.29 18.61
C LEU C 608 18.05 6.80 18.63
N LEU C 609 17.05 5.93 18.61
CA LEU C 609 17.33 4.50 18.66
C LEU C 609 17.88 3.97 17.35
N ILE C 610 17.58 4.63 16.22
CA ILE C 610 18.17 4.20 14.96
C ILE C 610 19.51 4.87 14.71
N ASN C 611 19.82 5.95 15.43
CA ASN C 611 21.13 6.58 15.28
C ASN C 611 22.20 5.78 16.01
N ILE C 612 21.91 5.34 17.23
CA ILE C 612 22.89 4.57 17.98
C ILE C 612 22.99 3.14 17.45
N LYS C 613 21.91 2.60 16.87
CA LYS C 613 21.99 1.29 16.24
C LYS C 613 22.76 1.33 14.93
N PHE C 614 22.93 2.52 14.35
CA PHE C 614 23.78 2.66 13.18
C PHE C 614 25.24 2.81 13.58
N ILE C 615 25.50 3.52 14.69
CA ILE C 615 26.84 3.62 15.22
C ILE C 615 27.30 2.25 15.72
N SER C 616 26.40 1.50 16.35
CA SER C 616 26.71 0.14 16.77
C SER C 616 26.80 -0.82 15.59
N LYS C 617 26.32 -0.42 14.42
CA LYS C 617 26.53 -1.23 13.22
C LYS C 617 27.86 -0.89 12.55
N TYR C 618 28.26 0.37 12.60
CA TYR C 618 29.54 0.77 12.01
C TYR C 618 30.70 0.21 12.83
N ASN C 619 30.62 0.32 14.16
CA ASN C 619 31.68 -0.19 15.03
C ASN C 619 31.76 -1.70 14.98
N SER C 620 30.62 -2.39 14.78
CA SER C 620 30.65 -3.83 14.62
C SER C 620 31.20 -4.24 13.27
N SER C 621 31.07 -3.37 12.27
CA SER C 621 31.69 -3.64 10.97
C SER C 621 33.14 -3.22 10.95
N ASN C 622 33.50 -2.17 11.69
CA ASN C 622 34.89 -1.74 11.76
C ASN C 622 35.74 -2.75 12.52
N TRP C 623 35.14 -3.47 13.47
CA TRP C 623 35.84 -4.54 14.16
C TRP C 623 36.18 -5.68 13.22
N GLN C 624 35.37 -5.88 12.18
CA GLN C 624 35.63 -6.95 11.23
C GLN C 624 36.86 -6.64 10.37
N GLU C 625 37.06 -5.36 10.03
CA GLU C 625 38.17 -5.00 9.16
C GLU C 625 39.43 -4.60 9.92
N MET C 626 39.31 -4.22 11.19
CA MET C 626 40.49 -3.91 11.99
C MET C 626 41.16 -5.15 12.55
N ASN C 627 40.55 -6.32 12.43
CA ASN C 627 41.06 -7.53 13.06
C ASN C 627 41.42 -8.63 12.08
N TYR C 628 40.62 -8.86 11.04
CA TYR C 628 40.79 -10.04 10.19
C TYR C 628 40.87 -9.66 8.72
N SER C 629 41.34 -8.46 8.41
CA SER C 629 41.52 -8.09 7.01
C SER C 629 42.84 -8.65 6.48
N LYS C 630 43.10 -8.38 5.20
CA LYS C 630 44.37 -8.72 4.58
C LYS C 630 45.31 -7.53 4.46
N ILE C 631 44.79 -6.34 4.20
CA ILE C 631 45.59 -5.12 4.16
C ILE C 631 45.99 -4.69 5.55
N TRP C 632 45.06 -4.77 6.50
CA TRP C 632 45.31 -4.26 7.85
C TRP C 632 46.23 -5.19 8.64
N THR C 633 46.17 -6.49 8.38
CA THR C 633 46.94 -7.49 9.13
C THR C 633 47.92 -8.17 8.18
N ASN C 634 49.11 -7.60 8.05
CA ASN C 634 50.19 -8.24 7.32
C ASN C 634 51.08 -8.98 8.32
N SER C 635 52.21 -9.50 7.86
CA SER C 635 53.03 -10.39 8.66
C SER C 635 54.41 -9.83 9.01
N HIS C 636 55.10 -9.19 8.06
CA HIS C 636 56.50 -8.85 8.27
C HIS C 636 56.77 -7.36 8.03
N PHE C 637 55.94 -6.50 8.63
CA PHE C 637 56.27 -5.08 8.65
C PHE C 637 56.95 -4.74 9.97
N ASN C 638 57.46 -3.51 10.05
CA ASN C 638 58.28 -3.09 11.17
C ASN C 638 57.46 -2.95 12.45
N SER C 639 58.15 -3.01 13.59
CA SER C 639 57.50 -2.94 14.88
C SER C 639 57.05 -1.53 15.25
N SER C 640 57.59 -0.51 14.56
CA SER C 640 57.13 0.85 14.81
C SER C 640 55.71 1.04 14.27
N VAL C 641 55.36 0.35 13.19
CA VAL C 641 54.01 0.40 12.67
C VAL C 641 53.10 -0.55 13.45
N LYS C 642 53.64 -1.72 13.84
CA LYS C 642 52.86 -2.71 14.58
C LYS C 642 52.44 -2.23 15.95
N LYS C 643 53.16 -1.27 16.54
CA LYS C 643 52.70 -0.64 17.76
C LYS C 643 51.59 0.37 17.52
N TRP C 644 51.56 1.00 16.34
CA TRP C 644 50.50 1.93 16.02
C TRP C 644 49.20 1.22 15.68
N ILE C 645 49.29 0.03 15.06
CA ILE C 645 48.10 -0.77 14.82
C ILE C 645 47.54 -1.29 16.13
N LEU C 646 48.43 -1.73 17.04
CA LEU C 646 47.98 -2.27 18.31
C LEU C 646 47.43 -1.18 19.23
N ARG C 647 47.85 0.07 19.03
CA ARG C 647 47.28 1.17 19.81
C ARG C 647 45.96 1.65 19.23
N CYS C 648 45.75 1.45 17.93
CA CYS C 648 44.47 1.85 17.33
C CYS C 648 43.37 0.84 17.64
N ARG C 649 43.73 -0.42 17.88
CA ARG C 649 42.72 -1.42 18.20
C ARG C 649 42.21 -1.26 19.62
N VAL C 650 43.09 -0.88 20.54
CA VAL C 650 42.70 -0.72 21.94
C VAL C 650 41.82 0.52 22.10
N LEU C 651 42.12 1.58 21.36
CA LEU C 651 41.28 2.78 21.41
C LEU C 651 39.90 2.52 20.83
N HIS C 652 39.82 1.67 19.80
CA HIS C 652 38.52 1.35 19.23
C HIS C 652 37.78 0.32 20.07
N SER C 653 38.50 -0.47 20.87
CA SER C 653 37.85 -1.44 21.73
C SER C 653 37.21 -0.78 22.96
N ARG C 654 37.66 0.44 23.29
CA ARG C 654 37.02 1.22 24.34
C ARG C 654 35.96 2.16 23.79
N ILE C 655 36.02 2.49 22.50
CA ILE C 655 34.97 3.28 21.88
C ILE C 655 33.75 2.40 21.59
N CYS C 656 33.98 1.17 21.13
CA CYS C 656 32.89 0.25 20.84
C CYS C 656 32.15 -0.17 22.11
N SER C 657 32.85 -0.24 23.23
CA SER C 657 32.20 -0.60 24.49
C SER C 657 31.44 0.56 25.11
N PHE C 658 31.64 1.79 24.64
CA PHE C 658 30.88 2.92 25.15
C PHE C 658 29.44 2.87 24.67
N ILE C 659 29.25 2.66 23.36
CA ILE C 659 27.90 2.61 22.80
C ILE C 659 27.17 1.32 23.15
N HIS C 660 27.90 0.26 23.48
CA HIS C 660 27.27 -0.95 23.97
C HIS C 660 26.89 -0.88 25.44
N GLU C 661 27.38 0.13 26.16
CA GLU C 661 26.93 0.41 27.52
C GLU C 661 25.88 1.51 27.57
N LEU C 662 25.97 2.49 26.67
CA LEU C 662 24.93 3.51 26.56
C LEU C 662 23.62 2.90 26.07
N GLU C 663 23.71 1.90 25.19
CA GLU C 663 22.50 1.23 24.71
C GLU C 663 21.87 0.37 25.79
N ASN C 664 22.68 -0.27 26.64
CA ASN C 664 22.14 -1.12 27.70
C ASN C 664 21.40 -0.31 28.77
N TYR C 665 21.65 0.99 28.84
CA TYR C 665 20.85 1.86 29.70
C TYR C 665 19.59 2.36 28.99
N ILE C 666 19.69 2.60 27.67
CA ILE C 666 18.54 3.16 26.95
C ILE C 666 17.49 2.09 26.68
N VAL C 667 17.90 0.96 26.12
CA VAL C 667 16.91 -0.01 25.68
C VAL C 667 16.38 -0.89 26.80
N HIS C 668 17.04 -0.91 27.97
CA HIS C 668 16.60 -1.76 29.06
C HIS C 668 16.20 -0.97 30.30
N ASP C 669 17.08 -0.10 30.81
CA ASP C 669 16.78 0.64 32.03
C ASP C 669 15.75 1.72 31.84
N VAL C 670 15.56 2.22 30.62
CA VAL C 670 14.65 3.32 30.33
C VAL C 670 13.40 2.83 29.60
N ILE C 671 13.58 2.20 28.44
CA ILE C 671 12.45 1.84 27.59
C ILE C 671 11.74 0.61 28.14
N GLU C 672 12.49 -0.43 28.48
CA GLU C 672 11.87 -1.69 28.90
C GLU C 672 11.36 -1.59 30.33
N HIS C 673 12.05 -0.87 31.20
CA HIS C 673 11.66 -0.80 32.61
C HIS C 673 10.37 0.00 32.79
N ASN C 674 10.22 1.11 32.05
CA ASN C 674 9.01 1.91 32.17
C ASN C 674 7.82 1.29 31.45
N PHE C 675 8.06 0.35 30.55
CA PHE C 675 6.97 -0.32 29.84
C PHE C 675 6.37 -1.47 30.64
N GLU C 676 7.10 -1.95 31.66
CA GLU C 676 6.59 -3.07 32.46
C GLU C 676 5.40 -2.65 33.32
N GLU C 677 5.32 -1.37 33.70
CA GLU C 677 4.18 -0.89 34.46
C GLU C 677 3.03 -0.44 33.58
N ILE C 678 3.30 -0.08 32.32
CA ILE C 678 2.21 0.24 31.40
C ILE C 678 1.54 -1.04 30.92
N LYS C 679 2.35 -2.04 30.54
CA LYS C 679 1.80 -3.32 30.08
C LYS C 679 1.07 -4.06 31.20
N ASN C 680 1.48 -3.85 32.45
CA ASN C 680 0.78 -4.47 33.56
C ASN C 680 -0.60 -3.85 33.75
N LEU C 681 -0.70 -2.52 33.67
CA LEU C 681 -2.01 -1.86 33.75
C LEU C 681 -2.62 -1.64 32.37
N ILE C 682 -2.59 -2.68 31.54
CA ILE C 682 -3.36 -2.75 30.31
C ILE C 682 -4.10 -4.08 30.31
N HIS C 683 -3.36 -5.16 30.55
CA HIS C 683 -3.95 -6.49 30.56
C HIS C 683 -4.91 -6.67 31.72
N THR C 684 -4.60 -6.09 32.88
CA THR C 684 -5.47 -6.19 34.03
C THR C 684 -6.52 -5.09 34.08
N THR C 685 -6.40 -4.05 33.23
CA THR C 685 -7.60 -3.31 32.75
C THR C 685 -8.47 -4.18 31.85
N ALA C 686 -7.84 -4.91 30.91
CA ALA C 686 -8.60 -5.65 29.90
C ALA C 686 -9.33 -6.85 30.48
N THR C 687 -8.88 -7.41 31.60
CA THR C 687 -9.60 -8.52 32.21
C THR C 687 -10.83 -8.04 32.96
N ASN C 688 -10.85 -6.78 33.38
CA ASN C 688 -11.99 -6.24 34.10
C ASN C 688 -13.06 -5.73 33.14
N LEU C 689 -12.64 -5.28 31.95
CA LEU C 689 -13.58 -4.73 30.99
C LEU C 689 -14.43 -5.82 30.36
N ALA C 690 -13.90 -7.03 30.26
CA ALA C 690 -14.63 -8.12 29.61
C ALA C 690 -15.80 -8.59 30.47
N THR C 691 -15.72 -8.39 31.78
CA THR C 691 -16.81 -8.80 32.65
C THR C 691 -17.99 -7.85 32.53
N SER C 692 -17.73 -6.54 32.52
CA SER C 692 -18.80 -5.57 32.42
C SER C 692 -19.30 -5.46 30.97
N GLU C 693 -20.58 -5.16 30.83
CA GLU C 693 -21.19 -5.05 29.52
C GLU C 693 -20.97 -3.66 28.92
N ILE C 737 -6.98 0.78 35.08
CA ILE C 737 -7.60 2.10 34.93
C ILE C 737 -9.09 1.97 34.69
N SER C 738 -9.81 3.08 34.88
CA SER C 738 -11.24 3.10 34.60
C SER C 738 -11.69 4.40 33.94
N THR C 739 -10.77 5.22 33.42
CA THR C 739 -11.12 6.49 32.81
C THR C 739 -10.28 6.70 31.56
N VAL C 740 -10.93 7.14 30.48
CA VAL C 740 -10.23 7.44 29.24
C VAL C 740 -9.39 8.70 29.36
N GLU C 741 -9.79 9.63 30.24
CA GLU C 741 -9.03 10.87 30.42
C GLU C 741 -7.68 10.63 31.09
N GLN C 742 -7.57 9.60 31.93
CA GLN C 742 -6.29 9.27 32.54
C GLN C 742 -5.46 8.30 31.71
N LEU C 743 -6.06 7.66 30.71
CA LEU C 743 -5.29 6.80 29.81
C LEU C 743 -4.38 7.61 28.91
N ILE C 744 -4.83 8.80 28.48
CA ILE C 744 -3.96 9.69 27.73
C ILE C 744 -2.85 10.24 28.63
N GLN C 745 -3.17 10.49 29.90
CA GLN C 745 -2.17 10.99 30.83
C GLN C 745 -1.17 9.91 31.23
N LYS C 746 -1.62 8.64 31.26
CA LYS C 746 -0.71 7.57 31.65
C LYS C 746 0.28 7.26 30.53
N PHE C 747 -0.10 7.50 29.27
CA PHE C 747 0.80 7.26 28.16
C PHE C 747 1.66 8.48 27.85
N LEU C 748 1.17 9.68 28.16
CA LEU C 748 2.00 10.87 28.03
C LEU C 748 3.08 10.90 29.10
N ASP C 749 2.81 10.28 30.26
CA ASP C 749 3.85 10.14 31.28
C ASP C 749 4.87 9.10 30.89
N TYR C 750 4.47 8.10 30.10
CA TYR C 750 5.41 7.06 29.69
C TYR C 750 6.39 7.59 28.65
N SER C 751 5.90 8.38 27.70
CA SER C 751 6.77 8.92 26.66
C SER C 751 7.63 10.09 27.16
N SER C 752 7.21 10.76 28.23
CA SER C 752 8.00 11.87 28.74
C SER C 752 9.23 11.40 29.49
N THR C 753 9.07 10.39 30.35
CA THR C 753 10.22 9.87 31.09
C THR C 753 11.18 9.11 30.17
N LEU C 754 10.69 8.52 29.09
CA LEU C 754 11.57 7.95 28.09
C LEU C 754 12.36 9.04 27.37
N LEU C 755 11.76 10.22 27.20
CA LEU C 755 12.47 11.36 26.65
C LEU C 755 13.34 12.04 27.70
N ASN C 756 12.96 11.94 28.97
CA ASN C 756 13.71 12.58 30.05
C ASN C 756 14.97 11.79 30.41
N ASP C 757 14.83 10.48 30.57
CA ASP C 757 15.94 9.65 31.01
C ASP C 757 16.97 9.37 29.93
N SER C 758 16.64 9.64 28.67
CA SER C 758 17.54 9.36 27.55
C SER C 758 18.28 10.59 27.07
N LEU C 759 18.51 11.55 27.98
CA LEU C 759 19.41 12.69 27.76
C LEU C 759 18.96 13.59 26.60
N LEU C 760 17.68 13.95 26.59
CA LEU C 760 17.13 14.81 25.55
C LEU C 760 16.20 15.86 26.15
N THR C 761 16.56 16.40 27.31
CA THR C 761 15.72 17.41 27.93
C THR C 761 16.48 18.65 28.36
N ARG C 762 17.72 18.50 28.81
CA ARG C 762 18.48 19.63 29.34
C ARG C 762 19.41 20.19 28.27
N GLU C 763 19.90 21.41 28.53
CA GLU C 763 20.76 22.09 27.57
C GLU C 763 22.15 21.48 27.53
N GLU C 764 22.79 21.34 28.69
CA GLU C 764 24.12 20.76 28.74
C GLU C 764 24.11 19.25 28.52
N SER C 765 22.95 18.60 28.69
CA SER C 765 22.85 17.18 28.43
C SER C 765 22.81 16.88 26.94
N LEU C 766 22.02 17.65 26.18
CA LEU C 766 21.97 17.45 24.73
C LEU C 766 23.24 17.95 24.06
N ARG C 767 23.92 18.92 24.66
CA ARG C 767 25.14 19.46 24.06
C ARG C 767 26.28 18.45 24.13
N GLN C 768 26.22 17.53 25.09
CA GLN C 768 27.25 16.49 25.17
C GLN C 768 26.84 15.24 24.38
N LEU C 769 25.54 14.96 24.29
CA LEU C 769 25.09 13.81 23.52
C LEU C 769 25.31 14.02 22.03
N ARG C 770 25.20 15.26 21.55
CA ARG C 770 25.52 15.56 20.16
C ARG C 770 27.02 15.50 19.91
N LYS C 771 27.81 16.00 20.86
CA LYS C 771 29.26 16.03 20.69
C LYS C 771 29.87 14.64 20.80
N MET C 772 29.33 13.79 21.66
CA MET C 772 29.90 12.46 21.87
C MET C 772 29.60 11.53 20.69
N LEU C 773 28.35 11.53 20.21
CA LEU C 773 28.01 10.67 19.08
C LEU C 773 28.68 11.14 17.79
N ASP C 774 28.95 12.44 17.67
CA ASP C 774 29.62 12.93 16.47
C ASP C 774 31.10 12.55 16.47
N PHE C 775 31.74 12.56 17.64
CA PHE C 775 33.15 12.20 17.71
C PHE C 775 33.37 10.72 17.43
N ILE C 776 32.44 9.86 17.85
CA ILE C 776 32.54 8.44 17.52
C ILE C 776 32.39 8.24 16.02
N PHE C 777 31.44 8.95 15.40
CA PHE C 777 31.29 8.87 13.95
C PHE C 777 32.47 9.49 13.23
N HIS C 778 33.11 10.50 13.82
CA HIS C 778 34.32 11.06 13.23
C HIS C 778 35.51 10.13 13.41
N PHE C 779 35.44 9.21 14.37
CA PHE C 779 36.49 8.20 14.51
C PHE C 779 36.21 6.98 13.65
N ASN C 780 34.94 6.68 13.38
CA ASN C 780 34.61 5.50 12.60
C ASN C 780 34.97 5.66 11.13
N ASN C 781 34.70 6.84 10.55
CA ASN C 781 35.12 7.09 9.18
C ASN C 781 36.61 7.44 9.07
N TYR C 782 37.28 7.66 10.21
CA TYR C 782 38.73 7.79 10.17
C TYR C 782 39.40 6.45 9.96
N ILE C 783 38.75 5.36 10.38
CA ILE C 783 39.38 4.04 10.30
C ILE C 783 39.44 3.56 8.85
N VAL C 784 38.39 3.83 8.07
CA VAL C 784 38.32 3.29 6.71
C VAL C 784 39.31 3.96 5.76
N GLN C 785 39.81 5.15 6.11
CA GLN C 785 40.76 5.83 5.24
C GLN C 785 42.21 5.53 5.57
N VAL C 786 42.48 4.91 6.72
CA VAL C 786 43.84 4.45 7.02
C VAL C 786 44.18 3.22 6.19
N LYS C 787 43.16 2.50 5.70
CA LYS C 787 43.37 1.28 4.93
C LYS C 787 44.12 1.53 3.62
N LYS C 788 44.03 2.76 3.08
CA LYS C 788 44.83 3.14 1.94
C LYS C 788 46.13 3.82 2.33
N VAL C 789 46.31 4.17 3.61
CA VAL C 789 47.60 4.67 4.07
C VAL C 789 48.49 3.54 4.57
N LEU C 790 47.90 2.42 4.99
CA LEU C 790 48.69 1.26 5.41
C LEU C 790 49.27 0.48 4.25
N VAL C 791 48.90 0.81 3.01
CA VAL C 791 49.44 0.09 1.86
C VAL C 791 50.79 0.65 1.44
N LEU C 792 51.13 1.87 1.85
CA LEU C 792 52.41 2.46 1.52
C LEU C 792 53.46 2.32 2.62
N LEU C 793 53.06 1.85 3.80
CA LEU C 793 53.99 1.61 4.89
C LEU C 793 54.59 0.21 4.86
N ASN C 794 54.07 -0.67 4.01
CA ASN C 794 54.60 -2.02 3.84
C ASN C 794 55.01 -2.20 2.39
N HIS C 795 56.27 -2.59 2.17
CA HIS C 795 56.78 -2.70 0.81
C HIS C 795 56.24 -3.93 0.09
N GLU C 796 55.96 -5.00 0.83
CA GLU C 796 55.44 -6.22 0.20
C GLU C 796 53.99 -6.05 -0.24
N LEU C 797 53.22 -5.24 0.47
CA LEU C 797 51.80 -5.10 0.17
C LEU C 797 51.57 -4.19 -1.03
N PHE C 798 52.44 -3.20 -1.24
CA PHE C 798 52.30 -2.32 -2.39
C PHE C 798 52.69 -3.03 -3.68
N ASN C 799 53.61 -3.98 -3.60
CA ASN C 799 54.00 -4.75 -4.79
C ASN C 799 52.88 -5.67 -5.25
N GLU C 800 52.02 -6.10 -4.33
CA GLU C 800 50.89 -6.94 -4.70
C GLU C 800 49.66 -6.12 -5.09
N TYR C 801 49.60 -4.87 -4.66
CA TYR C 801 48.45 -4.00 -4.92
C TYR C 801 48.76 -2.93 -5.95
N SER C 802 49.57 -3.27 -6.96
CA SER C 802 49.91 -2.33 -8.01
C SER C 802 49.48 -2.84 -9.38
N PRO C 812 56.10 7.00 -5.42
CA PRO C 812 56.94 7.41 -4.29
C PRO C 812 57.16 6.28 -3.28
N MET C 813 58.28 5.59 -3.41
CA MET C 813 58.60 4.47 -2.53
C MET C 813 60.07 4.49 -2.13
N ASP C 814 60.32 4.04 -0.90
CA ASP C 814 61.66 3.92 -0.32
C ASP C 814 62.37 5.27 -0.22
N GLN C 815 61.77 6.19 0.54
CA GLN C 815 62.46 7.43 0.89
C GLN C 815 62.12 7.79 2.33
N GLU C 816 62.43 9.03 2.73
CA GLU C 816 62.07 9.50 4.08
C GLU C 816 60.60 9.82 4.23
N SER C 817 59.83 9.82 3.15
CA SER C 817 58.40 10.14 3.23
C SER C 817 57.60 9.04 3.91
N ILE C 818 58.12 7.81 3.97
CA ILE C 818 57.47 6.77 4.75
C ILE C 818 57.50 7.12 6.23
N ASP C 819 58.65 7.57 6.72
CA ASP C 819 58.73 8.03 8.11
C ASP C 819 58.02 9.36 8.30
N LYS C 820 57.89 10.16 7.24
CA LYS C 820 57.21 11.44 7.35
C LYS C 820 55.70 11.23 7.45
N ARG C 821 55.14 10.40 6.56
CA ARG C 821 53.70 10.15 6.57
C ARG C 821 53.28 9.28 7.75
N PHE C 822 54.18 8.45 8.28
CA PHE C 822 53.88 7.78 9.54
C PHE C 822 53.88 8.76 10.70
N ALA C 823 54.73 9.79 10.65
CA ALA C 823 54.71 10.83 11.66
C ALA C 823 53.44 11.68 11.55
N ASN C 824 52.94 11.87 10.34
CA ASN C 824 51.65 12.53 10.18
C ASN C 824 50.50 11.61 10.57
N LEU C 825 50.72 10.30 10.50
CA LEU C 825 49.69 9.36 10.94
C LEU C 825 49.60 9.32 12.46
N SER C 826 50.75 9.33 13.14
CA SER C 826 50.76 9.33 14.60
C SER C 826 50.38 10.68 15.19
N ASP C 827 50.47 11.75 14.39
CA ASP C 827 50.06 13.06 14.89
C ASP C 827 48.54 13.18 14.93
N THR C 828 47.86 12.75 13.87
CA THR C 828 46.41 12.81 13.82
C THR C 828 45.75 11.70 14.64
N PHE C 829 46.50 10.65 15.00
CA PHE C 829 45.95 9.63 15.88
C PHE C 829 46.07 10.04 17.34
N LEU C 830 47.15 10.73 17.71
CA LEU C 830 47.28 11.22 19.08
C LEU C 830 46.30 12.35 19.35
N MET C 831 45.94 13.12 18.33
CA MET C 831 44.97 14.20 18.52
C MET C 831 43.57 13.66 18.79
N GLN C 832 43.27 12.45 18.31
CA GLN C 832 42.00 11.82 18.61
C GLN C 832 42.01 11.05 19.93
N TYR C 833 43.20 10.72 20.46
CA TYR C 833 43.26 10.01 21.72
C TYR C 833 43.07 10.95 22.91
N GLU C 834 43.69 12.13 22.86
CA GLU C 834 43.45 13.14 23.90
C GLU C 834 42.08 13.77 23.75
N LYS C 835 41.48 13.73 22.55
CA LYS C 835 40.13 14.24 22.39
C LYS C 835 39.09 13.25 22.90
N PHE C 836 39.41 11.95 22.89
CA PHE C 836 38.50 10.97 23.46
C PHE C 836 38.42 11.09 24.97
N GLY C 837 39.57 11.33 25.62
CA GLY C 837 39.56 11.59 27.04
C GLY C 837 39.08 12.98 27.41
N GLU C 838 39.04 13.89 26.44
CA GLU C 838 38.58 15.25 26.71
C GLU C 838 37.06 15.30 26.90
N ASN C 839 36.33 14.75 25.93
CA ASN C 839 34.87 14.81 25.99
C ASN C 839 34.27 13.81 26.96
N LEU C 840 34.97 12.73 27.29
CA LEU C 840 34.39 11.71 28.15
C LEU C 840 34.42 12.14 29.62
N VAL C 841 35.44 12.88 30.04
CA VAL C 841 35.48 13.34 31.42
C VAL C 841 34.51 14.48 31.65
N THR C 842 34.08 15.17 30.60
CA THR C 842 33.00 16.14 30.72
C THR C 842 31.65 15.48 30.56
N PHE C 843 31.56 14.41 29.77
CA PHE C 843 30.34 13.63 29.70
C PHE C 843 30.04 12.92 31.01
N LEU C 844 31.09 12.44 31.69
CA LEU C 844 30.89 11.85 33.01
C LEU C 844 30.56 12.91 34.05
N ALA C 845 30.92 14.16 33.80
CA ALA C 845 30.60 15.24 34.73
C ALA C 845 29.19 15.77 34.55
N THR C 846 28.66 15.72 33.32
CA THR C 846 27.31 16.20 33.08
C THR C 846 26.25 15.26 33.63
N ILE C 847 26.54 13.96 33.69
CA ILE C 847 25.60 13.04 34.29
C ILE C 847 25.62 13.14 35.81
N LYS C 848 26.78 13.46 36.40
CA LYS C 848 26.85 13.69 37.84
C LYS C 848 26.12 14.96 38.25
N GLN C 849 26.00 15.92 37.34
CA GLN C 849 25.32 17.17 37.67
C GLN C 849 23.81 17.00 37.70
N VAL C 850 23.23 16.48 36.61
CA VAL C 850 21.77 16.34 36.52
C VAL C 850 21.27 15.00 37.05
N GLY C 851 22.15 14.10 37.46
CA GLY C 851 21.71 12.82 37.99
C GLY C 851 21.43 12.81 39.47
N GLU C 852 21.68 13.91 40.17
CA GLU C 852 21.45 13.98 41.59
C GLU C 852 20.22 14.80 41.97
N ARG C 853 19.80 15.72 41.10
CA ARG C 853 18.73 16.64 41.46
C ARG C 853 17.38 16.26 40.87
N GLU C 854 17.37 15.63 39.69
CA GLU C 854 16.13 15.36 38.98
C GLU C 854 15.82 13.87 38.87
N ASN C 855 16.73 13.09 38.31
CA ASN C 855 16.47 11.70 37.93
C ASN C 855 17.35 10.79 38.76
N GLN C 856 16.73 9.88 39.50
CA GLN C 856 17.49 8.86 40.22
C GLN C 856 17.91 7.71 39.31
N GLY C 857 17.15 7.47 38.24
CA GLY C 857 17.52 6.40 37.31
C GLY C 857 18.73 6.73 36.47
N LEU C 858 18.96 8.02 36.20
CA LEU C 858 20.13 8.42 35.45
C LEU C 858 21.42 8.29 36.27
N LEU C 859 21.31 8.39 37.60
CA LEU C 859 22.47 8.19 38.46
C LEU C 859 22.97 6.75 38.43
N GLU C 860 22.11 5.80 38.04
CA GLU C 860 22.54 4.40 37.96
C GLU C 860 23.53 4.20 36.82
N LEU C 861 23.37 4.93 35.71
CA LEU C 861 24.40 4.92 34.68
C LEU C 861 25.66 5.60 35.16
N SER C 862 25.52 6.69 35.92
CA SER C 862 26.69 7.41 36.41
C SER C 862 27.43 6.62 37.47
N ASN C 863 26.78 5.66 38.10
CA ASN C 863 27.49 4.75 39.00
C ASN C 863 28.14 3.61 38.24
N ARG C 864 27.57 3.24 37.08
CA ARG C 864 28.12 2.14 36.31
C ARG C 864 29.20 2.61 35.35
N LEU C 865 29.02 3.78 34.75
CA LEU C 865 29.96 4.24 33.73
C LEU C 865 31.20 4.87 34.34
N GLU C 866 31.10 5.42 35.55
CA GLU C 866 32.26 6.01 36.21
C GLU C 866 33.16 4.94 36.80
N LEU C 867 32.64 3.72 36.98
CA LEU C 867 33.45 2.63 37.52
C LEU C 867 34.11 1.79 36.44
N CYS C 868 33.52 1.76 35.22
CA CYS C 868 34.16 1.25 33.97
C CYS C 868 35.42 1.99 33.53
N PHE C 869 35.28 3.25 33.11
CA PHE C 869 36.32 3.85 32.27
C PHE C 869 37.56 4.37 33.03
N PRO C 870 37.44 4.94 34.24
CA PRO C 870 38.66 5.12 35.04
C PRO C 870 39.40 3.83 35.34
N GLU C 871 38.71 2.71 35.44
CA GLU C 871 39.38 1.42 35.63
C GLU C 871 40.07 0.97 34.35
N ILE D 150 -77.64 43.88 28.73
CA ILE D 150 -78.18 42.62 29.25
C ILE D 150 -77.19 41.50 28.93
N LEU D 151 -77.22 40.43 29.73
CA LEU D 151 -76.27 39.34 29.59
C LEU D 151 -76.69 38.34 28.52
N THR D 152 -77.97 38.25 28.20
CA THR D 152 -78.44 37.27 27.21
C THR D 152 -78.12 37.66 25.78
N TYR D 153 -77.71 38.91 25.53
CA TYR D 153 -77.29 39.30 24.20
C TYR D 153 -75.83 38.93 23.92
N LEU D 154 -75.06 38.62 24.95
CA LEU D 154 -73.67 38.20 24.80
C LEU D 154 -73.51 36.86 24.08
N PRO D 155 -74.31 35.82 24.34
CA PRO D 155 -74.22 34.62 23.48
C PRO D 155 -74.72 34.85 22.07
N TYR D 156 -75.58 35.85 21.85
CA TYR D 156 -76.05 36.13 20.51
C TYR D 156 -74.96 36.74 19.64
N THR D 157 -74.01 37.45 20.26
CA THR D 157 -72.89 38.03 19.52
C THR D 157 -71.75 37.02 19.36
N MET D 158 -71.65 36.05 20.26
CA MET D 158 -70.58 35.06 20.18
C MET D 158 -70.75 34.12 19.00
N LEU D 159 -71.97 34.00 18.47
CA LEU D 159 -72.22 33.21 17.27
C LEU D 159 -72.30 34.06 16.01
N GLY D 160 -72.15 35.38 16.13
CA GLY D 160 -72.17 36.25 14.98
C GLY D 160 -73.56 36.53 14.45
N SER D 161 -74.42 37.09 15.30
CA SER D 161 -75.78 37.45 14.93
C SER D 161 -76.08 38.86 15.43
N ASP D 162 -76.66 39.69 14.56
CA ASP D 162 -76.95 41.07 14.90
C ASP D 162 -78.21 41.16 15.76
N SER D 163 -78.08 41.79 16.92
CA SER D 163 -79.23 42.12 17.76
C SER D 163 -79.66 43.55 17.46
N LYS D 164 -80.55 44.09 18.29
CA LYS D 164 -81.08 45.43 18.04
C LYS D 164 -80.06 46.52 18.36
N ILE D 165 -79.08 46.23 19.22
CA ILE D 165 -78.13 47.26 19.63
C ILE D 165 -76.70 46.83 19.26
N PHE D 166 -76.44 45.53 19.23
CA PHE D 166 -75.12 45.03 18.85
C PHE D 166 -75.07 44.87 17.34
N THR D 167 -74.29 45.73 16.68
CA THR D 167 -74.13 45.70 15.23
C THR D 167 -72.66 45.69 14.87
N PHE D 168 -72.36 45.13 13.70
CA PHE D 168 -71.00 45.15 13.17
C PHE D 168 -71.02 45.35 11.66
N SER D 169 -69.89 45.08 11.01
CA SER D 169 -69.74 45.26 9.57
C SER D 169 -69.26 43.95 8.94
N ASN D 170 -68.84 44.03 7.67
CA ASN D 170 -68.48 42.84 6.92
C ASN D 170 -67.21 42.20 7.48
N ASN D 171 -66.11 42.94 7.47
CA ASN D 171 -64.83 42.35 7.89
C ASN D 171 -63.89 43.44 8.37
N TYR D 172 -62.96 43.03 9.25
CA TYR D 172 -61.85 43.87 9.73
C TYR D 172 -62.35 45.13 10.45
N THR D 173 -63.48 45.03 11.12
CA THR D 173 -64.01 46.11 11.93
C THR D 173 -64.22 45.61 13.36
N ARG D 174 -64.11 46.54 14.31
CA ARG D 174 -64.23 46.23 15.72
C ARG D 174 -65.68 46.34 16.18
N LEU D 175 -65.96 45.76 17.34
CA LEU D 175 -67.31 45.76 17.91
C LEU D 175 -67.45 47.00 18.80
N GLU D 176 -67.66 48.14 18.15
CA GLU D 176 -67.79 49.41 18.85
C GLU D 176 -69.23 49.56 19.35
N ILE D 177 -69.48 49.15 20.58
CA ILE D 177 -70.81 49.22 21.19
C ILE D 177 -70.73 50.16 22.40
N PRO D 178 -71.19 51.40 22.26
CA PRO D 178 -71.24 52.30 23.41
C PRO D 178 -72.60 52.25 24.10
N LYS D 179 -72.68 52.96 25.22
CA LYS D 179 -73.91 53.17 26.00
C LYS D 179 -74.51 51.83 26.44
N ASP D 180 -73.78 51.19 27.35
CA ASP D 180 -74.33 50.06 28.09
C ASP D 180 -74.49 50.40 29.57
N ILE D 181 -73.40 50.73 30.26
CA ILE D 181 -73.45 51.34 31.58
C ILE D 181 -72.62 52.61 31.54
N ASN D 182 -71.32 52.45 31.30
CA ASN D 182 -70.34 53.54 31.26
C ASN D 182 -69.06 53.00 30.64
N ASN D 183 -67.98 53.78 30.75
CA ASN D 183 -66.68 53.28 30.30
C ASN D 183 -66.07 52.29 31.28
N SER D 184 -66.59 52.24 32.52
CA SER D 184 -66.10 51.28 33.49
C SER D 184 -66.52 49.86 33.15
N PHE D 185 -67.68 49.71 32.52
CA PHE D 185 -68.19 48.39 32.15
C PHE D 185 -67.78 47.97 30.74
N SER D 186 -67.59 48.94 29.83
CA SER D 186 -67.26 48.62 28.45
C SER D 186 -65.78 48.39 28.22
N SER D 187 -64.91 48.87 29.10
CA SER D 187 -63.48 48.67 28.91
C SER D 187 -63.09 47.21 29.13
N LEU D 188 -63.65 46.58 30.17
CA LEU D 188 -63.46 45.15 30.34
C LEU D 188 -64.24 44.37 29.27
N LEU D 189 -65.32 44.96 28.76
CA LEU D 189 -66.08 44.35 27.68
C LEU D 189 -65.31 44.35 26.35
N ARG D 190 -64.26 45.17 26.24
CA ARG D 190 -63.51 45.24 24.99
C ARG D 190 -62.70 43.97 24.75
N GLU D 191 -62.02 43.48 25.79
CA GLU D 191 -61.16 42.32 25.63
C GLU D 191 -61.94 41.02 25.43
N VAL D 192 -63.23 40.99 25.80
CA VAL D 192 -64.06 39.84 25.48
C VAL D 192 -64.80 40.06 24.17
N PHE D 193 -64.96 41.32 23.74
CA PHE D 193 -65.39 41.60 22.37
C PHE D 193 -64.37 41.08 21.35
N GLU D 194 -63.08 41.11 21.70
CA GLU D 194 -62.05 40.56 20.82
C GLU D 194 -62.20 39.05 20.65
N PHE D 195 -62.84 38.37 21.60
CA PHE D 195 -63.12 36.95 21.44
C PHE D 195 -64.18 36.72 20.38
N ALA D 196 -65.06 37.69 20.15
CA ALA D 196 -66.17 37.51 19.21
C ALA D 196 -65.79 37.88 17.79
N ILE D 197 -64.99 38.95 17.62
CA ILE D 197 -64.52 39.32 16.30
C ILE D 197 -63.56 38.28 15.75
N LEU D 198 -62.80 37.62 16.64
CA LEU D 198 -61.87 36.59 16.20
C LEU D 198 -62.61 35.33 15.76
N TYR D 199 -63.83 35.12 16.26
CA TYR D 199 -64.64 34.00 15.80
C TYR D 199 -65.22 34.29 14.42
N LYS D 200 -65.75 35.50 14.22
CA LYS D 200 -66.40 35.82 12.96
C LYS D 200 -65.39 35.98 11.82
N GLN D 201 -64.23 36.55 12.12
CA GLN D 201 -63.20 36.71 11.09
C GLN D 201 -62.61 35.36 10.69
N LEU D 202 -62.64 34.38 11.59
CA LEU D 202 -62.15 33.05 11.27
C LEU D 202 -63.23 32.16 10.64
N ALA D 203 -64.50 32.45 10.92
CA ALA D 203 -65.59 31.67 10.34
C ALA D 203 -65.77 31.94 8.86
N ILE D 204 -65.40 33.13 8.39
CA ILE D 204 -65.49 33.42 6.97
C ILE D 204 -64.32 32.83 6.19
N VAL D 205 -63.27 32.40 6.87
CA VAL D 205 -62.16 31.74 6.18
C VAL D 205 -62.51 30.29 5.87
N VAL D 206 -63.12 29.59 6.84
CA VAL D 206 -63.55 28.22 6.60
C VAL D 206 -64.77 28.18 5.69
N ASP D 207 -65.52 29.28 5.59
CA ASP D 207 -66.70 29.29 4.74
C ASP D 207 -66.34 29.41 3.26
N ARG D 208 -65.42 30.33 2.93
CA ARG D 208 -65.06 30.54 1.54
C ARG D 208 -64.10 29.47 1.00
N TYR D 209 -63.50 28.66 1.86
CA TYR D 209 -62.63 27.57 1.46
C TYR D 209 -63.12 26.25 2.03
N LYS D 210 -64.44 26.03 2.03
CA LYS D 210 -65.02 24.82 2.59
C LYS D 210 -64.89 23.70 1.56
N GLY D 211 -63.64 23.19 1.44
CA GLY D 211 -63.33 22.12 0.52
C GLY D 211 -63.33 22.51 -0.95
N THR D 212 -63.63 23.76 -1.29
CA THR D 212 -63.69 24.21 -2.67
C THR D 212 -62.67 25.31 -2.91
N LEU D 213 -62.36 25.51 -4.20
CA LEU D 213 -61.33 26.40 -4.73
C LEU D 213 -59.91 26.04 -4.28
N VAL D 214 -59.72 24.90 -3.64
CA VAL D 214 -58.38 24.44 -3.24
C VAL D 214 -58.27 22.95 -3.57
N SER D 215 -57.16 22.57 -4.21
CA SER D 215 -56.79 21.17 -4.41
C SER D 215 -55.32 21.05 -4.02
N ALA D 216 -55.07 20.88 -2.72
CA ALA D 216 -53.73 20.85 -2.18
C ALA D 216 -53.77 20.17 -0.82
N ILE D 217 -52.69 20.33 -0.05
CA ILE D 217 -52.65 19.79 1.31
C ILE D 217 -53.44 20.66 2.28
N LYS D 218 -53.82 21.88 1.86
CA LYS D 218 -54.52 22.79 2.76
C LYS D 218 -55.96 22.38 3.02
N THR D 219 -56.51 21.45 2.24
CA THR D 219 -57.88 21.01 2.47
C THR D 219 -58.00 20.12 3.70
N ALA D 220 -56.88 19.57 4.21
CA ALA D 220 -56.92 18.83 5.46
C ALA D 220 -56.82 19.76 6.66
N TYR D 221 -56.17 20.91 6.50
CA TYR D 221 -56.10 21.89 7.58
C TYR D 221 -57.45 22.56 7.79
N ILE D 222 -58.27 22.64 6.75
CA ILE D 222 -59.63 23.16 6.89
C ILE D 222 -60.46 22.22 7.74
N ALA D 223 -60.23 20.91 7.61
CA ALA D 223 -60.87 19.94 8.51
C ALA D 223 -60.38 20.11 9.94
N ILE D 224 -59.13 20.54 10.12
CA ILE D 224 -58.64 20.85 11.45
C ILE D 224 -59.29 22.13 11.96
N LEU D 225 -59.42 23.13 11.09
CA LEU D 225 -60.00 24.40 11.48
C LEU D 225 -61.48 24.28 11.80
N GLU D 226 -62.17 23.32 11.18
CA GLU D 226 -63.58 23.11 11.46
C GLU D 226 -63.80 22.29 12.74
N ALA D 227 -62.84 21.44 13.10
CA ALA D 227 -63.00 20.61 14.29
C ALA D 227 -62.92 21.44 15.56
N GLN D 228 -61.96 22.37 15.63
CA GLN D 228 -61.88 23.26 16.78
C GLN D 228 -62.99 24.31 16.78
N LEU D 229 -63.48 24.68 15.60
CA LEU D 229 -64.60 25.61 15.55
C LEU D 229 -65.91 24.94 15.96
N ASN D 230 -66.02 23.64 15.72
CA ASN D 230 -67.17 22.90 16.21
C ASN D 230 -67.11 22.71 17.72
N LYS D 231 -65.89 22.69 18.28
CA LYS D 231 -65.76 22.54 19.72
C LYS D 231 -65.83 23.90 20.43
N TYR D 232 -65.59 24.99 19.70
CA TYR D 232 -65.75 26.32 20.26
C TYR D 232 -67.22 26.64 20.54
N VAL D 233 -68.10 26.35 19.58
CA VAL D 233 -69.52 26.66 19.76
C VAL D 233 -70.15 25.72 20.78
N ASN D 234 -69.54 24.56 21.02
CA ASN D 234 -70.02 23.68 22.08
C ASN D 234 -69.72 24.24 23.45
N ASP D 235 -68.65 25.03 23.58
CA ASP D 235 -68.29 25.59 24.87
C ASP D 235 -69.10 26.83 25.22
N ILE D 236 -69.57 27.58 24.22
CA ILE D 236 -70.40 28.75 24.49
C ILE D 236 -71.79 28.32 24.95
N ASN D 237 -72.22 27.13 24.57
CA ASN D 237 -73.57 26.69 24.91
C ASN D 237 -73.71 26.37 26.40
N ASN D 238 -72.79 25.56 26.94
CA ASN D 238 -72.93 25.16 28.34
C ASN D 238 -72.50 26.25 29.29
N ILE D 239 -71.65 27.18 28.86
CA ILE D 239 -71.25 28.29 29.73
C ILE D 239 -72.38 29.31 29.83
N PHE D 240 -73.34 29.30 28.91
CA PHE D 240 -74.53 30.12 29.01
C PHE D 240 -75.78 29.32 29.36
N ASN D 241 -75.67 27.99 29.45
CA ASN D 241 -76.77 27.19 29.97
C ASN D 241 -76.98 27.47 31.45
N ASN D 242 -75.91 27.39 32.24
CA ASN D 242 -75.97 27.87 33.61
C ASN D 242 -76.06 29.39 33.64
N LYS D 243 -76.83 29.91 34.58
CA LYS D 243 -77.18 31.34 34.58
C LYS D 243 -76.00 32.15 35.09
N PRO D 244 -75.45 33.07 34.30
CA PRO D 244 -74.33 33.90 34.76
C PRO D 244 -74.78 35.16 35.46
N ASN D 245 -74.07 35.48 36.55
CA ASN D 245 -74.39 36.68 37.32
C ASN D 245 -73.90 37.94 36.61
N SER D 246 -72.62 37.97 36.25
CA SER D 246 -72.02 39.07 35.52
C SER D 246 -71.30 38.52 34.29
N ILE D 247 -70.70 39.43 33.51
CA ILE D 247 -69.95 39.03 32.33
C ILE D 247 -68.50 38.70 32.64
N LEU D 248 -68.12 38.68 33.93
CA LEU D 248 -66.78 38.26 34.29
C LEU D 248 -66.64 36.74 34.35
N VAL D 249 -67.72 36.03 34.68
CA VAL D 249 -67.63 34.58 34.81
C VAL D 249 -67.55 33.90 33.45
N VAL D 250 -68.14 34.50 32.41
CA VAL D 250 -67.97 33.96 31.06
C VAL D 250 -66.58 34.27 30.53
N TYR D 251 -65.97 35.37 30.97
CA TYR D 251 -64.60 35.68 30.59
C TYR D 251 -63.60 34.69 31.16
N ASN D 252 -63.93 34.06 32.29
CA ASN D 252 -63.00 33.13 32.93
C ASN D 252 -62.90 31.81 32.19
N SER D 253 -64.03 31.28 31.70
CA SER D 253 -64.01 29.98 31.04
C SER D 253 -63.47 30.05 29.63
N ILE D 254 -63.59 31.21 28.96
CA ILE D 254 -63.08 31.36 27.61
C ILE D 254 -61.61 31.77 27.61
N PHE D 255 -61.09 32.26 28.73
CA PHE D 255 -59.68 32.62 28.83
C PHE D 255 -58.71 31.47 28.60
N PRO D 256 -59.00 30.19 28.91
CA PRO D 256 -58.13 29.11 28.41
C PRO D 256 -58.23 28.86 26.91
N TRP D 257 -59.17 29.51 26.21
CA TRP D 257 -59.36 29.25 24.79
C TRP D 257 -58.74 30.31 23.89
N ILE D 258 -58.32 31.45 24.44
CA ILE D 258 -57.71 32.49 23.60
C ILE D 258 -56.34 32.05 23.12
N SER D 259 -55.67 31.18 23.87
CA SER D 259 -54.40 30.63 23.42
C SER D 259 -54.56 29.74 22.19
N ILE D 260 -55.68 29.02 22.11
CA ILE D 260 -55.95 28.19 20.94
C ILE D 260 -56.43 29.04 19.77
N LEU D 261 -57.22 30.08 20.04
CA LEU D 261 -57.80 30.88 18.97
C LEU D 261 -56.78 31.81 18.33
N ARG D 262 -55.78 32.27 19.08
CA ARG D 262 -54.78 33.16 18.51
C ARG D 262 -53.85 32.43 17.56
N PHE D 263 -53.65 31.13 17.75
CA PHE D 263 -52.76 30.39 16.88
C PHE D 263 -53.42 30.03 15.55
N LEU D 264 -54.72 29.74 15.56
CA LEU D 264 -55.40 29.36 14.33
C LEU D 264 -55.60 30.56 13.42
N TYR D 265 -55.67 31.78 13.97
CA TYR D 265 -55.84 32.96 13.15
C TYR D 265 -54.55 33.37 12.47
N ARG D 266 -53.41 33.20 13.14
CA ARG D 266 -52.14 33.63 12.57
C ARG D 266 -51.70 32.73 11.43
N VAL D 267 -52.14 31.46 11.43
CA VAL D 267 -51.82 30.58 10.31
C VAL D 267 -52.90 30.64 9.23
N SER D 268 -54.10 31.16 9.55
CA SER D 268 -55.12 31.35 8.52
C SER D 268 -54.93 32.66 7.78
N ASN D 269 -54.30 33.65 8.41
CA ASN D 269 -53.97 34.89 7.72
C ASN D 269 -52.93 34.65 6.64
N ARG D 270 -52.07 33.66 6.82
CA ARG D 270 -51.06 33.31 5.81
C ARG D 270 -51.62 32.25 4.85
N LEU D 271 -52.77 32.58 4.28
CA LEU D 271 -53.38 31.80 3.21
C LEU D 271 -53.50 32.69 1.98
N ASN D 272 -53.58 32.06 0.81
CA ASN D 272 -53.56 32.69 -0.51
C ASN D 272 -52.28 33.48 -0.78
N ARG D 273 -51.25 33.30 0.05
CA ARG D 273 -49.90 33.76 -0.20
C ARG D 273 -49.15 32.62 -0.89
N LEU D 274 -47.82 32.66 -0.90
CA LEU D 274 -47.05 31.54 -1.42
C LEU D 274 -47.29 30.33 -0.52
N ASP D 275 -48.18 29.45 -0.96
CA ASP D 275 -48.78 28.40 -0.12
C ASP D 275 -48.29 27.01 -0.51
N GLY D 276 -47.01 26.87 -0.79
CA GLY D 276 -46.44 25.57 -1.08
C GLY D 276 -45.87 24.94 0.18
N TYR D 277 -44.54 24.94 0.30
CA TYR D 277 -43.91 24.44 1.52
C TYR D 277 -43.87 25.47 2.64
N GLU D 278 -44.31 26.70 2.40
CA GLU D 278 -44.33 27.69 3.47
C GLU D 278 -45.48 27.48 4.44
N PHE D 279 -46.39 26.54 4.15
CA PHE D 279 -47.45 26.24 5.10
C PHE D 279 -47.19 24.96 5.88
N LEU D 280 -46.61 23.94 5.24
CA LEU D 280 -46.36 22.69 5.96
C LEU D 280 -45.19 22.84 6.92
N THR D 281 -44.18 23.63 6.55
CA THR D 281 -43.09 23.92 7.46
C THR D 281 -43.48 24.93 8.53
N PHE D 282 -44.53 25.72 8.28
CA PHE D 282 -44.99 26.67 9.29
C PHE D 282 -45.63 25.95 10.47
N ILE D 283 -46.38 24.87 10.20
CA ILE D 283 -46.97 24.10 11.28
C ILE D 283 -45.91 23.27 12.00
N TYR D 284 -44.92 22.74 11.26
CA TYR D 284 -43.86 21.97 11.89
C TYR D 284 -42.90 22.86 12.69
N SER D 285 -42.85 24.16 12.40
CA SER D 285 -42.01 25.07 13.16
C SER D 285 -42.58 25.34 14.55
N PHE D 286 -43.81 24.92 14.82
CA PHE D 286 -44.44 25.11 16.12
C PHE D 286 -44.60 23.82 16.91
N THR D 287 -44.21 22.67 16.34
CA THR D 287 -44.40 21.40 17.03
C THR D 287 -43.36 21.16 18.12
N ASN D 288 -42.29 21.95 18.16
CA ASN D 288 -41.27 21.87 19.20
C ASN D 288 -41.22 23.23 19.92
N HIS D 289 -42.09 23.38 20.91
CA HIS D 289 -42.30 24.67 21.55
C HIS D 289 -42.76 24.47 22.98
N GLY D 290 -42.58 25.50 23.79
CA GLY D 290 -43.16 25.55 25.11
C GLY D 290 -44.61 25.96 25.03
N ASP D 291 -45.16 26.39 26.19
CA ASP D 291 -46.55 26.80 26.35
C ASP D 291 -47.49 25.70 25.84
N PRO D 292 -47.68 24.62 26.62
CA PRO D 292 -48.30 23.39 26.07
C PRO D 292 -49.71 23.55 25.49
N LYS D 293 -50.38 24.69 25.70
CA LYS D 293 -51.61 24.94 24.95
C LYS D 293 -51.30 25.31 23.51
N ILE D 294 -50.21 26.05 23.28
CA ILE D 294 -49.75 26.30 21.91
C ILE D 294 -49.21 25.01 21.31
N ARG D 295 -48.47 24.22 22.10
CA ARG D 295 -47.94 22.96 21.61
C ARG D 295 -49.04 21.92 21.44
N GLY D 296 -50.12 22.01 22.23
CA GLY D 296 -51.20 21.05 22.11
C GLY D 296 -52.01 21.21 20.84
N ILE D 297 -52.27 22.46 20.43
CA ILE D 297 -52.95 22.70 19.17
C ILE D 297 -52.02 22.51 17.98
N ALA D 298 -50.70 22.59 18.18
CA ALA D 298 -49.77 22.46 17.07
C ALA D 298 -49.63 21.01 16.63
N VAL D 299 -49.68 20.06 17.57
CA VAL D 299 -49.49 18.66 17.21
C VAL D 299 -50.75 18.09 16.58
N THR D 300 -51.93 18.48 17.09
CA THR D 300 -53.17 17.96 16.52
C THR D 300 -53.49 18.60 15.18
N ALA D 301 -52.89 19.75 14.87
CA ALA D 301 -53.02 20.32 13.54
C ALA D 301 -51.95 19.80 12.59
N PHE D 302 -50.95 19.11 13.12
CA PHE D 302 -49.87 18.60 12.27
C PHE D 302 -50.03 17.12 11.96
N THR D 303 -50.55 16.32 12.89
CA THR D 303 -50.64 14.89 12.68
C THR D 303 -51.71 14.53 11.65
N GLU D 304 -52.69 15.39 11.44
CA GLU D 304 -53.71 15.15 10.43
C GLU D 304 -53.57 16.06 9.22
N VAL D 305 -52.49 16.84 9.12
CA VAL D 305 -52.15 17.50 7.86
C VAL D 305 -50.98 16.80 7.18
N VAL D 306 -50.24 15.96 7.91
CA VAL D 306 -49.10 15.25 7.33
C VAL D 306 -49.55 14.00 6.58
N LYS D 307 -50.76 13.52 6.81
CA LYS D 307 -51.26 12.35 6.11
C LYS D 307 -51.39 12.53 4.59
N PRO D 308 -51.82 13.68 4.05
CA PRO D 308 -51.69 13.84 2.59
C PRO D 308 -50.26 13.96 2.11
N TYR D 309 -49.33 14.44 2.93
CA TYR D 309 -47.95 14.53 2.49
C TYR D 309 -47.27 13.16 2.48
N TYR D 310 -47.48 12.37 3.55
CA TYR D 310 -46.89 11.05 3.61
C TYR D 310 -47.53 10.06 2.65
N ASN D 311 -48.70 10.40 2.09
CA ASN D 311 -49.29 9.57 1.04
C ASN D 311 -48.45 9.59 -0.22
N ILE D 312 -47.74 10.70 -0.48
CA ILE D 312 -46.80 10.73 -1.58
C ILE D 312 -45.56 9.92 -1.24
N VAL D 313 -45.20 9.84 0.04
CA VAL D 313 -43.97 9.18 0.44
C VAL D 313 -44.13 7.66 0.41
N GLU D 314 -45.28 7.16 0.89
CA GLU D 314 -45.47 5.71 0.94
C GLU D 314 -45.66 5.12 -0.46
N HIS D 315 -46.21 5.90 -1.39
CA HIS D 315 -46.26 5.44 -2.77
C HIS D 315 -44.88 5.42 -3.40
N TRP D 316 -43.98 6.27 -2.92
CA TRP D 316 -42.61 6.34 -3.39
C TRP D 316 -41.71 5.25 -2.80
N ILE D 317 -42.20 4.48 -1.85
CA ILE D 317 -41.41 3.45 -1.18
C ILE D 317 -41.82 2.05 -1.61
N VAL D 318 -43.12 1.78 -1.66
CA VAL D 318 -43.60 0.43 -1.95
C VAL D 318 -44.08 0.25 -3.39
N LYS D 319 -44.35 1.33 -4.12
CA LYS D 319 -44.82 1.22 -5.49
C LYS D 319 -43.86 1.77 -6.52
N GLY D 320 -43.14 2.85 -6.22
CA GLY D 320 -42.24 3.43 -7.17
C GLY D 320 -42.93 4.24 -8.24
N GLU D 321 -43.79 5.17 -7.81
CA GLU D 321 -44.48 6.08 -8.71
C GLU D 321 -44.60 7.43 -8.05
N LEU D 322 -45.32 8.34 -8.69
CA LEU D 322 -45.50 9.70 -8.19
C LEU D 322 -46.92 10.15 -8.46
N ILE D 323 -47.64 10.51 -7.40
CA ILE D 323 -49.03 10.95 -7.51
C ILE D 323 -49.10 12.45 -7.20
N ASP D 324 -48.02 13.16 -7.46
CA ASP D 324 -47.90 14.56 -7.08
C ASP D 324 -48.46 15.46 -8.17
N ASN D 325 -49.23 16.47 -7.76
CA ASN D 325 -49.74 17.45 -8.69
C ASN D 325 -49.72 18.88 -8.14
N ASN D 326 -49.28 19.07 -6.89
CA ASN D 326 -49.50 20.33 -6.18
C ASN D 326 -48.20 21.11 -5.91
N ASN D 327 -47.19 20.95 -6.77
CA ASN D 327 -45.88 21.62 -6.66
C ASN D 327 -45.24 21.31 -5.30
N GLU D 328 -44.87 20.03 -5.17
CA GLU D 328 -44.61 19.38 -3.88
C GLU D 328 -43.49 18.36 -4.06
N PHE D 329 -43.56 17.27 -3.30
CA PHE D 329 -42.51 16.31 -2.91
C PHE D 329 -41.37 16.14 -3.91
N PHE D 330 -40.14 16.17 -3.37
CA PHE D 330 -38.99 16.74 -4.07
C PHE D 330 -38.54 15.96 -5.30
N ILE D 331 -39.03 14.75 -5.52
CA ILE D 331 -38.61 14.01 -6.70
C ILE D 331 -39.45 14.42 -7.90
N ILE D 332 -39.00 15.45 -8.62
CA ILE D 332 -39.72 15.92 -9.79
C ILE D 332 -39.19 15.21 -11.04
N PHE D 333 -40.02 15.15 -12.08
CA PHE D 333 -39.66 14.51 -13.34
C PHE D 333 -39.47 15.62 -14.37
N ASP D 334 -38.25 15.74 -14.89
CA ASP D 334 -38.01 16.70 -15.97
C ASP D 334 -38.57 16.14 -17.28
N GLN D 335 -39.15 17.03 -18.10
CA GLN D 335 -39.87 16.57 -19.28
C GLN D 335 -38.91 16.12 -20.39
N GLU D 336 -37.65 16.55 -20.33
CA GLU D 336 -36.66 16.11 -21.30
C GLU D 336 -36.17 14.72 -20.97
N GLN D 337 -36.88 13.69 -21.42
CA GLN D 337 -36.54 12.30 -21.09
C GLN D 337 -35.46 11.83 -22.06
N ASN D 338 -34.21 12.22 -21.78
CA ASN D 338 -33.10 11.86 -22.65
C ASN D 338 -32.40 10.59 -22.18
N GLU D 339 -31.86 10.61 -20.96
CA GLU D 339 -31.25 9.43 -20.35
C GLU D 339 -31.73 9.34 -18.91
N PHE D 340 -31.13 8.44 -18.13
CA PHE D 340 -31.51 8.30 -16.74
C PHE D 340 -30.68 9.25 -15.87
N ASN D 341 -30.55 10.50 -16.30
CA ASN D 341 -29.94 11.57 -15.51
C ASN D 341 -30.81 12.83 -15.54
N SER D 342 -31.42 13.10 -16.70
CA SER D 342 -32.39 14.19 -16.77
C SER D 342 -33.70 13.79 -16.09
N ILE D 343 -34.05 12.51 -16.15
CA ILE D 343 -35.05 11.91 -15.27
C ILE D 343 -34.45 11.82 -13.87
N ILE D 344 -35.24 11.30 -12.93
CA ILE D 344 -35.41 11.74 -11.54
C ILE D 344 -34.20 12.37 -10.89
N LYS D 345 -34.39 13.57 -10.34
CA LYS D 345 -33.36 14.32 -9.62
C LYS D 345 -33.94 14.89 -8.34
N LEU D 346 -33.06 15.17 -7.37
CA LEU D 346 -33.47 15.68 -6.07
C LEU D 346 -33.08 17.15 -5.94
N LEU D 347 -34.01 17.96 -5.44
CA LEU D 347 -33.70 19.35 -5.09
C LEU D 347 -33.49 19.46 -3.59
N PRO D 348 -32.37 20.02 -3.13
CA PRO D 348 -32.14 20.11 -1.68
C PRO D 348 -33.00 21.17 -0.98
N LYS D 349 -33.54 22.13 -1.71
CA LYS D 349 -34.32 23.19 -1.08
C LYS D 349 -35.71 22.74 -0.68
N LYS D 350 -36.25 21.70 -1.34
CA LYS D 350 -37.54 21.15 -0.97
C LYS D 350 -37.42 20.01 0.04
N ILE D 351 -36.29 19.90 0.73
CA ILE D 351 -36.12 18.90 1.78
C ILE D 351 -36.74 19.43 3.07
N PRO D 352 -37.73 18.75 3.63
CA PRO D 352 -38.35 19.21 4.88
C PRO D 352 -37.44 18.93 6.08
N ALA D 353 -37.87 19.46 7.22
CA ALA D 353 -37.13 19.31 8.47
C ALA D 353 -37.57 18.11 9.29
N PHE D 354 -38.59 17.37 8.83
CA PHE D 354 -39.05 16.19 9.55
C PHE D 354 -38.70 14.88 8.85
N ILE D 355 -38.31 14.91 7.58
CA ILE D 355 -37.80 13.73 6.90
C ILE D 355 -36.37 13.50 7.34
N LYS D 356 -36.12 12.39 8.03
CA LYS D 356 -34.81 12.18 8.65
C LYS D 356 -33.81 11.59 7.67
N SER D 357 -34.24 10.70 6.79
CA SER D 357 -33.30 10.06 5.86
C SER D 357 -32.88 11.01 4.76
N SER D 358 -33.84 11.45 3.93
CA SER D 358 -33.72 12.44 2.87
C SER D 358 -32.82 12.03 1.71
N ASP D 359 -32.16 10.88 1.78
CA ASP D 359 -31.31 10.40 0.69
C ASP D 359 -31.52 8.94 0.35
N LYS D 360 -32.10 8.15 1.26
CA LYS D 360 -32.35 6.74 0.96
C LYS D 360 -33.68 6.56 0.25
N ILE D 361 -34.69 7.37 0.59
CA ILE D 361 -35.96 7.34 -0.11
C ILE D 361 -35.83 7.85 -1.54
N PHE D 362 -34.81 8.67 -1.81
CA PHE D 362 -34.50 9.05 -3.18
C PHE D 362 -33.95 7.87 -3.96
N GLN D 363 -33.11 7.06 -3.32
CA GLN D 363 -32.49 5.91 -3.97
C GLN D 363 -33.26 4.62 -3.74
N ILE D 364 -34.52 4.71 -3.31
CA ILE D 364 -35.42 3.57 -3.27
C ILE D 364 -36.47 3.66 -4.36
N GLY D 365 -37.03 4.85 -4.58
CA GLY D 365 -38.02 5.01 -5.63
C GLY D 365 -37.42 5.08 -7.02
N LYS D 366 -36.20 5.61 -7.14
CA LYS D 366 -35.58 5.73 -8.46
C LYS D 366 -35.17 4.36 -9.00
N THR D 367 -34.61 3.50 -8.13
CA THR D 367 -34.27 2.16 -8.56
C THR D 367 -35.49 1.27 -8.73
N LEU D 368 -36.63 1.64 -8.14
CA LEU D 368 -37.85 0.87 -8.38
C LEU D 368 -38.40 1.12 -9.78
N ILE D 369 -38.27 2.35 -10.28
CA ILE D 369 -38.64 2.64 -11.66
C ILE D 369 -37.68 1.94 -12.63
N PHE D 370 -36.39 1.92 -12.29
CA PHE D 370 -35.41 1.24 -13.13
C PHE D 370 -35.61 -0.27 -13.10
N LEU D 371 -36.17 -0.81 -12.03
CA LEU D 371 -36.45 -2.23 -11.93
C LEU D 371 -37.88 -2.57 -12.34
N ASN D 372 -38.57 -1.68 -13.04
CA ASN D 372 -39.95 -1.95 -13.43
C ASN D 372 -40.19 -1.74 -14.91
N LYS D 373 -39.49 -0.77 -15.51
CA LYS D 373 -39.74 -0.39 -16.90
C LYS D 373 -38.56 -0.67 -17.81
N TYR D 374 -37.32 -0.55 -17.31
CA TYR D 374 -36.16 -0.77 -18.15
C TYR D 374 -35.61 -2.18 -18.02
N CYS D 375 -35.77 -2.79 -16.85
CA CYS D 375 -35.24 -4.11 -16.52
C CYS D 375 -36.34 -4.91 -15.84
N ARG D 376 -37.48 -5.04 -16.54
CA ARG D 376 -38.84 -5.20 -15.99
C ARG D 376 -38.94 -6.15 -14.82
N GLU D 377 -38.67 -7.44 -15.05
CA GLU D 377 -38.60 -8.49 -14.01
C GLU D 377 -39.83 -8.49 -13.12
N LEU D 378 -40.99 -8.78 -13.71
CA LEU D 378 -42.25 -8.61 -13.00
C LEU D 378 -42.57 -9.79 -12.07
N LYS D 379 -41.61 -10.18 -11.26
CA LYS D 379 -41.80 -11.16 -10.20
C LYS D 379 -41.27 -10.67 -8.86
N TRP D 380 -40.15 -9.95 -8.85
CA TRP D 380 -39.58 -9.47 -7.60
C TRP D 380 -40.28 -8.23 -7.10
N VAL D 381 -40.67 -7.33 -8.02
CA VAL D 381 -41.34 -6.09 -7.62
C VAL D 381 -42.74 -6.39 -7.08
N ASN D 382 -43.40 -7.40 -7.66
CA ASN D 382 -44.71 -7.80 -7.14
C ASN D 382 -44.56 -8.45 -5.75
N GLN D 383 -43.49 -9.21 -5.53
CA GLN D 383 -43.23 -9.75 -4.20
C GLN D 383 -42.80 -8.65 -3.24
N TYR D 384 -42.13 -7.62 -3.75
CA TYR D 384 -41.69 -6.51 -2.91
C TYR D 384 -42.86 -5.61 -2.54
N ASN D 385 -43.84 -5.48 -3.44
CA ASN D 385 -44.97 -4.61 -3.15
C ASN D 385 -45.96 -5.28 -2.20
N VAL D 386 -46.08 -6.61 -2.28
CA VAL D 386 -47.04 -7.30 -1.42
C VAL D 386 -46.48 -7.50 -0.01
N LYS D 387 -45.16 -7.42 0.17
CA LYS D 387 -44.55 -7.69 1.47
C LYS D 387 -44.44 -6.43 2.33
N TYR D 388 -43.75 -5.41 1.82
CA TYR D 388 -43.44 -4.25 2.65
C TYR D 388 -44.61 -3.29 2.79
N SER D 389 -45.54 -3.29 1.84
CA SER D 389 -46.76 -2.50 2.03
C SER D 389 -47.71 -3.17 3.01
N ALA D 390 -47.60 -4.49 3.18
CA ALA D 390 -48.41 -5.19 4.16
C ALA D 390 -47.92 -4.90 5.58
N ILE D 391 -46.59 -4.92 5.79
CA ILE D 391 -46.04 -4.64 7.11
C ILE D 391 -46.04 -3.16 7.44
N LEU D 392 -46.39 -2.30 6.49
CA LEU D 392 -46.53 -0.88 6.76
C LEU D 392 -47.97 -0.50 7.09
N PHE D 393 -48.94 -1.31 6.65
CA PHE D 393 -50.35 -1.00 6.81
C PHE D 393 -51.05 -1.83 7.88
N ASN D 394 -50.72 -3.12 7.99
CA ASN D 394 -51.49 -4.00 8.84
C ASN D 394 -51.18 -3.84 10.33
N ASN D 395 -49.95 -3.46 10.67
CA ASN D 395 -49.55 -3.36 12.06
C ASN D 395 -49.28 -1.94 12.54
N HIS D 396 -48.96 -1.02 11.64
CA HIS D 396 -48.64 0.35 12.01
C HIS D 396 -49.60 1.37 11.41
N GLN D 397 -50.64 0.93 10.71
CA GLN D 397 -51.78 1.70 10.20
C GLN D 397 -51.41 2.90 9.33
N GLY D 398 -50.16 2.99 8.90
CA GLY D 398 -49.71 4.10 8.08
C GLY D 398 -48.33 4.57 8.51
N LEU D 399 -47.74 5.40 7.66
CA LEU D 399 -46.41 5.92 7.94
C LEU D 399 -46.43 7.13 8.87
N ALA D 400 -47.56 7.83 8.96
CA ALA D 400 -47.66 8.96 9.89
C ALA D 400 -47.74 8.50 11.33
N SER D 401 -48.32 7.32 11.56
CA SER D 401 -48.38 6.79 12.92
C SER D 401 -47.02 6.26 13.38
N MET D 402 -46.13 5.98 12.44
CA MET D 402 -44.79 5.52 12.79
C MET D 402 -43.97 6.67 13.36
N THR D 403 -43.14 6.37 14.36
CA THR D 403 -42.31 7.38 14.99
C THR D 403 -41.02 7.57 14.18
N THR D 404 -40.07 8.30 14.75
CA THR D 404 -38.83 8.59 14.03
C THR D 404 -37.93 7.37 13.97
N ASN D 405 -37.84 6.62 15.07
CA ASN D 405 -36.97 5.44 15.09
C ASN D 405 -37.53 4.30 14.23
N GLU D 406 -38.86 4.24 14.08
CA GLU D 406 -39.44 3.20 13.25
C GLU D 406 -39.27 3.48 11.76
N MET D 407 -39.14 4.74 11.38
CA MET D 407 -38.93 5.07 9.97
C MET D 407 -37.51 4.72 9.53
N ILE D 408 -36.52 5.01 10.36
CA ILE D 408 -35.13 4.75 9.98
C ILE D 408 -34.84 3.26 10.01
N LYS D 409 -35.47 2.53 10.94
CA LYS D 409 -35.32 1.08 10.96
C LYS D 409 -35.98 0.43 9.75
N LEU D 410 -37.07 1.02 9.25
CA LEU D 410 -37.73 0.46 8.08
C LEU D 410 -36.97 0.78 6.80
N ILE D 411 -36.55 2.03 6.64
CA ILE D 411 -35.99 2.48 5.37
C ILE D 411 -34.60 1.90 5.16
N ASP D 412 -33.77 1.87 6.21
CA ASP D 412 -32.42 1.33 6.09
C ASP D 412 -32.46 -0.17 5.83
N SER D 413 -33.42 -0.88 6.43
CA SER D 413 -33.60 -2.29 6.11
C SER D 413 -34.23 -2.49 4.74
N GLN D 414 -34.78 -1.43 4.15
CA GLN D 414 -35.34 -1.49 2.81
C GLN D 414 -34.39 -0.92 1.76
N TYR D 415 -33.47 -0.04 2.16
CA TYR D 415 -32.52 0.53 1.21
C TYR D 415 -31.48 -0.51 0.79
N ASN D 416 -30.98 -1.30 1.73
CA ASN D 416 -30.03 -2.36 1.38
C ASN D 416 -30.70 -3.59 0.82
N GLU D 417 -32.03 -3.68 0.88
CA GLU D 417 -32.74 -4.82 0.31
C GLU D 417 -32.80 -4.69 -1.21
N ILE D 418 -32.99 -3.49 -1.74
CA ILE D 418 -33.08 -3.29 -3.18
C ILE D 418 -31.70 -3.25 -3.82
N LEU D 419 -30.72 -2.67 -3.12
CA LEU D 419 -29.36 -2.61 -3.67
C LEU D 419 -28.72 -3.98 -3.72
N THR D 420 -29.15 -4.92 -2.89
CA THR D 420 -28.73 -6.30 -3.05
C THR D 420 -29.30 -6.89 -4.33
N PHE D 421 -30.52 -6.50 -4.70
CA PHE D 421 -31.12 -6.98 -5.94
C PHE D 421 -30.64 -6.20 -7.15
N LEU D 422 -30.30 -4.92 -6.98
CA LEU D 422 -29.73 -4.15 -8.09
C LEU D 422 -28.35 -4.67 -8.46
N THR D 423 -27.49 -4.87 -7.47
CA THR D 423 -26.18 -5.45 -7.72
C THR D 423 -26.27 -6.93 -8.05
N GLN D 424 -27.42 -7.57 -7.84
CA GLN D 424 -27.61 -8.92 -8.34
C GLN D 424 -27.67 -8.94 -9.86
N ILE D 425 -28.67 -8.27 -10.44
CA ILE D 425 -28.70 -8.16 -11.89
C ILE D 425 -28.04 -6.86 -12.36
N ILE D 426 -26.71 -6.79 -12.25
CA ILE D 426 -25.84 -6.03 -13.14
C ILE D 426 -24.63 -6.91 -13.37
N GLN D 427 -24.46 -7.92 -12.51
CA GLN D 427 -23.26 -8.72 -12.45
C GLN D 427 -23.51 -10.19 -12.81
N GLY D 428 -24.49 -10.82 -12.19
CA GLY D 428 -24.76 -12.22 -12.41
C GLY D 428 -25.48 -12.50 -13.70
N ASN D 429 -26.32 -11.56 -14.12
CA ASN D 429 -27.09 -11.70 -15.35
C ASN D 429 -26.71 -10.70 -16.44
N ASN D 430 -26.45 -9.44 -16.07
CA ASN D 430 -26.08 -8.45 -17.07
C ASN D 430 -24.58 -8.44 -17.36
N LYS D 431 -23.78 -8.84 -16.37
CA LYS D 431 -22.31 -8.96 -16.49
C LYS D 431 -21.69 -7.61 -16.90
N LEU D 432 -21.79 -6.66 -15.97
CA LEU D 432 -21.29 -5.31 -16.23
C LEU D 432 -19.78 -5.30 -16.40
N PHE D 433 -19.06 -5.99 -15.53
CA PHE D 433 -17.61 -5.96 -15.63
C PHE D 433 -17.10 -6.82 -16.78
N THR D 434 -17.82 -7.89 -17.13
CA THR D 434 -17.41 -8.71 -18.26
C THR D 434 -17.58 -7.96 -19.58
N HIS D 435 -18.54 -7.04 -19.64
CA HIS D 435 -18.75 -6.24 -20.84
C HIS D 435 -17.89 -4.98 -20.88
N VAL D 436 -17.54 -4.42 -19.72
CA VAL D 436 -16.61 -3.29 -19.70
C VAL D 436 -15.21 -3.74 -20.08
N TYR D 437 -14.82 -4.95 -19.68
CA TYR D 437 -13.56 -5.51 -20.14
C TYR D 437 -13.60 -5.83 -21.64
N ASN D 438 -14.75 -6.29 -22.14
CA ASN D 438 -14.92 -6.49 -23.56
C ASN D 438 -15.15 -5.18 -24.30
N PHE D 439 -15.52 -4.12 -23.59
CA PHE D 439 -15.54 -2.79 -24.18
C PHE D 439 -14.13 -2.30 -24.51
N LYS D 440 -13.12 -2.81 -23.81
CA LYS D 440 -11.74 -2.39 -24.03
C LYS D 440 -11.07 -3.19 -25.13
N ARG D 441 -11.50 -4.44 -25.36
CA ARG D 441 -10.87 -5.28 -26.37
C ARG D 441 -11.16 -4.80 -27.79
N PHE D 442 -12.20 -3.99 -27.98
CA PHE D 442 -12.61 -3.57 -29.30
C PHE D 442 -12.55 -2.06 -29.53
N TYR D 443 -12.80 -1.27 -28.49
CA TYR D 443 -12.72 0.18 -28.66
C TYR D 443 -11.32 0.70 -28.36
N PHE D 444 -10.56 -0.02 -27.54
CA PHE D 444 -9.24 0.40 -27.11
C PHE D 444 -8.12 -0.50 -27.65
N MET D 445 -8.44 -1.34 -28.65
CA MET D 445 -7.45 -2.09 -29.43
C MET D 445 -6.63 -3.05 -28.58
N GLU D 446 -7.27 -3.71 -27.61
CA GLU D 446 -6.55 -4.66 -26.78
C GLU D 446 -6.30 -5.99 -27.50
N THR D 447 -6.96 -6.23 -28.62
CA THR D 447 -6.69 -7.38 -29.48
C THR D 447 -6.32 -6.85 -30.85
N ASN D 448 -5.02 -6.71 -31.10
CA ASN D 448 -4.53 -6.14 -32.34
C ASN D 448 -4.62 -7.11 -33.52
N ASP D 449 -4.87 -8.39 -33.27
CA ASP D 449 -5.00 -9.36 -34.35
C ASP D 449 -6.27 -9.11 -35.16
N PHE D 450 -7.32 -8.64 -34.51
CA PHE D 450 -8.57 -8.35 -35.21
C PHE D 450 -8.45 -7.09 -36.05
N ILE D 451 -7.83 -6.05 -35.50
CA ILE D 451 -7.68 -4.79 -36.22
C ILE D 451 -6.64 -4.91 -37.34
N ASP D 452 -5.69 -5.83 -37.21
CA ASP D 452 -4.81 -6.14 -38.32
C ASP D 452 -5.49 -6.97 -39.39
N ALA D 453 -6.54 -7.71 -39.03
CA ALA D 453 -7.21 -8.57 -39.98
C ALA D 453 -8.15 -7.79 -40.90
N ILE D 454 -8.87 -6.82 -40.36
CA ILE D 454 -9.75 -5.99 -41.20
C ILE D 454 -8.95 -5.06 -42.09
N MET D 455 -7.70 -4.75 -41.72
CA MET D 455 -6.84 -3.93 -42.56
C MET D 455 -6.14 -4.73 -43.65
N VAL D 456 -6.13 -6.06 -43.54
CA VAL D 456 -5.60 -6.93 -44.57
C VAL D 456 -6.71 -7.49 -45.46
N LYS D 457 -7.77 -8.01 -44.85
CA LYS D 457 -8.91 -8.54 -45.57
C LYS D 457 -9.90 -7.44 -45.98
N GLY D 458 -9.50 -6.18 -45.91
CA GLY D 458 -10.34 -5.08 -46.33
C GLY D 458 -9.56 -4.01 -47.05
N LYS D 459 -8.43 -4.39 -47.65
CA LYS D 459 -7.58 -3.45 -48.38
C LYS D 459 -8.14 -3.11 -49.76
N ASP D 460 -9.28 -3.68 -50.14
CA ASP D 460 -9.96 -3.37 -51.40
C ASP D 460 -11.20 -2.52 -51.21
N VAL D 461 -11.93 -2.73 -50.12
CA VAL D 461 -13.14 -1.94 -49.87
C VAL D 461 -12.79 -0.57 -49.34
N PHE D 462 -11.78 -0.49 -48.47
CA PHE D 462 -11.42 0.77 -47.82
C PHE D 462 -10.72 1.75 -48.75
N ASN D 463 -10.33 1.32 -49.94
CA ASN D 463 -9.69 2.23 -50.88
C ASN D 463 -10.69 3.11 -51.60
N GLU D 464 -11.95 2.66 -51.70
CA GLU D 464 -12.97 3.42 -52.40
C GLU D 464 -13.52 4.52 -51.50
N SER D 465 -14.50 5.26 -52.02
CA SER D 465 -15.15 6.33 -51.27
C SER D 465 -16.21 5.73 -50.34
N SER D 466 -17.07 6.59 -49.79
CA SER D 466 -18.13 6.18 -48.89
C SER D 466 -19.36 5.65 -49.62
N VAL D 467 -19.23 5.26 -50.89
CA VAL D 467 -20.34 4.69 -51.66
C VAL D 467 -20.64 3.25 -51.30
N ASN D 468 -19.90 2.67 -50.35
CA ASN D 468 -20.17 1.30 -49.93
C ASN D 468 -21.51 1.21 -49.22
N ILE D 469 -22.22 0.10 -49.46
CA ILE D 469 -23.57 -0.07 -48.92
C ILE D 469 -23.55 -0.26 -47.40
N SER D 470 -22.48 -0.85 -46.86
CA SER D 470 -22.34 -1.19 -45.44
C SER D 470 -23.44 -2.14 -44.96
N SER D 471 -23.96 -2.97 -45.86
CA SER D 471 -24.90 -4.02 -45.50
C SER D 471 -24.42 -5.39 -45.96
N THR D 472 -23.77 -5.45 -47.14
CA THR D 472 -23.18 -6.68 -47.64
C THR D 472 -21.68 -6.59 -47.86
N TYR D 473 -21.12 -5.37 -47.86
CA TYR D 473 -19.67 -5.23 -48.01
C TYR D 473 -18.98 -5.29 -46.65
N LEU D 474 -19.34 -4.40 -45.73
CA LEU D 474 -18.74 -4.41 -44.40
C LEU D 474 -19.12 -5.64 -43.60
N ARG D 475 -20.27 -6.26 -43.90
CA ARG D 475 -20.60 -7.53 -43.25
C ARG D 475 -19.69 -8.65 -43.75
N LYS D 476 -19.30 -8.61 -45.03
CA LYS D 476 -18.40 -9.62 -45.55
C LYS D 476 -16.99 -9.45 -45.00
N VAL D 477 -16.50 -8.21 -44.93
CA VAL D 477 -15.15 -7.95 -44.45
C VAL D 477 -15.04 -8.25 -42.95
N LEU D 478 -16.10 -7.97 -42.19
CA LEU D 478 -16.06 -8.20 -40.74
C LEU D 478 -16.09 -9.70 -40.44
N GLN D 479 -16.88 -10.47 -41.18
CA GLN D 479 -17.07 -11.87 -40.85
C GLN D 479 -15.88 -12.74 -41.25
N ASP D 480 -15.21 -12.43 -42.36
CA ASP D 480 -14.04 -13.21 -42.73
C ASP D 480 -12.82 -12.87 -41.89
N ALA D 481 -12.69 -11.60 -41.47
CA ALA D 481 -11.61 -11.21 -40.57
C ALA D 481 -11.78 -11.81 -39.18
N ILE D 482 -13.01 -12.14 -38.79
CA ILE D 482 -13.24 -12.86 -37.55
C ILE D 482 -12.67 -14.27 -37.64
N GLN D 483 -12.82 -14.91 -38.80
CA GLN D 483 -12.25 -16.26 -38.99
C GLN D 483 -10.73 -16.22 -39.06
N ILE D 484 -10.16 -15.09 -39.48
CA ILE D 484 -8.70 -14.97 -39.55
C ILE D 484 -8.11 -14.85 -38.14
N SER D 485 -8.66 -13.96 -37.33
CA SER D 485 -8.09 -13.64 -36.04
C SER D 485 -8.66 -14.55 -34.95
N SER D 486 -8.40 -14.21 -33.69
CA SER D 486 -8.79 -15.02 -32.55
C SER D 486 -10.20 -14.72 -32.05
N VAL D 487 -10.92 -13.84 -32.74
CA VAL D 487 -12.28 -13.48 -32.34
C VAL D 487 -13.27 -14.60 -32.63
N LYS D 488 -12.93 -15.54 -33.52
CA LYS D 488 -13.85 -16.58 -33.95
C LYS D 488 -14.24 -17.57 -32.86
N ASN D 489 -13.53 -17.59 -31.73
CA ASN D 489 -13.78 -18.59 -30.71
C ASN D 489 -14.48 -18.08 -29.46
N PHE D 490 -14.35 -16.81 -29.12
CA PHE D 490 -14.82 -16.39 -27.80
C PHE D 490 -16.33 -16.20 -27.83
N GLU D 491 -16.89 -15.92 -26.65
CA GLU D 491 -18.33 -16.06 -26.41
C GLU D 491 -19.15 -15.03 -27.18
N TYR D 492 -18.95 -13.75 -26.87
CA TYR D 492 -19.85 -12.69 -27.33
C TYR D 492 -19.46 -12.21 -28.73
N VAL D 493 -19.54 -13.13 -29.69
CA VAL D 493 -19.21 -12.79 -31.07
C VAL D 493 -20.42 -12.22 -31.81
N ASP D 494 -21.64 -12.54 -31.39
CA ASP D 494 -22.82 -11.98 -32.03
C ASP D 494 -23.04 -10.52 -31.68
N ARG D 495 -22.45 -10.05 -30.58
CA ARG D 495 -22.56 -8.65 -30.19
C ARG D 495 -21.69 -7.72 -31.05
N LEU D 496 -20.84 -8.28 -31.90
CA LEU D 496 -19.87 -7.51 -32.65
C LEU D 496 -20.44 -7.14 -34.01
N ASP D 497 -20.51 -5.83 -34.29
CA ASP D 497 -21.01 -5.32 -35.55
C ASP D 497 -20.18 -4.13 -35.97
N SER D 498 -20.25 -3.80 -37.26
CA SER D 498 -19.46 -2.71 -37.84
C SER D 498 -20.37 -1.84 -38.70
N ARG D 499 -19.93 -0.60 -38.90
CA ARG D 499 -20.71 0.37 -39.66
C ARG D 499 -19.79 1.47 -40.17
N VAL D 500 -20.30 2.27 -41.10
CA VAL D 500 -19.61 3.44 -41.62
C VAL D 500 -20.20 4.67 -40.95
N LEU D 501 -19.33 5.47 -40.34
CA LEU D 501 -19.77 6.69 -39.67
C LEU D 501 -19.76 7.86 -40.65
N ASN D 502 -20.89 8.58 -40.72
CA ASN D 502 -21.12 9.76 -41.54
C ASN D 502 -20.79 9.52 -43.02
N PRO D 503 -21.63 8.76 -43.75
CA PRO D 503 -21.35 8.52 -45.17
C PRO D 503 -21.59 9.73 -46.05
N GLN D 504 -22.24 10.78 -45.55
CA GLN D 504 -22.54 11.95 -46.37
C GLN D 504 -21.31 12.80 -46.63
N HIS D 505 -20.25 12.65 -45.85
CA HIS D 505 -19.03 13.43 -46.08
C HIS D 505 -18.31 12.94 -47.34
N GLY D 506 -18.05 11.64 -47.42
CA GLY D 506 -17.41 11.07 -48.59
C GLY D 506 -15.94 11.43 -48.72
N ASN D 507 -15.20 11.33 -47.61
CA ASN D 507 -13.77 11.64 -47.66
C ASN D 507 -12.98 10.44 -48.19
N LEU D 508 -13.02 9.33 -47.47
CA LEU D 508 -12.31 8.11 -47.86
C LEU D 508 -12.93 6.93 -47.14
N GLY D 509 -12.54 5.73 -47.56
CA GLY D 509 -13.00 4.52 -46.89
C GLY D 509 -12.16 4.11 -45.70
N TRP D 510 -10.92 4.57 -45.63
CA TRP D 510 -10.07 4.24 -44.49
C TRP D 510 -10.47 5.01 -43.25
N GLU D 511 -11.12 6.17 -43.42
CA GLU D 511 -11.41 7.07 -42.31
C GLU D 511 -12.78 6.82 -41.69
N SER D 512 -13.74 6.33 -42.46
CA SER D 512 -15.13 6.27 -42.01
C SER D 512 -15.48 4.98 -41.25
N PHE D 513 -14.56 4.03 -41.17
CA PHE D 513 -14.88 2.75 -40.56
C PHE D 513 -14.84 2.85 -39.03
N THR D 514 -15.67 2.04 -38.38
CA THR D 514 -15.67 1.94 -36.93
C THR D 514 -16.16 0.56 -36.53
N ILE D 515 -16.02 0.25 -35.24
CA ILE D 515 -16.48 -1.01 -34.68
C ILE D 515 -17.51 -0.68 -33.60
N GLU D 516 -18.50 -1.57 -33.45
CA GLU D 516 -19.61 -1.35 -32.54
C GLU D 516 -19.85 -2.59 -31.71
N TYR D 517 -19.86 -2.42 -30.39
CA TYR D 517 -20.28 -3.48 -29.47
C TYR D 517 -21.75 -3.27 -29.17
N LYS D 518 -22.61 -4.10 -29.77
CA LYS D 518 -24.05 -3.90 -29.72
C LYS D 518 -24.60 -4.51 -28.43
N ILE D 519 -24.87 -3.66 -27.44
CA ILE D 519 -25.44 -4.09 -26.17
C ILE D 519 -26.95 -3.85 -26.26
N ASP D 520 -27.67 -4.83 -26.81
CA ASP D 520 -29.11 -4.67 -27.00
C ASP D 520 -29.91 -5.07 -25.75
N ASP D 521 -29.88 -6.35 -25.38
CA ASP D 521 -30.69 -6.84 -24.27
C ASP D 521 -30.13 -8.18 -23.79
N LEU D 522 -29.49 -8.25 -22.60
CA LEU D 522 -28.92 -7.20 -21.72
C LEU D 522 -29.79 -6.06 -21.18
N PRO D 523 -30.67 -6.37 -20.22
CA PRO D 523 -31.54 -5.34 -19.64
C PRO D 523 -30.77 -4.31 -18.83
N MET D 524 -29.99 -3.48 -19.51
CA MET D 524 -29.23 -2.40 -18.90
C MET D 524 -29.02 -1.32 -19.94
N SER D 525 -29.15 -0.07 -19.53
CA SER D 525 -28.94 1.03 -20.48
C SER D 525 -27.47 1.17 -20.89
N TYR D 526 -26.50 1.14 -19.94
CA TYR D 526 -26.55 1.45 -18.50
C TYR D 526 -26.03 2.86 -18.31
N LEU D 527 -26.86 3.85 -18.66
CA LEU D 527 -26.49 5.25 -18.80
C LEU D 527 -25.31 5.42 -19.75
N PHE D 528 -25.24 4.55 -20.77
CA PHE D 528 -24.22 4.64 -21.80
C PHE D 528 -24.76 5.42 -23.01
N GLU D 529 -25.07 6.69 -22.74
CA GLU D 529 -25.68 7.57 -23.73
C GLU D 529 -24.57 8.23 -24.56
N GLY D 530 -24.92 9.29 -25.30
CA GLY D 530 -24.03 9.82 -26.32
C GLY D 530 -22.76 10.43 -25.76
N HIS D 531 -22.91 11.23 -24.70
CA HIS D 531 -21.73 11.87 -24.10
C HIS D 531 -20.83 10.87 -23.41
N GLN D 532 -21.32 9.66 -23.15
CA GLN D 532 -20.49 8.54 -22.73
C GLN D 532 -20.04 7.67 -23.89
N HIS D 533 -20.40 8.02 -25.13
CA HIS D 533 -20.11 7.19 -26.29
C HIS D 533 -19.43 7.94 -27.43
N LEU D 534 -19.70 9.23 -27.61
CA LEU D 534 -19.00 9.98 -28.64
C LEU D 534 -17.54 10.22 -28.27
N GLN D 535 -17.23 10.45 -26.99
CA GLN D 535 -15.85 10.42 -26.54
C GLN D 535 -15.30 9.01 -26.47
N TYR D 536 -16.16 8.00 -26.54
CA TYR D 536 -15.73 6.62 -26.53
C TYR D 536 -15.55 6.05 -27.93
N LEU D 537 -16.09 6.74 -28.94
CA LEU D 537 -15.81 6.42 -30.34
C LEU D 537 -14.75 7.32 -30.95
N LYS D 538 -14.50 8.49 -30.37
CA LYS D 538 -13.43 9.36 -30.85
C LYS D 538 -12.07 8.78 -30.52
N MET D 539 -11.96 8.08 -29.38
CA MET D 539 -10.70 7.49 -28.99
C MET D 539 -10.35 6.29 -29.87
N PHE D 540 -11.36 5.57 -30.37
CA PHE D 540 -11.09 4.49 -31.32
C PHE D 540 -10.56 5.03 -32.64
N HIS D 541 -11.10 6.17 -33.10
CA HIS D 541 -10.70 6.69 -34.40
C HIS D 541 -9.30 7.30 -34.35
N PHE D 542 -8.87 7.76 -33.18
CA PHE D 542 -7.47 8.17 -33.03
C PHE D 542 -6.55 6.96 -32.98
N LEU D 543 -6.97 5.90 -32.29
CA LEU D 543 -6.22 4.64 -32.30
C LEU D 543 -6.34 3.91 -33.62
N TRP D 544 -7.35 4.23 -34.43
CA TRP D 544 -7.44 3.67 -35.78
C TRP D 544 -6.41 4.29 -36.71
N LYS D 545 -6.05 5.56 -36.48
CA LYS D 545 -5.06 6.22 -37.32
C LYS D 545 -3.66 5.68 -37.07
N LEU D 546 -3.39 5.18 -35.87
CA LEU D 546 -2.05 4.68 -35.56
C LEU D 546 -1.84 3.26 -36.08
N ARG D 547 -2.84 2.39 -35.94
CA ARG D 547 -2.69 1.03 -36.46
C ARG D 547 -2.79 0.99 -37.97
N GLN D 548 -3.36 2.01 -38.60
CA GLN D 548 -3.39 2.08 -40.06
C GLN D 548 -2.01 2.38 -40.61
N LEU D 549 -1.30 3.35 -40.00
CA LEU D 549 0.05 3.67 -40.44
C LEU D 549 1.04 2.57 -40.09
N ASN D 550 0.76 1.82 -39.02
CA ASN D 550 1.65 0.74 -38.63
C ASN D 550 1.52 -0.48 -39.55
N ASN D 551 0.40 -0.60 -40.26
CA ASN D 551 0.21 -1.72 -41.17
C ASN D 551 0.65 -1.42 -42.60
N LEU D 552 0.95 -0.17 -42.92
CA LEU D 552 1.52 0.19 -44.20
C LEU D 552 2.96 0.66 -44.08
N LEU D 553 3.55 0.56 -42.89
CA LEU D 553 4.99 0.80 -42.71
C LEU D 553 5.77 -0.50 -42.62
N ASN D 554 5.16 -1.56 -42.08
CA ASN D 554 5.81 -2.86 -42.08
C ASN D 554 5.63 -3.58 -43.40
N TRP D 555 4.53 -3.33 -44.11
CA TRP D 555 4.42 -3.77 -45.49
C TRP D 555 5.38 -2.99 -46.39
N HIS D 556 5.69 -1.75 -46.03
CA HIS D 556 6.75 -1.01 -46.70
C HIS D 556 8.11 -1.65 -46.48
N PHE D 557 8.30 -2.32 -45.33
CA PHE D 557 9.51 -3.10 -45.12
C PHE D 557 9.49 -4.38 -45.94
N GLU D 558 8.32 -5.02 -46.07
CA GLU D 558 8.20 -6.23 -46.86
C GLU D 558 8.22 -5.97 -48.35
N MET D 559 7.99 -4.74 -48.78
CA MET D 559 7.99 -4.40 -50.21
C MET D 559 9.35 -3.95 -50.69
N PHE D 560 10.17 -3.34 -49.83
CA PHE D 560 11.48 -2.88 -50.25
C PHE D 560 12.55 -3.95 -50.13
N ASN D 561 12.32 -4.98 -49.31
CA ASN D 561 13.29 -6.08 -49.23
C ASN D 561 13.28 -6.92 -50.50
N GLU D 562 12.09 -7.18 -51.04
CA GLU D 562 12.00 -7.87 -52.32
C GLU D 562 12.41 -6.98 -53.48
N LEU D 563 12.29 -5.66 -53.32
CA LEU D 563 12.80 -4.75 -54.33
C LEU D 563 14.33 -4.77 -54.37
N ASN D 564 14.96 -4.91 -53.19
CA ASN D 564 16.41 -5.05 -53.14
C ASN D 564 16.85 -6.37 -53.76
N HIS D 565 16.18 -7.46 -53.38
CA HIS D 565 16.62 -8.80 -53.81
C HIS D 565 16.40 -9.02 -55.30
N ASN D 566 15.15 -8.89 -55.76
CA ASN D 566 14.81 -9.27 -57.12
C ASN D 566 15.35 -8.31 -58.17
N VAL D 567 15.73 -7.10 -57.78
CA VAL D 567 16.16 -6.10 -58.76
C VAL D 567 17.57 -5.61 -58.47
N VAL D 568 17.78 -5.04 -57.28
CA VAL D 568 18.90 -4.13 -57.07
C VAL D 568 20.23 -4.87 -57.02
N THR D 569 20.25 -6.08 -56.43
CA THR D 569 21.50 -6.83 -56.35
C THR D 569 22.00 -7.34 -57.69
N LYS D 570 21.20 -7.26 -58.75
CA LYS D 570 21.63 -7.72 -60.07
C LYS D 570 21.50 -6.63 -61.12
N LEU D 571 21.97 -5.42 -60.82
CA LEU D 571 21.94 -4.30 -61.75
C LEU D 571 23.37 -3.94 -62.18
N SER D 572 23.86 -4.65 -63.20
CA SER D 572 25.06 -4.35 -63.98
C SER D 572 26.36 -4.37 -63.19
N SER D 573 26.33 -4.67 -61.88
CA SER D 573 27.47 -4.75 -60.98
C SER D 573 28.26 -3.45 -60.84
N ARG D 574 27.76 -2.34 -61.40
CA ARG D 574 28.41 -1.04 -61.27
C ARG D 574 27.46 0.09 -60.92
N ASN D 575 26.17 -0.04 -61.21
CA ASN D 575 25.18 0.96 -60.85
C ASN D 575 24.48 0.63 -59.53
N ARG D 576 24.90 -0.43 -58.86
CA ARG D 576 24.28 -0.80 -57.58
C ARG D 576 24.75 0.13 -56.46
N ARG D 577 26.01 0.54 -56.52
CA ARG D 577 26.58 1.33 -55.42
C ARG D 577 25.95 2.72 -55.22
N PRO D 578 25.46 3.42 -56.25
CA PRO D 578 24.61 4.59 -55.94
C PRO D 578 23.18 4.21 -55.59
N LEU D 579 22.74 3.01 -55.94
CA LEU D 579 21.36 2.62 -55.64
C LEU D 579 21.25 1.93 -54.29
N ALA D 580 22.21 1.07 -53.94
CA ALA D 580 22.20 0.44 -52.63
C ALA D 580 22.44 1.45 -51.51
N LYS D 581 23.18 2.52 -51.81
CA LYS D 581 23.29 3.63 -50.87
C LYS D 581 21.98 4.40 -50.78
N SER D 582 21.25 4.48 -51.90
CA SER D 582 20.00 5.24 -51.91
C SER D 582 18.89 4.50 -51.18
N LEU D 583 18.79 3.18 -51.37
CA LEU D 583 17.72 2.42 -50.74
C LEU D 583 17.96 2.19 -49.25
N SER D 584 19.20 2.32 -48.79
CA SER D 584 19.48 2.18 -47.37
C SER D 584 18.99 3.40 -46.58
N ILE D 585 18.74 4.53 -47.25
CA ILE D 585 18.18 5.68 -46.56
C ILE D 585 16.68 5.54 -46.41
N ILE D 586 15.99 4.97 -47.41
CA ILE D 586 14.55 4.83 -47.35
C ILE D 586 14.14 3.74 -46.37
N THR D 587 14.93 2.67 -46.26
CA THR D 587 14.63 1.66 -45.26
C THR D 587 14.96 2.15 -43.85
N SER D 588 15.94 3.04 -43.72
CA SER D 588 16.30 3.56 -42.41
C SER D 588 15.36 4.66 -41.93
N ILE D 589 14.81 5.46 -42.85
CA ILE D 589 13.85 6.48 -42.44
C ILE D 589 12.51 5.83 -42.07
N ARG D 590 12.24 4.63 -42.59
CA ARG D 590 11.13 3.84 -42.09
C ARG D 590 11.36 3.42 -40.65
N PHE D 591 12.62 3.11 -40.31
CA PHE D 591 12.96 2.70 -38.95
C PHE D 591 12.81 3.84 -37.95
N HIS D 592 13.02 5.08 -38.39
CA HIS D 592 12.76 6.21 -37.52
C HIS D 592 11.26 6.46 -37.36
N PHE D 593 10.45 6.00 -38.31
CA PHE D 593 9.02 6.21 -38.24
C PHE D 593 8.32 5.09 -37.49
N THR D 594 8.79 3.85 -37.64
CA THR D 594 8.16 2.73 -36.95
C THR D 594 8.54 2.66 -35.48
N GLN D 595 9.54 3.43 -35.05
CA GLN D 595 9.88 3.52 -33.64
C GLN D 595 9.17 4.67 -32.94
N PHE D 596 8.75 5.69 -33.69
CA PHE D 596 8.00 6.79 -33.09
C PHE D 596 6.56 6.37 -32.79
N LEU D 597 5.96 5.55 -33.65
CA LEU D 597 4.59 5.10 -33.43
C LEU D 597 4.52 4.00 -32.37
N ASN D 598 5.49 3.08 -32.38
CA ASN D 598 5.41 1.91 -31.51
C ASN D 598 5.64 2.27 -30.04
N GLU D 599 6.23 3.44 -29.78
CA GLU D 599 6.32 3.93 -28.41
C GLU D 599 5.23 4.93 -28.06
N LEU D 600 4.62 5.56 -29.06
CA LEU D 600 3.46 6.41 -28.81
C LEU D 600 2.24 5.57 -28.45
N ILE D 601 2.09 4.41 -29.08
CA ILE D 601 1.01 3.50 -28.72
C ILE D 601 1.31 2.84 -27.38
N ALA D 602 2.57 2.50 -27.13
CA ALA D 602 2.94 1.82 -25.88
C ALA D 602 2.77 2.73 -24.67
N TYR D 603 2.77 4.04 -24.87
CA TYR D 603 2.43 4.95 -23.78
C TYR D 603 0.92 5.07 -23.62
N LEU D 604 0.17 5.10 -24.72
CA LEU D 604 -1.27 5.25 -24.63
C LEU D 604 -1.93 3.97 -24.15
N SER D 605 -1.41 2.81 -24.56
CA SER D 605 -2.12 1.56 -24.32
C SER D 605 -1.85 0.98 -22.94
N TYR D 606 -0.84 1.48 -22.23
CA TYR D 606 -0.49 0.95 -20.91
C TYR D 606 -0.50 1.98 -19.80
N ASP D 607 -0.02 3.20 -20.06
CA ASP D 607 -0.01 4.21 -19.02
C ASP D 607 -1.35 4.91 -18.93
N VAL D 608 -2.02 5.16 -20.06
CA VAL D 608 -3.26 5.91 -20.08
C VAL D 608 -4.46 4.96 -20.01
N ILE D 609 -4.51 3.98 -20.92
CA ILE D 609 -5.69 3.14 -21.02
C ILE D 609 -5.69 2.07 -19.94
N GLU D 610 -4.61 1.31 -19.83
CA GLU D 610 -4.61 0.13 -18.97
C GLU D 610 -4.50 0.49 -17.49
N GLU D 611 -3.80 1.58 -17.15
CA GLU D 611 -3.66 1.94 -15.74
C GLU D 611 -4.92 2.56 -15.18
N ASN D 612 -5.66 3.31 -16.00
CA ASN D 612 -6.92 3.89 -15.54
C ASN D 612 -8.02 2.84 -15.40
N PHE D 613 -7.96 1.78 -16.21
CA PHE D 613 -8.96 0.73 -16.10
C PHE D 613 -8.82 -0.05 -14.80
N GLN D 614 -7.58 -0.31 -14.37
CA GLN D 614 -7.36 -1.00 -13.11
C GLN D 614 -7.69 -0.09 -11.92
N GLN D 615 -7.40 1.20 -12.05
CA GLN D 615 -7.57 2.12 -10.94
C GLN D 615 -9.04 2.50 -10.73
N HIS D 616 -9.77 2.79 -11.81
CA HIS D 616 -11.12 3.31 -11.69
C HIS D 616 -12.19 2.23 -11.77
N ILE D 617 -12.02 1.24 -12.64
CA ILE D 617 -13.04 0.22 -12.84
C ILE D 617 -12.84 -0.98 -11.93
N VAL D 618 -11.63 -1.52 -11.87
CA VAL D 618 -11.43 -2.76 -11.13
C VAL D 618 -11.33 -2.51 -9.63
N ARG D 619 -10.69 -1.42 -9.23
CA ARG D 619 -10.51 -1.15 -7.80
C ARG D 619 -11.81 -0.72 -7.15
N LYS D 620 -12.61 0.09 -7.83
CA LYS D 620 -13.85 0.58 -7.24
C LYS D 620 -14.93 -0.50 -7.23
N LEU D 621 -14.78 -1.55 -8.03
CA LEU D 621 -15.78 -2.61 -8.06
C LEU D 621 -15.42 -3.74 -7.10
N PHE D 622 -14.26 -4.36 -7.29
CA PHE D 622 -13.91 -5.59 -6.58
C PHE D 622 -12.98 -5.36 -5.40
N TYR D 623 -12.43 -4.17 -5.22
CA TYR D 623 -11.57 -3.86 -4.09
C TYR D 623 -12.26 -2.84 -3.20
N ASN D 624 -11.70 -2.68 -2.00
CA ASN D 624 -12.30 -1.79 -1.01
C ASN D 624 -11.91 -0.34 -1.28
N LYS D 625 -12.64 0.56 -0.64
CA LYS D 625 -12.35 1.99 -0.70
C LYS D 625 -11.33 2.33 0.40
N ASN D 626 -11.20 3.62 0.70
CA ASN D 626 -10.23 4.07 1.71
C ASN D 626 -10.46 3.46 3.11
N ASP D 627 -11.66 3.54 3.71
CA ASP D 627 -12.95 4.10 3.26
C ASP D 627 -13.49 5.12 4.26
N LEU D 630 -14.60 -1.34 7.92
CA LEU D 630 -13.42 -0.88 8.64
C LEU D 630 -13.02 -1.85 9.75
N LEU D 631 -12.29 -1.33 10.73
CA LEU D 631 -11.85 -2.14 11.85
C LEU D 631 -12.93 -2.19 12.93
N LEU D 632 -13.57 -3.35 13.07
CA LEU D 632 -14.59 -3.52 14.11
C LEU D 632 -14.82 -4.98 14.43
N ASN D 633 -14.49 -5.39 15.65
CA ASN D 633 -14.82 -6.73 16.13
C ASN D 633 -16.32 -6.76 16.39
N LYS D 634 -17.05 -7.40 15.47
CA LYS D 634 -18.52 -7.35 15.48
C LYS D 634 -19.11 -8.13 16.64
N SER D 635 -18.38 -9.10 17.17
CA SER D 635 -18.83 -9.84 18.34
C SER D 635 -18.64 -9.01 19.60
N PHE D 636 -19.40 -7.92 19.72
CA PHE D 636 -19.22 -6.95 20.79
C PHE D 636 -20.59 -6.54 21.31
N MET D 637 -21.62 -6.72 20.47
CA MET D 637 -22.97 -6.29 20.82
C MET D 637 -24.00 -7.32 20.36
N ASN D 638 -25.25 -7.05 20.74
CA ASN D 638 -26.40 -7.83 20.19
C ASN D 638 -27.01 -7.06 19.02
N ASP D 647 -30.70 -14.25 4.59
CA ASP D 647 -31.17 -14.10 3.18
C ASP D 647 -30.88 -12.67 2.71
N LEU D 648 -29.87 -12.02 3.32
CA LEU D 648 -29.24 -10.84 2.76
C LEU D 648 -27.84 -11.15 2.20
N PRO D 649 -27.75 -11.81 1.04
CA PRO D 649 -26.43 -12.23 0.53
C PRO D 649 -25.49 -11.09 0.22
N LYS D 650 -24.39 -11.01 0.95
CA LYS D 650 -23.35 -10.01 0.72
C LYS D 650 -22.26 -10.61 -0.16
N PHE D 651 -21.87 -9.86 -1.19
CA PHE D 651 -20.94 -10.36 -2.19
C PHE D 651 -19.93 -9.28 -2.54
N ASN D 652 -18.88 -9.69 -3.26
CA ASN D 652 -17.73 -8.84 -3.55
C ASN D 652 -17.98 -8.00 -4.81
N VAL D 653 -18.93 -7.08 -4.68
CA VAL D 653 -19.25 -6.12 -5.74
C VAL D 653 -19.17 -4.68 -5.25
N ASN D 654 -19.17 -4.47 -3.93
CA ASN D 654 -19.14 -3.14 -3.30
C ASN D 654 -20.37 -2.33 -3.76
N LEU D 655 -21.52 -2.81 -3.27
CA LEU D 655 -22.87 -2.37 -3.63
C LEU D 655 -23.01 -0.86 -3.72
N LEU D 656 -23.53 -0.40 -4.86
CA LEU D 656 -23.58 1.02 -5.15
C LEU D 656 -24.73 1.31 -6.09
N THR D 657 -25.14 2.58 -6.13
CA THR D 657 -26.40 2.99 -6.73
C THR D 657 -26.23 3.35 -8.20
N ILE D 658 -27.27 3.96 -8.77
CA ILE D 658 -27.26 4.33 -10.19
C ILE D 658 -26.30 5.49 -10.43
N ASP D 659 -26.34 6.51 -9.56
CA ASP D 659 -25.53 7.70 -9.76
C ASP D 659 -24.04 7.45 -9.52
N GLU D 660 -23.68 6.30 -8.95
CA GLU D 660 -22.29 5.95 -8.78
C GLU D 660 -21.79 4.94 -9.80
N LEU D 661 -22.70 4.17 -10.43
CA LEU D 661 -22.28 3.30 -11.53
C LEU D 661 -22.06 4.08 -12.82
N VAL D 662 -22.75 5.21 -12.99
CA VAL D 662 -22.48 6.05 -14.15
C VAL D 662 -21.20 6.85 -13.95
N GLU D 663 -20.86 7.17 -12.69
CA GLU D 663 -19.71 8.02 -12.44
C GLU D 663 -18.39 7.26 -12.52
N LEU D 664 -18.37 5.97 -12.16
CA LEU D 664 -17.13 5.21 -12.28
C LEU D 664 -16.78 4.95 -13.74
N HIS D 665 -17.80 4.71 -14.58
CA HIS D 665 -17.56 4.54 -16.00
C HIS D 665 -17.41 5.87 -16.72
N GLY D 666 -18.09 6.91 -16.22
CA GLY D 666 -17.96 8.22 -16.83
C GLY D 666 -16.59 8.84 -16.61
N THR D 667 -16.01 8.63 -15.42
CA THR D 667 -14.67 9.15 -15.15
C THR D 667 -13.60 8.30 -15.80
N TYR D 668 -13.85 7.00 -15.99
CA TYR D 668 -12.87 6.12 -16.63
C TYR D 668 -12.66 6.50 -18.09
N ILE D 669 -13.71 6.97 -18.76
CA ILE D 669 -13.53 7.50 -20.11
C ILE D 669 -12.99 8.91 -20.06
N ASP D 670 -13.36 9.68 -19.03
CA ASP D 670 -12.89 11.06 -18.92
C ASP D 670 -11.41 11.12 -18.56
N SER D 671 -10.92 10.14 -17.79
CA SER D 671 -9.52 10.10 -17.43
C SER D 671 -8.63 9.49 -18.50
N ILE D 672 -9.19 9.11 -19.65
CA ILE D 672 -8.40 8.63 -20.77
C ILE D 672 -8.33 9.68 -21.87
N ILE D 673 -9.48 10.22 -22.26
CA ILE D 673 -9.53 11.18 -23.36
C ILE D 673 -9.00 12.55 -22.95
N ASN D 674 -8.87 12.82 -21.65
CA ASN D 674 -8.44 14.13 -21.18
C ASN D 674 -7.24 14.08 -20.23
N SER D 675 -6.52 12.96 -20.16
CA SER D 675 -5.53 12.77 -19.11
C SER D 675 -4.33 13.71 -19.17
N SER D 676 -3.47 13.56 -20.18
CA SER D 676 -2.24 14.33 -20.24
C SER D 676 -2.09 15.11 -21.54
N LEU D 677 -2.20 14.45 -22.70
CA LEU D 677 -1.90 15.08 -23.98
C LEU D 677 -3.03 14.98 -24.99
N LEU D 678 -4.08 14.23 -24.70
CA LEU D 678 -5.20 14.08 -25.62
C LEU D 678 -6.24 15.19 -25.48
N ASN D 679 -5.91 16.24 -24.71
CA ASN D 679 -6.75 17.43 -24.52
C ASN D 679 -8.15 17.10 -24.00
N THR D 687 0.65 29.46 -26.41
CA THR D 687 1.90 29.78 -27.10
C THR D 687 2.16 28.80 -28.25
N ASN D 688 1.33 27.76 -28.32
CA ASN D 688 1.48 26.74 -29.35
C ASN D 688 0.13 26.07 -29.58
N ILE D 689 0.12 25.13 -30.54
CA ILE D 689 -1.06 24.33 -30.81
C ILE D 689 -1.12 23.20 -29.79
N SER D 690 -2.26 22.50 -29.74
CA SER D 690 -2.47 21.46 -28.73
C SER D 690 -1.58 20.25 -29.00
N TYR D 691 -1.49 19.39 -27.98
CA TYR D 691 -0.62 18.22 -28.09
C TYR D 691 -1.19 17.17 -29.03
N ILE D 692 -2.52 17.06 -29.12
CA ILE D 692 -3.12 16.13 -30.05
C ILE D 692 -2.98 16.66 -31.48
N ASP D 693 -2.92 17.98 -31.66
CA ASP D 693 -2.73 18.56 -32.98
C ASP D 693 -1.29 18.41 -33.45
N GLN D 694 -0.33 18.35 -32.53
CA GLN D 694 1.07 18.19 -32.91
C GLN D 694 1.33 16.79 -33.46
N ILE D 695 0.63 15.78 -32.94
CA ILE D 695 0.84 14.42 -33.41
C ILE D 695 0.24 14.25 -34.81
N PHE D 696 -0.91 14.87 -35.06
CA PHE D 696 -1.57 14.74 -36.36
C PHE D 696 -0.76 15.37 -37.48
N ASN D 697 0.08 16.35 -37.16
CA ASN D 697 1.00 16.89 -38.17
C ASN D 697 2.11 15.90 -38.48
N ILE D 698 2.56 15.14 -37.48
CA ILE D 698 3.60 14.15 -37.73
C ILE D 698 3.02 12.92 -38.41
N LEU D 699 1.78 12.55 -38.09
CA LEU D 699 1.12 11.44 -38.77
C LEU D 699 0.81 11.79 -40.22
N GLN D 700 0.60 13.08 -40.51
CA GLN D 700 0.35 13.49 -41.89
C GLN D 700 1.61 13.34 -42.74
N THR D 701 2.78 13.57 -42.15
CA THR D 701 4.04 13.37 -42.87
C THR D 701 4.26 11.89 -43.17
N ILE D 702 3.95 11.02 -42.21
CA ILE D 702 4.07 9.59 -42.44
C ILE D 702 3.03 9.12 -43.46
N PHE D 703 1.83 9.71 -43.42
CA PHE D 703 0.85 9.46 -44.47
C PHE D 703 1.35 9.95 -45.83
N ASN D 704 2.11 11.04 -45.84
CA ASN D 704 2.67 11.56 -47.07
C ASN D 704 3.99 10.90 -47.46
N PHE D 705 4.70 10.31 -46.49
CA PHE D 705 5.97 9.66 -46.80
C PHE D 705 5.75 8.36 -47.58
N ILE D 706 4.75 7.58 -47.18
CA ILE D 706 4.48 6.33 -47.87
C ILE D 706 3.87 6.60 -49.24
N ASN D 707 3.05 7.65 -49.34
CA ASN D 707 2.42 7.99 -50.61
C ASN D 707 3.43 8.48 -51.64
N THR D 708 4.52 9.10 -51.19
CA THR D 708 5.57 9.51 -52.11
C THR D 708 6.66 8.44 -52.25
N SER D 709 6.55 7.33 -51.53
CA SER D 709 7.52 6.25 -51.67
C SER D 709 7.15 5.28 -52.78
N GLN D 710 5.87 5.23 -53.19
CA GLN D 710 5.47 4.33 -54.26
C GLN D 710 5.95 4.80 -55.63
N GLU D 711 6.11 6.10 -55.84
CA GLU D 711 6.70 6.55 -57.08
C GLU D 711 8.20 6.26 -57.13
N PHE D 712 8.83 6.05 -55.97
CA PHE D 712 10.18 5.48 -55.96
C PHE D 712 10.15 4.00 -56.30
N TYR D 713 9.18 3.27 -55.76
CA TYR D 713 9.15 1.82 -55.97
C TYR D 713 8.74 1.47 -57.39
N SER D 714 7.91 2.30 -58.02
CA SER D 714 7.50 2.06 -59.40
C SER D 714 8.57 2.48 -60.41
N LEU D 715 9.59 3.21 -59.97
CA LEU D 715 10.68 3.59 -60.87
C LEU D 715 11.78 2.55 -60.91
N VAL D 716 12.10 1.95 -59.77
CA VAL D 716 13.23 1.02 -59.71
C VAL D 716 12.90 -0.29 -60.40
N VAL D 717 11.63 -0.69 -60.38
CA VAL D 717 11.22 -1.87 -61.14
C VAL D 717 11.32 -1.62 -62.64
N THR D 718 11.19 -0.36 -63.06
CA THR D 718 11.42 0.01 -64.45
C THR D 718 12.92 0.16 -64.73
N PHE D 719 13.69 0.56 -63.71
CA PHE D 719 15.15 0.61 -63.82
C PHE D 719 15.75 -0.76 -64.15
N GLY D 720 15.14 -1.84 -63.64
CA GLY D 720 15.61 -3.17 -63.99
C GLY D 720 15.25 -3.57 -65.41
N LEU D 721 14.22 -2.95 -65.98
CA LEU D 721 13.81 -3.27 -67.34
C LEU D 721 14.68 -2.61 -68.40
N LEU D 722 15.46 -1.58 -68.01
CA LEU D 722 16.31 -0.92 -68.99
C LEU D 722 17.64 -1.64 -69.16
N VAL D 723 18.12 -2.33 -68.12
CA VAL D 723 19.43 -2.96 -68.18
C VAL D 723 19.38 -4.33 -68.85
N ARG D 724 18.22 -4.99 -68.86
CA ARG D 724 18.11 -6.31 -69.49
C ARG D 724 18.16 -6.19 -71.01
N SER D 725 17.39 -5.27 -71.57
CA SER D 725 17.34 -5.03 -73.01
C SER D 725 17.84 -3.62 -73.28
N ASP D 726 18.98 -3.51 -73.95
CA ASP D 726 19.57 -2.21 -74.25
C ASP D 726 19.20 -1.72 -75.64
N GLU D 733 24.38 2.94 -78.37
CA GLU D 733 23.04 3.38 -78.01
C GLU D 733 23.05 4.81 -77.50
N LEU D 734 22.86 5.77 -78.41
CA LEU D 734 22.89 7.17 -78.04
C LEU D 734 21.59 7.61 -77.38
N GLU D 735 20.45 7.13 -77.88
CA GLU D 735 19.16 7.50 -77.31
C GLU D 735 18.91 6.83 -75.96
N GLN D 736 19.60 5.73 -75.67
CA GLN D 736 19.45 5.09 -74.37
C GLN D 736 20.18 5.89 -73.29
N ASP D 737 21.31 6.52 -73.63
CA ASP D 737 22.04 7.32 -72.66
C ASP D 737 21.31 8.61 -72.31
N GLN D 738 20.47 9.12 -73.22
CA GLN D 738 19.60 10.23 -72.85
C GLN D 738 18.47 9.76 -71.94
N GLU D 739 17.90 8.59 -72.22
CA GLU D 739 16.80 8.08 -71.44
C GLU D 739 17.23 7.59 -70.06
N ASP D 740 18.48 7.13 -69.93
CA ASP D 740 18.97 6.69 -68.62
C ASP D 740 19.27 7.88 -67.71
N LEU D 741 19.83 8.96 -68.28
CA LEU D 741 20.21 10.11 -67.47
C LEU D 741 18.99 10.86 -66.96
N GLU D 742 17.88 10.82 -67.70
CA GLU D 742 16.64 11.41 -67.22
C GLU D 742 16.04 10.58 -66.09
N PHE D 743 16.25 9.26 -66.11
CA PHE D 743 15.71 8.42 -65.06
C PHE D 743 16.52 8.51 -63.79
N GLN D 744 17.85 8.65 -63.89
CA GLN D 744 18.65 8.88 -62.69
C GLN D 744 18.45 10.28 -62.13
N LEU D 745 18.08 11.23 -62.99
CA LEU D 745 17.71 12.55 -62.51
C LEU D 745 16.42 12.50 -61.70
N HIS D 746 15.54 11.54 -62.01
CA HIS D 746 14.35 11.33 -61.20
C HIS D 746 14.71 10.79 -59.82
N LYS D 747 15.89 10.19 -59.66
CA LYS D 747 16.30 9.68 -58.37
C LYS D 747 17.02 10.76 -57.55
N ILE D 748 17.57 11.78 -58.21
CA ILE D 748 18.34 12.79 -57.50
C ILE D 748 17.42 13.73 -56.74
N LYS D 749 16.41 14.29 -57.41
CA LYS D 749 15.46 15.16 -56.73
C LYS D 749 14.52 14.38 -55.82
N ARG D 750 14.45 13.06 -55.97
CA ARG D 750 13.59 12.27 -55.11
C ARG D 750 14.21 12.10 -53.73
N LYS D 751 15.49 11.74 -53.67
CA LYS D 751 16.18 11.60 -52.39
C LYS D 751 16.37 12.94 -51.72
N ILE D 752 16.46 14.02 -52.51
CA ILE D 752 16.45 15.37 -51.93
C ILE D 752 15.08 15.66 -51.33
N TYR D 753 14.00 15.26 -52.02
CA TYR D 753 12.66 15.38 -51.47
C TYR D 753 12.46 14.46 -50.27
N LYS D 754 13.22 13.36 -50.20
CA LYS D 754 13.18 12.51 -49.01
C LYS D 754 13.88 13.19 -47.83
N ASP D 755 14.84 14.08 -48.10
CA ASP D 755 15.51 14.82 -47.05
C ASP D 755 14.63 15.94 -46.50
N ILE D 756 13.68 16.44 -47.30
CA ILE D 756 12.76 17.47 -46.81
C ILE D 756 11.86 16.92 -45.72
N TYR D 757 11.24 15.77 -45.97
CA TYR D 757 10.39 15.15 -44.96
C TYR D 757 11.19 14.48 -43.85
N GLN D 758 12.50 14.35 -44.01
CA GLN D 758 13.33 13.86 -42.91
C GLN D 758 13.55 14.95 -41.87
N HIS D 759 13.85 16.18 -42.32
CA HIS D 759 14.06 17.27 -41.39
C HIS D 759 12.76 17.72 -40.71
N ASP D 760 11.61 17.44 -41.34
CA ASP D 760 10.34 17.69 -40.66
C ASP D 760 10.12 16.69 -39.53
N TYR D 761 10.62 15.47 -39.68
CA TYR D 761 10.63 14.54 -38.55
C TYR D 761 11.75 14.87 -37.58
N LYS D 762 12.83 15.48 -38.07
CA LYS D 762 13.82 16.04 -37.15
C LYS D 762 13.29 17.30 -36.47
N ARG D 763 12.34 17.98 -37.12
CA ARG D 763 11.64 19.08 -36.46
C ARG D 763 10.74 18.58 -35.35
N GLN D 764 10.25 17.34 -35.46
CA GLN D 764 9.43 16.74 -34.41
C GLN D 764 10.21 16.62 -33.10
N LEU D 765 11.50 16.31 -33.18
CA LEU D 765 12.31 16.22 -31.97
C LEU D 765 12.53 17.58 -31.33
N ASN D 766 12.32 18.66 -32.08
CA ASN D 766 12.54 20.00 -31.54
C ASN D 766 11.33 20.55 -30.81
N ASP D 767 10.13 20.43 -31.40
CA ASP D 767 8.97 21.08 -30.81
C ASP D 767 8.29 20.20 -29.76
N LEU D 768 8.35 18.88 -29.92
CA LEU D 768 7.74 18.00 -28.93
C LEU D 768 8.53 18.01 -27.62
N LYS D 769 9.85 17.88 -27.71
CA LYS D 769 10.69 17.88 -26.51
C LYS D 769 10.68 19.24 -25.81
N ASN D 770 10.42 20.32 -26.54
CA ASN D 770 10.23 21.63 -25.93
C ASN D 770 8.86 21.78 -25.27
N ASP D 771 7.95 20.84 -25.51
CA ASP D 771 6.62 20.86 -24.91
C ASP D 771 6.39 19.79 -23.86
N LEU D 772 7.10 18.66 -23.94
CA LEU D 772 6.89 17.59 -22.97
C LEU D 772 7.58 17.87 -21.64
N ASN D 773 8.63 18.71 -21.64
CA ASN D 773 9.36 18.99 -20.41
C ASN D 773 8.62 19.93 -19.48
N ARG D 774 7.59 20.63 -19.97
CA ARG D 774 6.83 21.55 -19.13
C ARG D 774 5.90 20.85 -18.16
N ASP D 775 5.67 19.55 -18.31
CA ASP D 775 4.80 18.80 -17.43
C ASP D 775 5.57 17.67 -16.76
N TYR D 776 5.24 17.39 -15.50
CA TYR D 776 5.83 16.25 -14.80
C TYR D 776 5.27 14.93 -15.32
N ASN D 777 4.09 14.95 -15.94
CA ASN D 777 3.48 13.73 -16.45
C ASN D 777 4.22 13.21 -17.68
N LEU D 778 4.59 14.10 -18.59
CA LEU D 778 5.26 13.75 -19.83
C LEU D 778 6.77 13.97 -19.77
N LYS D 779 7.36 13.88 -18.57
CA LYS D 779 8.82 13.96 -18.47
C LYS D 779 9.47 12.65 -18.88
N ASP D 780 8.84 11.52 -18.58
CA ASP D 780 9.38 10.23 -18.99
C ASP D 780 9.26 10.02 -20.49
N LEU D 781 8.26 10.63 -21.12
CA LEU D 781 8.07 10.51 -22.56
C LEU D 781 9.10 11.32 -23.36
N SER D 782 9.80 12.25 -22.72
CA SER D 782 10.74 13.11 -23.41
C SER D 782 12.03 12.39 -23.82
N LYS D 783 12.24 11.15 -23.39
CA LYS D 783 13.46 10.43 -23.71
C LYS D 783 13.21 9.11 -24.43
N LEU D 784 11.97 8.78 -24.76
CA LEU D 784 11.67 7.51 -25.42
C LEU D 784 10.65 7.68 -26.54
N LEU D 785 10.43 8.91 -27.00
CA LEU D 785 9.49 9.17 -28.08
C LEU D 785 10.20 9.69 -29.31
#